data_2CTE
#
_entry.id   2CTE
#
_cell.length_a   1.000
_cell.length_b   1.000
_cell.length_c   1.000
_cell.angle_alpha   90.00
_cell.angle_beta   90.00
_cell.angle_gamma   90.00
#
_symmetry.space_group_name_H-M   'P 1'
#
_entity_poly.entity_id   1
_entity_poly.type   'polypeptide(L)'
_entity_poly.pdbx_seq_one_letter_code
;GSSGSSGDIVARLQTQASATVAIPKEHHRFVIGKNGEKLQDLELKTATKIQIPRPDDPSNQIKITGTKEGIEKARHEVLL
ISAEQDKRSGPSSG
;
_entity_poly.pdbx_strand_id   A
#
# COMPACT_ATOMS: atom_id res chain seq x y z
N GLY A 1 -4.56 -14.04 20.39
CA GLY A 1 -3.37 -14.13 19.56
C GLY A 1 -3.71 -14.29 18.09
N SER A 2 -3.43 -13.26 17.30
CA SER A 2 -3.71 -13.27 15.87
C SER A 2 -2.46 -12.94 15.07
N SER A 3 -1.77 -11.89 15.49
CA SER A 3 -0.55 -11.45 14.80
C SER A 3 0.52 -11.02 15.81
N GLY A 4 1.70 -10.71 15.30
CA GLY A 4 2.79 -10.29 16.17
C GLY A 4 4.08 -11.04 15.89
N SER A 5 4.79 -11.40 16.96
CA SER A 5 6.05 -12.12 16.82
C SER A 5 6.85 -11.61 15.63
N SER A 6 6.90 -10.29 15.48
CA SER A 6 7.63 -9.67 14.38
C SER A 6 9.10 -10.10 14.38
N GLY A 7 9.74 -9.95 15.53
CA GLY A 7 11.13 -10.33 15.65
C GLY A 7 12.05 -9.44 14.84
N ASP A 8 13.35 -9.56 15.06
CA ASP A 8 14.33 -8.77 14.33
C ASP A 8 15.63 -9.54 14.15
N ILE A 9 15.90 -9.93 12.90
CA ILE A 9 17.11 -10.68 12.59
C ILE A 9 18.22 -9.75 12.10
N VAL A 10 19.37 -9.81 12.78
CA VAL A 10 20.50 -8.98 12.41
C VAL A 10 20.60 -8.79 10.90
N ALA A 11 20.41 -7.56 10.45
CA ALA A 11 20.47 -7.25 9.03
C ALA A 11 20.71 -5.75 8.81
N ARG A 12 21.68 -5.44 7.96
CA ARG A 12 22.03 -4.05 7.66
C ARG A 12 20.91 -3.38 6.87
N LEU A 13 20.91 -2.05 6.87
CA LEU A 13 19.89 -1.29 6.14
C LEU A 13 20.54 -0.33 5.15
N GLN A 14 21.50 -0.83 4.39
CA GLN A 14 22.21 -0.02 3.40
C GLN A 14 21.76 -0.39 1.99
N THR A 15 20.48 -0.69 1.84
CA THR A 15 19.94 -1.06 0.54
C THR A 15 18.49 -0.61 0.40
N GLN A 16 17.91 -0.84 -0.78
CA GLN A 16 16.52 -0.44 -1.04
C GLN A 16 15.72 -1.63 -1.56
N ALA A 17 14.50 -1.77 -1.07
CA ALA A 17 13.62 -2.85 -1.49
C ALA A 17 12.33 -2.32 -2.09
N SER A 18 11.56 -3.20 -2.72
CA SER A 18 10.29 -2.81 -3.34
C SER A 18 9.28 -3.95 -3.25
N ALA A 19 8.07 -3.61 -2.79
CA ALA A 19 7.01 -4.60 -2.66
C ALA A 19 5.79 -4.21 -3.50
N THR A 20 4.80 -5.08 -3.52
CA THR A 20 3.58 -4.83 -4.29
C THR A 20 2.34 -5.27 -3.51
N VAL A 21 1.19 -4.73 -3.90
CA VAL A 21 -0.06 -5.06 -3.24
C VAL A 21 -1.16 -5.37 -4.26
N ALA A 22 -1.54 -6.64 -4.33
CA ALA A 22 -2.58 -7.06 -5.27
C ALA A 22 -3.95 -6.57 -4.84
N ILE A 23 -4.50 -5.61 -5.58
CA ILE A 23 -5.80 -5.04 -5.27
C ILE A 23 -6.61 -4.78 -6.54
N PRO A 24 -7.94 -4.72 -6.40
CA PRO A 24 -8.85 -4.47 -7.53
C PRO A 24 -8.74 -3.04 -8.04
N LYS A 25 -8.81 -2.89 -9.36
CA LYS A 25 -8.73 -1.58 -9.99
C LYS A 25 -9.81 -0.65 -9.44
N GLU A 26 -10.77 -1.22 -8.71
CA GLU A 26 -11.85 -0.43 -8.13
C GLU A 26 -11.41 0.23 -6.83
N HIS A 27 -10.37 -0.32 -6.22
CA HIS A 27 -9.85 0.22 -4.96
C HIS A 27 -8.71 1.20 -5.23
N HIS A 28 -8.08 1.05 -6.39
CA HIS A 28 -6.97 1.92 -6.76
C HIS A 28 -7.34 3.39 -6.57
N ARG A 29 -8.60 3.71 -6.82
CA ARG A 29 -9.08 5.08 -6.68
C ARG A 29 -9.11 5.50 -5.21
N PHE A 30 -9.55 4.58 -4.35
CA PHE A 30 -9.62 4.85 -2.92
C PHE A 30 -8.24 5.14 -2.35
N VAL A 31 -7.21 4.86 -3.14
CA VAL A 31 -5.83 5.08 -2.71
C VAL A 31 -5.27 6.37 -3.29
N ILE A 32 -5.80 6.78 -4.44
CA ILE A 32 -5.36 7.99 -5.11
C ILE A 32 -6.05 9.22 -4.52
N GLY A 33 -7.34 9.09 -4.24
CA GLY A 33 -8.09 10.19 -3.68
C GLY A 33 -9.21 10.67 -4.59
N LYS A 34 -10.14 11.44 -4.04
CA LYS A 34 -11.26 11.96 -4.81
C LYS A 34 -10.77 12.64 -6.08
N ASN A 35 -9.84 13.58 -5.92
CA ASN A 35 -9.29 14.31 -7.05
C ASN A 35 -7.84 13.92 -7.30
N GLY A 36 -7.17 13.46 -6.24
CA GLY A 36 -5.78 13.05 -6.37
C GLY A 36 -4.92 13.60 -5.25
N GLU A 37 -5.39 13.46 -4.01
CA GLU A 37 -4.65 13.94 -2.86
C GLU A 37 -4.20 12.79 -1.97
N LYS A 38 -5.05 11.76 -1.86
CA LYS A 38 -4.74 10.59 -1.05
C LYS A 38 -3.33 10.10 -1.34
N LEU A 39 -3.12 9.61 -2.56
CA LEU A 39 -1.81 9.09 -2.96
C LEU A 39 -0.70 10.04 -2.54
N GLN A 40 -0.90 11.33 -2.78
CA GLN A 40 0.09 12.34 -2.43
C GLN A 40 0.47 12.23 -0.95
N ASP A 41 -0.52 12.34 -0.08
CA ASP A 41 -0.28 12.25 1.36
C ASP A 41 0.48 10.98 1.71
N LEU A 42 0.07 9.87 1.09
CA LEU A 42 0.72 8.58 1.34
C LEU A 42 2.18 8.63 0.93
N GLU A 43 2.44 9.00 -0.32
CA GLU A 43 3.81 9.07 -0.82
C GLU A 43 4.70 9.86 0.14
N LEU A 44 4.14 10.91 0.73
CA LEU A 44 4.89 11.74 1.67
C LEU A 44 4.97 11.06 3.04
N LYS A 45 3.83 10.93 3.70
CA LYS A 45 3.78 10.30 5.02
C LYS A 45 4.67 9.06 5.07
N THR A 46 4.65 8.29 3.99
CA THR A 46 5.46 7.07 3.91
C THR A 46 6.79 7.34 3.22
N ALA A 47 6.87 8.47 2.50
CA ALA A 47 8.09 8.83 1.80
C ALA A 47 8.52 7.74 0.83
N THR A 48 7.53 7.05 0.25
CA THR A 48 7.82 5.98 -0.70
C THR A 48 7.45 6.39 -2.12
N LYS A 49 7.76 5.53 -3.07
CA LYS A 49 7.47 5.81 -4.48
C LYS A 49 6.34 4.92 -4.99
N ILE A 50 5.11 5.32 -4.70
CA ILE A 50 3.93 4.56 -5.13
C ILE A 50 3.74 4.66 -6.64
N GLN A 51 3.41 3.53 -7.26
CA GLN A 51 3.18 3.49 -8.70
C GLN A 51 1.93 2.69 -9.04
N ILE A 52 0.92 3.37 -9.57
CA ILE A 52 -0.33 2.71 -9.93
C ILE A 52 -0.42 2.52 -11.44
N PRO A 53 -0.85 1.32 -11.86
CA PRO A 53 -0.99 0.98 -13.28
C PRO A 53 -2.15 1.73 -13.94
N ARG A 54 -2.07 1.88 -15.26
CA ARG A 54 -3.11 2.58 -16.01
C ARG A 54 -4.46 1.88 -15.86
N PRO A 55 -5.55 2.62 -16.06
CA PRO A 55 -6.91 2.10 -15.95
C PRO A 55 -7.25 1.14 -17.09
N ASP A 56 -6.31 0.97 -18.02
CA ASP A 56 -6.51 0.08 -19.15
C ASP A 56 -5.52 -1.08 -19.10
N ASP A 57 -4.56 -1.01 -18.19
CA ASP A 57 -3.55 -2.05 -18.05
C ASP A 57 -4.08 -3.21 -17.22
N PRO A 58 -3.73 -4.44 -17.62
CA PRO A 58 -4.16 -5.66 -16.93
C PRO A 58 -3.50 -5.81 -15.56
N SER A 59 -2.72 -4.81 -15.17
CA SER A 59 -2.04 -4.83 -13.88
C SER A 59 -2.84 -4.09 -12.82
N ASN A 60 -3.28 -4.83 -11.81
CA ASN A 60 -4.08 -4.24 -10.73
C ASN A 60 -3.30 -4.25 -9.41
N GLN A 61 -2.00 -4.54 -9.51
CA GLN A 61 -1.14 -4.57 -8.33
C GLN A 61 -0.27 -3.33 -8.24
N ILE A 62 -0.38 -2.62 -7.12
CA ILE A 62 0.40 -1.40 -6.92
C ILE A 62 1.84 -1.73 -6.51
N LYS A 63 2.75 -0.81 -6.80
CA LYS A 63 4.15 -1.00 -6.45
C LYS A 63 4.61 0.04 -5.43
N ILE A 64 5.28 -0.43 -4.38
CA ILE A 64 5.78 0.45 -3.33
C ILE A 64 7.26 0.23 -3.08
N THR A 65 8.05 1.28 -3.27
CA THR A 65 9.49 1.20 -3.06
C THR A 65 9.95 2.23 -2.04
N GLY A 66 10.97 1.87 -1.26
CA GLY A 66 11.50 2.77 -0.25
C GLY A 66 12.11 2.04 0.92
N THR A 67 12.06 2.64 2.10
CA THR A 67 12.62 2.05 3.30
C THR A 67 11.68 0.98 3.88
N LYS A 68 12.26 -0.08 4.42
CA LYS A 68 11.49 -1.16 5.00
C LYS A 68 10.31 -0.61 5.81
N GLU A 69 10.54 0.49 6.51
CA GLU A 69 9.50 1.11 7.32
C GLU A 69 8.52 1.88 6.44
N GLY A 70 9.05 2.60 5.46
CA GLY A 70 8.22 3.38 4.57
C GLY A 70 7.23 2.52 3.81
N ILE A 71 7.74 1.57 3.02
CA ILE A 71 6.88 0.68 2.25
C ILE A 71 5.83 0.03 3.13
N GLU A 72 6.22 -0.34 4.35
CA GLU A 72 5.31 -0.98 5.28
C GLU A 72 4.12 -0.06 5.59
N LYS A 73 4.42 1.19 5.93
CA LYS A 73 3.38 2.17 6.24
C LYS A 73 2.38 2.29 5.09
N ALA A 74 2.90 2.35 3.87
CA ALA A 74 2.05 2.47 2.69
C ALA A 74 1.31 1.17 2.42
N ARG A 75 1.98 0.04 2.65
CA ARG A 75 1.38 -1.26 2.42
C ARG A 75 0.29 -1.54 3.45
N HIS A 76 0.48 -1.03 4.66
CA HIS A 76 -0.49 -1.23 5.74
C HIS A 76 -1.71 -0.34 5.53
N GLU A 77 -1.50 0.84 4.94
CA GLU A 77 -2.58 1.77 4.69
C GLU A 77 -3.37 1.38 3.44
N VAL A 78 -2.64 1.10 2.36
CA VAL A 78 -3.26 0.71 1.10
C VAL A 78 -4.10 -0.54 1.27
N LEU A 79 -3.66 -1.44 2.16
CA LEU A 79 -4.37 -2.68 2.41
C LEU A 79 -5.57 -2.45 3.32
N LEU A 80 -5.38 -1.68 4.39
CA LEU A 80 -6.44 -1.38 5.32
C LEU A 80 -7.65 -0.79 4.60
N ILE A 81 -7.38 0.11 3.65
CA ILE A 81 -8.44 0.76 2.88
C ILE A 81 -9.10 -0.23 1.93
N SER A 82 -8.28 -0.90 1.12
CA SER A 82 -8.78 -1.87 0.15
C SER A 82 -9.56 -2.97 0.85
N ALA A 83 -9.16 -3.30 2.06
CA ALA A 83 -9.82 -4.34 2.84
C ALA A 83 -11.21 -3.90 3.27
N GLU A 84 -11.31 -2.72 3.86
CA GLU A 84 -12.59 -2.19 4.31
C GLU A 84 -13.64 -2.32 3.22
N GLN A 85 -13.26 -2.00 1.99
CA GLN A 85 -14.17 -2.07 0.86
C GLN A 85 -14.73 -3.48 0.71
N ASP A 86 -13.89 -4.49 0.91
CA ASP A 86 -14.31 -5.87 0.80
C ASP A 86 -15.38 -6.20 1.84
N LYS A 87 -15.30 -5.55 2.98
CA LYS A 87 -16.26 -5.77 4.06
C LYS A 87 -17.36 -4.71 4.03
N ARG A 88 -17.65 -4.19 2.84
CA ARG A 88 -18.67 -3.17 2.67
C ARG A 88 -20.03 -3.68 3.16
N SER A 89 -21.01 -2.79 3.23
CA SER A 89 -22.34 -3.14 3.69
C SER A 89 -23.40 -2.62 2.73
N GLY A 90 -23.30 -1.34 2.37
CA GLY A 90 -24.25 -0.74 1.46
C GLY A 90 -23.63 0.33 0.60
N PRO A 91 -24.47 1.24 0.07
CA PRO A 91 -24.03 2.34 -0.79
C PRO A 91 -23.23 3.39 -0.01
N SER A 92 -21.92 3.27 -0.04
CA SER A 92 -21.05 4.22 0.66
C SER A 92 -21.51 5.64 0.44
N SER A 93 -22.20 6.21 1.43
CA SER A 93 -22.71 7.57 1.35
C SER A 93 -21.66 8.57 1.85
N GLY A 94 -21.07 9.31 0.92
CA GLY A 94 -20.07 10.29 1.29
C GLY A 94 -18.66 9.71 1.27
N GLY A 1 -7.15 -16.49 15.98
CA GLY A 1 -6.07 -15.95 16.79
C GLY A 1 -4.72 -16.14 16.15
N SER A 2 -4.00 -15.03 15.96
CA SER A 2 -2.67 -15.07 15.35
C SER A 2 -1.64 -14.38 16.25
N SER A 3 -0.39 -14.42 15.82
CA SER A 3 0.70 -13.81 16.58
C SER A 3 1.31 -12.64 15.81
N GLY A 4 1.98 -11.74 16.52
CA GLY A 4 2.60 -10.59 15.89
C GLY A 4 3.80 -10.98 15.04
N SER A 5 4.52 -9.97 14.55
CA SER A 5 5.69 -10.20 13.72
C SER A 5 6.95 -10.32 14.57
N SER A 6 7.27 -11.55 14.98
CA SER A 6 8.44 -11.80 15.80
C SER A 6 9.71 -11.30 15.10
N GLY A 7 10.73 -10.99 15.90
CA GLY A 7 11.98 -10.50 15.34
C GLY A 7 11.89 -9.07 14.87
N ASP A 8 11.83 -8.13 15.83
CA ASP A 8 11.75 -6.72 15.50
C ASP A 8 13.14 -6.10 15.39
N ILE A 9 14.03 -6.79 14.69
CA ILE A 9 15.39 -6.31 14.51
C ILE A 9 15.48 -5.36 13.32
N VAL A 10 16.37 -4.38 13.42
CA VAL A 10 16.56 -3.40 12.35
C VAL A 10 17.99 -2.87 12.33
N ALA A 11 18.45 -2.45 11.16
CA ALA A 11 19.80 -1.93 11.00
C ALA A 11 19.94 -1.16 9.69
N ARG A 12 21.11 -0.57 9.48
CA ARG A 12 21.38 0.18 8.26
C ARG A 12 21.27 -0.71 7.03
N LEU A 13 20.34 -0.38 6.14
CA LEU A 13 20.12 -1.14 4.93
C LEU A 13 21.21 -0.85 3.90
N GLN A 14 21.42 -1.79 2.98
CA GLN A 14 22.42 -1.63 1.94
C GLN A 14 21.79 -1.17 0.63
N THR A 15 20.66 -1.77 0.28
CA THR A 15 19.96 -1.42 -0.95
C THR A 15 18.49 -1.12 -0.67
N GLN A 16 17.78 -0.63 -1.69
CA GLN A 16 16.37 -0.31 -1.55
C GLN A 16 15.50 -1.48 -2.01
N ALA A 17 14.44 -1.75 -1.25
CA ALA A 17 13.53 -2.84 -1.57
C ALA A 17 12.24 -2.31 -2.21
N SER A 18 11.47 -3.21 -2.82
CA SER A 18 10.23 -2.83 -3.47
C SER A 18 9.22 -3.98 -3.42
N ALA A 19 8.00 -3.66 -3.02
CA ALA A 19 6.94 -4.66 -2.92
C ALA A 19 5.70 -4.22 -3.69
N THR A 20 4.70 -5.11 -3.75
CA THR A 20 3.47 -4.81 -4.46
C THR A 20 2.25 -5.30 -3.69
N VAL A 21 1.12 -4.64 -3.88
CA VAL A 21 -0.12 -5.01 -3.19
C VAL A 21 -1.25 -5.22 -4.18
N ALA A 22 -1.55 -6.48 -4.47
CA ALA A 22 -2.62 -6.82 -5.39
C ALA A 22 -3.96 -6.30 -4.91
N ILE A 23 -4.53 -5.35 -5.65
CA ILE A 23 -5.81 -4.76 -5.29
C ILE A 23 -6.67 -4.51 -6.52
N PRO A 24 -8.00 -4.47 -6.32
CA PRO A 24 -8.95 -4.24 -7.41
C PRO A 24 -8.89 -2.81 -7.95
N LYS A 25 -9.12 -2.65 -9.25
CA LYS A 25 -9.09 -1.35 -9.88
C LYS A 25 -10.08 -0.40 -9.21
N GLU A 26 -10.95 -0.95 -8.39
CA GLU A 26 -11.95 -0.15 -7.67
C GLU A 26 -11.35 0.51 -6.44
N HIS A 27 -10.27 -0.08 -5.94
CA HIS A 27 -9.60 0.46 -4.76
C HIS A 27 -8.49 1.44 -5.15
N HIS A 28 -7.89 1.20 -6.31
CA HIS A 28 -6.82 2.07 -6.80
C HIS A 28 -7.22 3.54 -6.69
N ARG A 29 -8.44 3.85 -7.08
CA ARG A 29 -8.94 5.22 -7.03
C ARG A 29 -9.00 5.72 -5.58
N PHE A 30 -9.42 4.84 -4.68
CA PHE A 30 -9.52 5.19 -3.27
C PHE A 30 -8.15 5.55 -2.69
N VAL A 31 -7.11 4.93 -3.25
CA VAL A 31 -5.74 5.18 -2.80
C VAL A 31 -5.20 6.50 -3.35
N ILE A 32 -5.57 6.80 -4.60
CA ILE A 32 -5.12 8.02 -5.24
C ILE A 32 -5.82 9.24 -4.65
N GLY A 33 -7.11 9.09 -4.35
CA GLY A 33 -7.85 10.18 -3.77
C GLY A 33 -8.94 10.70 -4.69
N LYS A 34 -10.09 11.03 -4.14
CA LYS A 34 -11.21 11.54 -4.93
C LYS A 34 -10.71 12.39 -6.09
N ASN A 35 -9.80 13.32 -5.79
CA ASN A 35 -9.24 14.20 -6.81
C ASN A 35 -7.78 13.87 -7.07
N GLY A 36 -7.09 13.39 -6.03
CA GLY A 36 -5.69 13.04 -6.17
C GLY A 36 -4.84 13.62 -5.05
N GLU A 37 -5.30 13.46 -3.82
CA GLU A 37 -4.57 13.97 -2.66
C GLU A 37 -4.23 12.83 -1.69
N LYS A 38 -4.75 11.64 -1.98
CA LYS A 38 -4.51 10.48 -1.15
C LYS A 38 -3.19 9.81 -1.52
N LEU A 39 -2.75 10.01 -2.75
CA LEU A 39 -1.50 9.43 -3.23
C LEU A 39 -0.32 10.32 -2.88
N GLN A 40 -0.47 11.62 -3.15
CA GLN A 40 0.59 12.58 -2.86
C GLN A 40 0.91 12.61 -1.37
N ASP A 41 -0.13 12.59 -0.54
CA ASP A 41 0.04 12.61 0.90
C ASP A 41 0.71 11.33 1.39
N LEU A 42 0.32 10.20 0.80
CA LEU A 42 0.89 8.91 1.17
C LEU A 42 2.37 8.84 0.84
N GLU A 43 2.70 9.12 -0.43
CA GLU A 43 4.08 9.09 -0.87
C GLU A 43 4.99 9.86 0.08
N LEU A 44 4.42 10.86 0.74
CA LEU A 44 5.16 11.68 1.68
C LEU A 44 5.13 11.07 3.08
N LYS A 45 3.94 10.94 3.64
CA LYS A 45 3.77 10.36 4.97
C LYS A 45 4.58 9.07 5.11
N THR A 46 4.67 8.31 4.02
CA THR A 46 5.40 7.05 4.02
C THR A 46 6.79 7.24 3.42
N ALA A 47 6.96 8.30 2.63
CA ALA A 47 8.24 8.58 1.99
C ALA A 47 8.64 7.46 1.05
N THR A 48 7.65 6.87 0.38
CA THR A 48 7.90 5.78 -0.56
C THR A 48 7.53 6.19 -1.98
N LYS A 49 7.73 5.27 -2.92
CA LYS A 49 7.41 5.53 -4.32
C LYS A 49 6.23 4.69 -4.78
N ILE A 50 5.06 5.31 -4.80
CA ILE A 50 3.84 4.61 -5.23
C ILE A 50 3.64 4.71 -6.73
N GLN A 51 3.70 3.57 -7.40
CA GLN A 51 3.52 3.52 -8.86
C GLN A 51 2.25 2.77 -9.23
N ILE A 52 1.25 3.50 -9.69
CA ILE A 52 -0.02 2.89 -10.08
C ILE A 52 -0.10 2.70 -11.59
N PRO A 53 -0.62 1.54 -12.02
CA PRO A 53 -0.76 1.22 -13.44
C PRO A 53 -1.83 2.07 -14.13
N ARG A 54 -1.71 2.20 -15.45
CA ARG A 54 -2.67 2.98 -16.23
C ARG A 54 -4.10 2.52 -15.95
N PRO A 55 -5.07 3.39 -16.27
CA PRO A 55 -6.49 3.11 -16.06
C PRO A 55 -7.00 2.04 -17.02
N ASP A 56 -6.17 1.66 -17.98
CA ASP A 56 -6.54 0.64 -18.96
C ASP A 56 -5.50 -0.47 -19.01
N ASP A 57 -4.69 -0.57 -17.96
CA ASP A 57 -3.66 -1.59 -17.89
C ASP A 57 -4.18 -2.84 -17.19
N PRO A 58 -3.77 -4.02 -17.70
CA PRO A 58 -4.18 -5.32 -17.14
C PRO A 58 -3.56 -5.58 -15.77
N SER A 59 -2.79 -4.62 -15.28
CA SER A 59 -2.14 -4.75 -13.98
C SER A 59 -2.89 -3.95 -12.91
N ASN A 60 -3.34 -4.65 -11.88
CA ASN A 60 -4.07 -4.02 -10.79
C ASN A 60 -3.30 -4.13 -9.48
N GLN A 61 -1.98 -4.22 -9.59
CA GLN A 61 -1.13 -4.33 -8.40
C GLN A 61 -0.25 -3.10 -8.25
N ILE A 62 -0.43 -2.39 -7.14
CA ILE A 62 0.35 -1.19 -6.87
C ILE A 62 1.77 -1.54 -6.44
N LYS A 63 2.71 -0.66 -6.77
CA LYS A 63 4.12 -0.87 -6.42
C LYS A 63 4.57 0.11 -5.36
N ILE A 64 5.31 -0.38 -4.37
CA ILE A 64 5.80 0.46 -3.29
C ILE A 64 7.29 0.23 -3.05
N THR A 65 8.07 1.31 -3.13
CA THR A 65 9.51 1.22 -2.93
C THR A 65 9.98 2.27 -1.92
N GLY A 66 10.96 1.89 -1.10
CA GLY A 66 11.48 2.80 -0.09
C GLY A 66 12.08 2.07 1.10
N THR A 67 12.03 2.71 2.26
CA THR A 67 12.57 2.12 3.47
C THR A 67 11.64 1.05 4.03
N LYS A 68 12.22 -0.01 4.58
CA LYS A 68 11.45 -1.10 5.15
C LYS A 68 10.26 -0.56 5.94
N GLU A 69 10.44 0.58 6.58
CA GLU A 69 9.38 1.21 7.36
C GLU A 69 8.40 1.95 6.46
N GLY A 70 8.93 2.71 5.52
CA GLY A 70 8.10 3.46 4.60
C GLY A 70 7.12 2.58 3.85
N ILE A 71 7.65 1.54 3.19
CA ILE A 71 6.82 0.63 2.42
C ILE A 71 5.74 0.01 3.31
N GLU A 72 6.12 -0.38 4.52
CA GLU A 72 5.17 -0.98 5.46
C GLU A 72 4.00 -0.04 5.73
N LYS A 73 4.30 1.21 5.99
CA LYS A 73 3.27 2.21 6.26
C LYS A 73 2.26 2.28 5.11
N ALA A 74 2.77 2.44 3.89
CA ALA A 74 1.92 2.51 2.72
C ALA A 74 1.21 1.19 2.47
N ARG A 75 1.90 0.09 2.72
CA ARG A 75 1.33 -1.24 2.52
C ARG A 75 0.25 -1.52 3.55
N HIS A 76 0.39 -0.94 4.74
CA HIS A 76 -0.58 -1.13 5.81
C HIS A 76 -1.83 -0.29 5.57
N GLU A 77 -1.65 0.85 4.91
CA GLU A 77 -2.77 1.74 4.61
C GLU A 77 -3.53 1.27 3.38
N VAL A 78 -2.78 0.93 2.33
CA VAL A 78 -3.39 0.46 1.08
C VAL A 78 -4.16 -0.84 1.30
N LEU A 79 -3.68 -1.65 2.24
CA LEU A 79 -4.33 -2.92 2.55
C LEU A 79 -5.55 -2.72 3.45
N LEU A 80 -5.40 -1.83 4.43
CA LEU A 80 -6.49 -1.54 5.36
C LEU A 80 -7.71 -1.01 4.61
N ILE A 81 -7.47 -0.15 3.63
CA ILE A 81 -8.55 0.42 2.85
C ILE A 81 -9.22 -0.64 1.97
N SER A 82 -8.40 -1.37 1.22
CA SER A 82 -8.91 -2.42 0.34
C SER A 82 -9.71 -3.45 1.13
N ALA A 83 -9.21 -3.82 2.30
CA ALA A 83 -9.87 -4.79 3.15
C ALA A 83 -11.28 -4.34 3.51
N GLU A 84 -11.39 -3.14 4.05
CA GLU A 84 -12.68 -2.58 4.44
C GLU A 84 -13.71 -2.78 3.34
N GLN A 85 -13.32 -2.46 2.11
CA GLN A 85 -14.22 -2.60 0.97
C GLN A 85 -14.79 -4.00 0.89
N ASP A 86 -13.92 -5.01 1.00
CA ASP A 86 -14.34 -6.40 0.95
C ASP A 86 -15.50 -6.65 1.90
N LYS A 87 -15.39 -6.13 3.12
CA LYS A 87 -16.43 -6.30 4.12
C LYS A 87 -17.73 -5.64 3.67
N ARG A 88 -17.67 -4.35 3.38
CA ARG A 88 -18.85 -3.61 2.94
C ARG A 88 -19.25 -4.01 1.53
N SER A 89 -20.40 -3.53 1.08
CA SER A 89 -20.90 -3.85 -0.26
C SER A 89 -20.67 -5.33 -0.58
N GLY A 90 -20.89 -6.18 0.41
CA GLY A 90 -20.71 -7.60 0.21
C GLY A 90 -21.17 -8.42 1.41
N PRO A 91 -20.82 -9.72 1.40
CA PRO A 91 -21.18 -10.63 2.50
C PRO A 91 -20.43 -10.34 3.78
N SER A 92 -20.89 -10.90 4.89
CA SER A 92 -20.27 -10.70 6.18
C SER A 92 -19.93 -12.03 6.85
N SER A 93 -18.88 -12.03 7.66
CA SER A 93 -18.45 -13.24 8.36
C SER A 93 -18.75 -13.14 9.85
N GLY A 94 -19.38 -14.18 10.39
CA GLY A 94 -19.71 -14.19 11.81
C GLY A 94 -20.93 -13.35 12.12
N GLY A 1 17.72 -15.79 38.01
CA GLY A 1 17.45 -15.27 36.68
C GLY A 1 18.69 -14.72 36.02
N SER A 2 18.97 -15.19 34.80
CA SER A 2 20.15 -14.74 34.06
C SER A 2 19.75 -13.68 33.04
N SER A 3 20.55 -12.61 32.98
CA SER A 3 20.28 -11.51 32.05
C SER A 3 21.46 -10.53 32.02
N GLY A 4 21.55 -9.76 30.94
CA GLY A 4 22.62 -8.79 30.82
C GLY A 4 23.25 -8.79 29.43
N SER A 5 22.41 -8.67 28.41
CA SER A 5 22.89 -8.66 27.03
C SER A 5 23.04 -7.24 26.51
N SER A 6 24.26 -6.87 26.16
CA SER A 6 24.55 -5.53 25.66
C SER A 6 23.77 -5.26 24.37
N GLY A 7 23.98 -6.11 23.38
CA GLY A 7 23.30 -5.95 22.10
C GLY A 7 23.66 -4.66 21.42
N ASP A 8 23.94 -4.74 20.12
CA ASP A 8 24.29 -3.55 19.33
C ASP A 8 24.16 -3.83 17.84
N ILE A 9 23.36 -3.01 17.16
CA ILE A 9 23.15 -3.16 15.73
C ILE A 9 24.05 -2.21 14.94
N VAL A 10 24.34 -2.59 13.70
CA VAL A 10 25.18 -1.76 12.83
C VAL A 10 24.33 -0.91 11.89
N ALA A 11 24.96 0.08 11.28
CA ALA A 11 24.27 0.96 10.35
C ALA A 11 25.11 1.23 9.11
N ARG A 12 24.61 0.79 7.96
CA ARG A 12 25.31 0.97 6.69
C ARG A 12 24.35 1.42 5.59
N LEU A 13 24.91 1.80 4.45
CA LEU A 13 24.11 2.24 3.31
C LEU A 13 23.95 1.12 2.28
N GLN A 14 22.71 0.91 1.84
CA GLN A 14 22.42 -0.12 0.85
C GLN A 14 21.18 0.23 0.03
N THR A 15 20.86 -0.63 -0.92
CA THR A 15 19.69 -0.40 -1.78
C THR A 15 18.39 -0.52 -0.99
N GLN A 16 17.28 -0.27 -1.66
CA GLN A 16 15.97 -0.35 -1.01
C GLN A 16 15.15 -1.51 -1.57
N ALA A 17 14.11 -1.89 -0.86
CA ALA A 17 13.24 -2.99 -1.28
C ALA A 17 12.02 -2.46 -2.02
N SER A 18 11.28 -3.38 -2.66
CA SER A 18 10.09 -3.01 -3.40
C SER A 18 9.03 -4.11 -3.33
N ALA A 19 7.84 -3.75 -2.87
CA ALA A 19 6.75 -4.71 -2.75
C ALA A 19 5.54 -4.26 -3.55
N THR A 20 4.56 -5.15 -3.68
CA THR A 20 3.34 -4.84 -4.42
C THR A 20 2.10 -5.39 -3.71
N VAL A 21 0.99 -4.70 -3.86
CA VAL A 21 -0.26 -5.11 -3.23
C VAL A 21 -1.37 -5.27 -4.27
N ALA A 22 -1.72 -6.52 -4.56
CA ALA A 22 -2.77 -6.81 -5.53
C ALA A 22 -4.12 -6.30 -5.05
N ILE A 23 -4.69 -5.37 -5.80
CA ILE A 23 -5.99 -4.79 -5.46
C ILE A 23 -6.81 -4.49 -6.70
N PRO A 24 -8.14 -4.43 -6.53
CA PRO A 24 -9.06 -4.16 -7.64
C PRO A 24 -8.96 -2.71 -8.13
N LYS A 25 -9.26 -2.50 -9.41
CA LYS A 25 -9.21 -1.17 -10.00
C LYS A 25 -10.12 -0.21 -9.27
N GLU A 26 -11.06 -0.77 -8.50
CA GLU A 26 -12.01 0.05 -7.74
C GLU A 26 -11.36 0.60 -6.47
N HIS A 27 -10.29 -0.05 -6.04
CA HIS A 27 -9.58 0.37 -4.83
C HIS A 27 -8.40 1.27 -5.19
N HIS A 28 -8.07 1.33 -6.48
CA HIS A 28 -6.96 2.14 -6.95
C HIS A 28 -7.30 3.63 -6.84
N ARG A 29 -8.58 3.95 -7.04
CA ARG A 29 -9.02 5.33 -6.97
C ARG A 29 -9.13 5.80 -5.53
N PHE A 30 -9.40 4.86 -4.61
CA PHE A 30 -9.53 5.18 -3.20
C PHE A 30 -8.16 5.45 -2.58
N VAL A 31 -7.11 5.18 -3.34
CA VAL A 31 -5.75 5.40 -2.86
C VAL A 31 -5.15 6.66 -3.47
N ILE A 32 -5.65 7.04 -4.64
CA ILE A 32 -5.16 8.25 -5.32
C ILE A 32 -5.87 9.49 -4.80
N GLY A 33 -7.16 9.37 -4.54
CA GLY A 33 -7.93 10.50 -4.04
C GLY A 33 -9.02 10.93 -4.99
N LYS A 34 -10.00 11.67 -4.47
CA LYS A 34 -11.12 12.14 -5.28
C LYS A 34 -10.61 12.92 -6.49
N ASN A 35 -9.64 13.80 -6.26
CA ASN A 35 -9.08 14.61 -7.34
C ASN A 35 -7.64 14.21 -7.62
N GLY A 36 -6.97 13.66 -6.61
CA GLY A 36 -5.59 13.23 -6.78
C GLY A 36 -4.67 13.82 -5.73
N GLU A 37 -5.06 13.69 -4.47
CA GLU A 37 -4.26 14.21 -3.36
C GLU A 37 -3.92 13.11 -2.36
N LYS A 38 -4.75 12.07 -2.33
CA LYS A 38 -4.53 10.95 -1.42
C LYS A 38 -3.15 10.34 -1.64
N LEU A 39 -2.86 9.95 -2.87
CA LEU A 39 -1.57 9.34 -3.21
C LEU A 39 -0.43 10.25 -2.77
N GLN A 40 -0.57 11.55 -3.01
CA GLN A 40 0.46 12.52 -2.66
C GLN A 40 0.79 12.41 -1.17
N ASP A 41 -0.21 12.67 -0.32
CA ASP A 41 -0.01 12.61 1.13
C ASP A 41 0.68 11.31 1.52
N LEU A 42 0.34 10.23 0.83
CA LEU A 42 0.92 8.92 1.12
C LEU A 42 2.40 8.90 0.75
N GLU A 43 2.70 9.22 -0.50
CA GLU A 43 4.09 9.23 -0.97
C GLU A 43 4.98 10.01 -0.01
N LEU A 44 4.38 10.94 0.72
CA LEU A 44 5.12 11.76 1.67
C LEU A 44 5.17 11.10 3.05
N LYS A 45 4.00 10.94 3.66
CA LYS A 45 3.90 10.31 4.98
C LYS A 45 4.74 9.04 5.02
N THR A 46 4.74 8.29 3.93
CA THR A 46 5.51 7.05 3.84
C THR A 46 6.85 7.27 3.16
N ALA A 47 6.99 8.41 2.49
CA ALA A 47 8.23 8.74 1.80
C ALA A 47 8.63 7.63 0.83
N THR A 48 7.63 6.97 0.24
CA THR A 48 7.88 5.89 -0.71
C THR A 48 7.54 6.31 -2.12
N LYS A 49 7.84 5.45 -3.08
CA LYS A 49 7.56 5.73 -4.49
C LYS A 49 6.44 4.84 -5.01
N ILE A 50 5.20 5.24 -4.75
CA ILE A 50 4.04 4.48 -5.19
C ILE A 50 3.85 4.59 -6.71
N GLN A 51 3.57 3.46 -7.35
CA GLN A 51 3.37 3.44 -8.79
C GLN A 51 2.11 2.66 -9.15
N ILE A 52 1.08 3.38 -9.57
CA ILE A 52 -0.19 2.76 -9.95
C ILE A 52 -0.27 2.55 -11.45
N PRO A 53 -0.78 1.39 -11.86
CA PRO A 53 -0.93 1.04 -13.29
C PRO A 53 -2.02 1.86 -13.97
N ARG A 54 -1.95 1.92 -15.29
CA ARG A 54 -2.93 2.69 -16.07
C ARG A 54 -4.28 1.97 -16.10
N PRO A 55 -5.35 2.74 -16.33
CA PRO A 55 -6.72 2.21 -16.38
C PRO A 55 -6.95 1.32 -17.61
N ASP A 56 -6.05 1.43 -18.58
CA ASP A 56 -6.16 0.64 -19.81
C ASP A 56 -5.33 -0.64 -19.70
N ASP A 57 -4.41 -0.67 -18.75
CA ASP A 57 -3.55 -1.83 -18.54
C ASP A 57 -4.23 -2.85 -17.61
N PRO A 58 -4.06 -4.14 -17.94
CA PRO A 58 -4.63 -5.23 -17.16
C PRO A 58 -3.97 -5.38 -15.80
N SER A 59 -3.03 -4.48 -15.50
CA SER A 59 -2.32 -4.53 -14.23
C SER A 59 -3.05 -3.73 -13.16
N ASN A 60 -3.38 -4.39 -12.05
CA ASN A 60 -4.09 -3.74 -10.96
C ASN A 60 -3.34 -3.92 -9.64
N GLN A 61 -2.03 -4.09 -9.74
CA GLN A 61 -1.20 -4.27 -8.55
C GLN A 61 -0.32 -3.05 -8.31
N ILE A 62 -0.52 -2.41 -7.16
CA ILE A 62 0.27 -1.23 -6.80
C ILE A 62 1.69 -1.60 -6.41
N LYS A 63 2.63 -0.71 -6.70
CA LYS A 63 4.03 -0.93 -6.38
C LYS A 63 4.52 0.08 -5.35
N ILE A 64 5.25 -0.41 -4.34
CA ILE A 64 5.78 0.46 -3.30
C ILE A 64 7.28 0.23 -3.12
N THR A 65 8.04 1.32 -3.18
CA THR A 65 9.49 1.25 -3.02
C THR A 65 9.98 2.25 -1.98
N GLY A 66 10.92 1.82 -1.15
CA GLY A 66 11.46 2.69 -0.11
C GLY A 66 12.07 1.92 1.04
N THR A 67 12.07 2.53 2.22
CA THR A 67 12.64 1.90 3.40
C THR A 67 11.64 0.92 4.04
N LYS A 68 12.16 -0.19 4.56
CA LYS A 68 11.32 -1.19 5.20
C LYS A 68 10.22 -0.54 6.03
N GLU A 69 10.55 0.60 6.63
CA GLU A 69 9.57 1.32 7.45
C GLU A 69 8.58 2.08 6.58
N GLY A 70 9.09 2.74 5.55
CA GLY A 70 8.22 3.50 4.66
C GLY A 70 7.21 2.62 3.96
N ILE A 71 7.70 1.64 3.21
CA ILE A 71 6.83 0.73 2.47
C ILE A 71 5.76 0.14 3.38
N GLU A 72 6.16 -0.24 4.61
CA GLU A 72 5.25 -0.82 5.57
C GLU A 72 4.04 0.10 5.79
N LYS A 73 4.31 1.38 6.01
CA LYS A 73 3.24 2.36 6.24
C LYS A 73 2.26 2.35 5.08
N ALA A 74 2.75 2.58 3.87
CA ALA A 74 1.91 2.58 2.68
C ALA A 74 1.20 1.25 2.50
N ARG A 75 1.91 0.16 2.81
CA ARG A 75 1.35 -1.18 2.67
C ARG A 75 0.24 -1.41 3.69
N HIS A 76 0.41 -0.86 4.89
CA HIS A 76 -0.57 -1.01 5.95
C HIS A 76 -1.84 -0.21 5.63
N GLU A 77 -1.68 0.87 4.88
CA GLU A 77 -2.80 1.71 4.50
C GLU A 77 -3.53 1.14 3.29
N VAL A 78 -2.77 0.82 2.24
CA VAL A 78 -3.34 0.27 1.03
C VAL A 78 -4.06 -1.04 1.31
N LEU A 79 -3.59 -1.77 2.31
CA LEU A 79 -4.19 -3.05 2.68
C LEU A 79 -5.42 -2.84 3.55
N LEU A 80 -5.37 -1.82 4.40
CA LEU A 80 -6.48 -1.51 5.30
C LEU A 80 -7.69 -1.04 4.51
N ILE A 81 -7.46 -0.13 3.57
CA ILE A 81 -8.55 0.41 2.74
C ILE A 81 -9.25 -0.71 1.98
N SER A 82 -8.49 -1.43 1.17
CA SER A 82 -9.05 -2.53 0.38
C SER A 82 -9.82 -3.50 1.26
N ALA A 83 -9.18 -3.92 2.35
CA ALA A 83 -9.81 -4.85 3.29
C ALA A 83 -11.22 -4.41 3.64
N GLU A 84 -11.36 -3.18 4.10
CA GLU A 84 -12.66 -2.63 4.47
C GLU A 84 -13.67 -2.83 3.35
N GLN A 85 -13.25 -2.56 2.13
CA GLN A 85 -14.12 -2.71 0.97
C GLN A 85 -14.60 -4.14 0.83
N ASP A 86 -13.67 -5.08 0.84
CA ASP A 86 -14.00 -6.50 0.72
C ASP A 86 -15.23 -6.84 1.56
N LYS A 87 -15.29 -6.29 2.77
CA LYS A 87 -16.41 -6.54 3.67
C LYS A 87 -17.68 -5.89 3.14
N ARG A 88 -17.70 -4.56 3.09
CA ARG A 88 -18.85 -3.82 2.60
C ARG A 88 -19.13 -4.14 1.13
N SER A 89 -20.40 -4.15 0.76
CA SER A 89 -20.78 -4.44 -0.62
C SER A 89 -20.34 -3.32 -1.56
N GLY A 90 -20.81 -2.10 -1.28
CA GLY A 90 -20.44 -0.97 -2.10
C GLY A 90 -21.51 0.11 -2.09
N PRO A 91 -22.40 0.09 -3.09
CA PRO A 91 -23.48 1.07 -3.21
C PRO A 91 -24.54 0.90 -2.13
N SER A 92 -24.46 -0.21 -1.40
CA SER A 92 -25.42 -0.49 -0.34
C SER A 92 -25.83 0.80 0.38
N SER A 93 -27.12 0.92 0.67
CA SER A 93 -27.64 2.10 1.35
C SER A 93 -27.00 2.26 2.72
N GLY A 94 -26.49 3.46 3.00
CA GLY A 94 -25.87 3.71 4.28
C GLY A 94 -24.42 4.17 4.14
N GLY A 1 -5.22 -10.97 14.92
CA GLY A 1 -3.90 -10.56 15.35
C GLY A 1 -3.11 -11.69 15.98
N SER A 2 -1.79 -11.61 15.89
CA SER A 2 -0.92 -12.64 16.45
C SER A 2 -0.68 -12.39 17.93
N SER A 3 -1.23 -13.28 18.77
CA SER A 3 -1.08 -13.16 20.21
C SER A 3 0.38 -12.94 20.60
N GLY A 4 1.26 -13.79 20.07
CA GLY A 4 2.67 -13.67 20.37
C GLY A 4 3.53 -14.56 19.49
N SER A 5 4.74 -14.11 19.18
CA SER A 5 5.65 -14.86 18.34
C SER A 5 7.10 -14.44 18.59
N SER A 6 8.01 -15.40 18.49
CA SER A 6 9.42 -15.13 18.72
C SER A 6 10.27 -15.72 17.59
N GLY A 7 11.00 -14.85 16.89
CA GLY A 7 11.83 -15.30 15.79
C GLY A 7 12.40 -14.15 14.99
N ASP A 8 13.07 -13.22 15.65
CA ASP A 8 13.65 -12.06 14.99
C ASP A 8 15.00 -12.42 14.37
N ILE A 9 14.97 -12.94 13.15
CA ILE A 9 16.19 -13.32 12.45
C ILE A 9 17.11 -12.12 12.27
N VAL A 10 18.39 -12.40 12.07
CA VAL A 10 19.39 -11.34 11.88
C VAL A 10 18.95 -10.37 10.78
N ALA A 11 18.64 -9.14 11.18
CA ALA A 11 18.22 -8.12 10.24
C ALA A 11 19.35 -7.73 9.29
N ARG A 12 19.07 -7.71 8.00
CA ARG A 12 20.06 -7.36 7.00
C ARG A 12 19.46 -6.43 5.94
N LEU A 13 20.07 -5.26 5.78
CA LEU A 13 19.60 -4.28 4.80
C LEU A 13 20.58 -4.16 3.64
N GLN A 14 20.30 -4.89 2.56
CA GLN A 14 21.16 -4.86 1.38
C GLN A 14 21.00 -3.55 0.62
N THR A 15 19.77 -3.28 0.19
CA THR A 15 19.49 -2.05 -0.56
C THR A 15 17.98 -1.80 -0.64
N GLN A 16 17.61 -0.63 -1.15
CA GLN A 16 16.21 -0.27 -1.28
C GLN A 16 15.38 -1.45 -1.76
N ALA A 17 14.28 -1.72 -1.07
CA ALA A 17 13.40 -2.83 -1.42
C ALA A 17 12.16 -2.34 -2.17
N SER A 18 11.40 -3.27 -2.72
CA SER A 18 10.20 -2.93 -3.47
C SER A 18 9.15 -4.03 -3.36
N ALA A 19 7.96 -3.67 -2.91
CA ALA A 19 6.87 -4.62 -2.75
C ALA A 19 5.63 -4.19 -3.53
N THR A 20 4.66 -5.09 -3.64
CA THR A 20 3.43 -4.80 -4.36
C THR A 20 2.21 -5.34 -3.62
N VAL A 21 1.03 -4.81 -3.95
CA VAL A 21 -0.20 -5.25 -3.32
C VAL A 21 -1.30 -5.48 -4.35
N ALA A 22 -1.68 -6.74 -4.53
CA ALA A 22 -2.72 -7.09 -5.49
C ALA A 22 -4.09 -6.58 -5.03
N ILE A 23 -4.62 -5.61 -5.76
CA ILE A 23 -5.93 -5.04 -5.43
C ILE A 23 -6.73 -4.73 -6.69
N PRO A 24 -8.06 -4.67 -6.54
CA PRO A 24 -8.97 -4.38 -7.66
C PRO A 24 -8.86 -2.94 -8.12
N LYS A 25 -8.92 -2.74 -9.44
CA LYS A 25 -8.84 -1.41 -10.02
C LYS A 25 -9.86 -0.47 -9.38
N GLU A 26 -10.84 -1.05 -8.69
CA GLU A 26 -11.88 -0.27 -8.04
C GLU A 26 -11.36 0.39 -6.77
N HIS A 27 -10.37 -0.25 -6.14
CA HIS A 27 -9.78 0.28 -4.92
C HIS A 27 -8.58 1.17 -5.24
N HIS A 28 -8.15 1.15 -6.50
CA HIS A 28 -7.01 1.95 -6.92
C HIS A 28 -7.32 3.44 -6.81
N ARG A 29 -8.55 3.82 -7.13
CA ARG A 29 -8.97 5.21 -7.05
C ARG A 29 -9.14 5.65 -5.61
N PHE A 30 -9.51 4.71 -4.74
CA PHE A 30 -9.70 5.00 -3.33
C PHE A 30 -8.38 5.34 -2.65
N VAL A 31 -7.28 4.92 -3.28
CA VAL A 31 -5.95 5.17 -2.74
C VAL A 31 -5.36 6.46 -3.30
N ILE A 32 -5.69 6.75 -4.55
CA ILE A 32 -5.19 7.96 -5.21
C ILE A 32 -5.85 9.21 -4.63
N GLY A 33 -7.17 9.14 -4.41
CA GLY A 33 -7.88 10.27 -3.86
C GLY A 33 -9.04 10.71 -4.74
N LYS A 34 -10.15 11.07 -4.11
CA LYS A 34 -11.34 11.51 -4.84
C LYS A 34 -10.95 12.34 -6.05
N ASN A 35 -10.03 13.28 -5.85
CA ASN A 35 -9.57 14.15 -6.92
C ASN A 35 -8.13 13.84 -7.30
N GLY A 36 -7.36 13.35 -6.33
CA GLY A 36 -5.97 13.01 -6.58
C GLY A 36 -5.03 13.69 -5.60
N GLU A 37 -5.39 13.68 -4.32
CA GLU A 37 -4.57 14.30 -3.29
C GLU A 37 -4.27 13.31 -2.17
N LYS A 38 -4.89 12.14 -2.25
CA LYS A 38 -4.68 11.10 -1.24
C LYS A 38 -3.33 10.42 -1.43
N LEU A 39 -3.03 10.03 -2.66
CA LEU A 39 -1.77 9.36 -2.97
C LEU A 39 -0.59 10.24 -2.58
N GLN A 40 -0.66 11.52 -2.95
CA GLN A 40 0.42 12.46 -2.63
C GLN A 40 0.79 12.38 -1.15
N ASP A 41 -0.17 12.67 -0.29
CA ASP A 41 0.06 12.62 1.15
C ASP A 41 0.75 11.33 1.56
N LEU A 42 0.30 10.21 0.98
CA LEU A 42 0.88 8.90 1.28
C LEU A 42 2.35 8.86 0.88
N GLU A 43 2.62 9.20 -0.38
CA GLU A 43 3.99 9.19 -0.89
C GLU A 43 4.93 9.94 0.06
N LEU A 44 4.40 10.96 0.72
CA LEU A 44 5.19 11.75 1.66
C LEU A 44 5.24 11.08 3.03
N LYS A 45 4.09 11.03 3.70
CA LYS A 45 3.99 10.42 5.02
C LYS A 45 4.83 9.15 5.08
N THR A 46 4.87 8.40 3.99
CA THR A 46 5.63 7.16 3.92
C THR A 46 6.96 7.38 3.21
N ALA A 47 7.06 8.49 2.47
CA ALA A 47 8.28 8.81 1.74
C ALA A 47 8.65 7.69 0.76
N THR A 48 7.63 7.07 0.19
CA THR A 48 7.84 5.98 -0.77
C THR A 48 7.46 6.40 -2.18
N LYS A 49 7.69 5.52 -3.14
CA LYS A 49 7.38 5.81 -4.54
C LYS A 49 6.25 4.91 -5.04
N ILE A 50 5.03 5.25 -4.65
CA ILE A 50 3.86 4.47 -5.06
C ILE A 50 3.62 4.58 -6.56
N GLN A 51 3.53 3.43 -7.22
CA GLN A 51 3.31 3.40 -8.67
C GLN A 51 2.06 2.59 -9.01
N ILE A 52 1.05 3.27 -9.56
CA ILE A 52 -0.20 2.61 -9.93
C ILE A 52 -0.26 2.36 -11.42
N PRO A 53 -0.74 1.17 -11.82
CA PRO A 53 -0.87 0.79 -13.23
C PRO A 53 -1.97 1.58 -13.94
N ARG A 54 -1.83 1.70 -15.26
CA ARG A 54 -2.81 2.43 -16.06
C ARG A 54 -4.15 1.70 -16.09
N PRO A 55 -5.22 2.45 -16.39
CA PRO A 55 -6.58 1.90 -16.46
C PRO A 55 -6.77 0.96 -17.64
N ASP A 56 -5.87 1.06 -18.63
CA ASP A 56 -5.94 0.23 -19.81
C ASP A 56 -5.13 -1.06 -19.62
N ASP A 57 -4.12 -0.98 -18.77
CA ASP A 57 -3.26 -2.13 -18.50
C ASP A 57 -3.96 -3.11 -17.56
N PRO A 58 -3.77 -4.41 -17.83
CA PRO A 58 -4.38 -5.48 -17.02
C PRO A 58 -3.75 -5.57 -15.63
N SER A 59 -2.77 -4.70 -15.35
CA SER A 59 -2.10 -4.70 -14.07
C SER A 59 -2.92 -3.95 -13.03
N ASN A 60 -3.25 -4.64 -11.93
CA ASN A 60 -4.04 -4.03 -10.86
C ASN A 60 -3.31 -4.14 -9.53
N GLN A 61 -1.99 -4.30 -9.59
CA GLN A 61 -1.17 -4.42 -8.39
C GLN A 61 -0.32 -3.16 -8.18
N ILE A 62 -0.51 -2.50 -7.05
CA ILE A 62 0.24 -1.29 -6.73
C ILE A 62 1.68 -1.62 -6.35
N LYS A 63 2.59 -0.69 -6.64
CA LYS A 63 4.00 -0.88 -6.34
C LYS A 63 4.46 0.12 -5.29
N ILE A 64 5.25 -0.34 -4.32
CA ILE A 64 5.76 0.52 -3.26
C ILE A 64 7.26 0.33 -3.07
N THR A 65 8.03 1.36 -3.36
CA THR A 65 9.48 1.31 -3.22
C THR A 65 9.97 2.32 -2.19
N GLY A 66 10.84 1.87 -1.29
CA GLY A 66 11.38 2.75 -0.27
C GLY A 66 12.07 1.99 0.84
N THR A 67 11.98 2.51 2.07
CA THR A 67 12.61 1.87 3.21
C THR A 67 11.73 0.77 3.78
N LYS A 68 12.32 -0.08 4.62
CA LYS A 68 11.58 -1.18 5.22
C LYS A 68 10.44 -0.65 6.09
N GLU A 69 10.63 0.53 6.66
CA GLU A 69 9.61 1.14 7.51
C GLU A 69 8.61 1.94 6.68
N GLY A 70 9.13 2.68 5.70
CA GLY A 70 8.27 3.48 4.85
C GLY A 70 7.28 2.65 4.07
N ILE A 71 7.79 1.69 3.30
CA ILE A 71 6.95 0.82 2.51
C ILE A 71 5.86 0.17 3.36
N GLU A 72 6.24 -0.28 4.55
CA GLU A 72 5.30 -0.91 5.46
C GLU A 72 4.06 -0.05 5.66
N LYS A 73 4.28 1.16 6.16
CA LYS A 73 3.19 2.10 6.40
C LYS A 73 2.23 2.15 5.20
N ALA A 74 2.79 2.45 4.04
CA ALA A 74 1.99 2.51 2.82
C ALA A 74 1.27 1.19 2.55
N ARG A 75 1.97 0.09 2.77
CA ARG A 75 1.42 -1.24 2.55
C ARG A 75 0.28 -1.51 3.54
N HIS A 76 0.40 -0.97 4.74
CA HIS A 76 -0.61 -1.16 5.77
C HIS A 76 -1.85 -0.30 5.48
N GLU A 77 -1.62 0.88 4.93
CA GLU A 77 -2.72 1.80 4.60
C GLU A 77 -3.48 1.31 3.38
N VAL A 78 -2.75 0.90 2.35
CA VAL A 78 -3.36 0.41 1.12
C VAL A 78 -4.14 -0.88 1.36
N LEU A 79 -3.60 -1.74 2.22
CA LEU A 79 -4.25 -3.00 2.55
C LEU A 79 -5.50 -2.76 3.40
N LEU A 80 -5.41 -1.81 4.32
CA LEU A 80 -6.53 -1.50 5.20
C LEU A 80 -7.72 -0.98 4.39
N ILE A 81 -7.47 0.00 3.54
CA ILE A 81 -8.53 0.56 2.71
C ILE A 81 -9.24 -0.51 1.89
N SER A 82 -8.47 -1.20 1.04
CA SER A 82 -9.03 -2.25 0.20
C SER A 82 -9.71 -3.32 1.06
N ALA A 83 -9.06 -3.70 2.14
CA ALA A 83 -9.61 -4.71 3.04
C ALA A 83 -10.99 -4.31 3.55
N GLU A 84 -11.14 -3.03 3.88
CA GLU A 84 -12.42 -2.52 4.38
C GLU A 84 -13.49 -2.60 3.30
N GLN A 85 -13.10 -2.26 2.07
CA GLN A 85 -14.03 -2.29 0.94
C GLN A 85 -14.66 -3.66 0.78
N ASP A 86 -13.87 -4.70 1.06
CA ASP A 86 -14.34 -6.07 0.95
C ASP A 86 -15.62 -6.27 1.76
N LYS A 87 -15.72 -5.58 2.89
CA LYS A 87 -16.88 -5.69 3.76
C LYS A 87 -18.01 -4.79 3.25
N ARG A 88 -17.78 -3.49 3.27
CA ARG A 88 -18.78 -2.53 2.81
C ARG A 88 -19.07 -2.70 1.33
N SER A 89 -20.35 -2.90 1.00
CA SER A 89 -20.76 -3.09 -0.38
C SER A 89 -21.71 -1.99 -0.82
N GLY A 90 -22.72 -1.72 0.00
CA GLY A 90 -23.69 -0.68 -0.32
C GLY A 90 -24.94 -0.78 0.54
N PRO A 91 -25.59 0.37 0.77
CA PRO A 91 -26.82 0.43 1.58
C PRO A 91 -28.00 -0.22 0.88
N SER A 92 -28.54 -1.27 1.49
CA SER A 92 -29.68 -1.98 0.93
C SER A 92 -30.81 -2.08 1.95
N SER A 93 -30.50 -2.63 3.12
CA SER A 93 -31.49 -2.79 4.18
C SER A 93 -32.15 -1.46 4.52
N GLY A 94 -33.46 -1.47 4.65
CA GLY A 94 -34.20 -0.26 4.98
C GLY A 94 -35.66 -0.51 5.26
N GLY A 1 -2.70 -17.78 22.42
CA GLY A 1 -1.41 -17.41 22.97
C GLY A 1 -0.37 -17.18 21.88
N SER A 2 0.76 -17.87 21.99
CA SER A 2 1.83 -17.73 21.01
C SER A 2 2.32 -16.29 20.95
N SER A 3 2.45 -15.66 22.12
CA SER A 3 2.90 -14.28 22.19
C SER A 3 4.43 -14.19 22.15
N GLY A 4 4.95 -13.70 21.03
CA GLY A 4 6.39 -13.58 20.89
C GLY A 4 6.78 -12.91 19.58
N SER A 5 7.87 -12.13 19.62
CA SER A 5 8.35 -11.43 18.44
C SER A 5 9.87 -11.33 18.44
N SER A 6 10.45 -11.33 17.25
CA SER A 6 11.91 -11.26 17.11
C SER A 6 12.30 -11.11 15.64
N GLY A 7 13.60 -10.95 15.41
CA GLY A 7 14.10 -10.80 14.04
C GLY A 7 15.52 -10.30 14.00
N ASP A 8 16.21 -10.59 12.91
CA ASP A 8 17.60 -10.16 12.73
C ASP A 8 18.08 -10.40 11.30
N ILE A 9 18.76 -9.41 10.74
CA ILE A 9 19.26 -9.50 9.38
C ILE A 9 20.32 -10.60 9.26
N VAL A 10 20.16 -11.48 8.29
CA VAL A 10 21.11 -12.57 8.08
C VAL A 10 22.24 -12.14 7.16
N ALA A 11 22.88 -11.02 7.51
CA ALA A 11 23.99 -10.50 6.73
C ALA A 11 23.57 -10.21 5.29
N ARG A 12 22.42 -9.56 5.15
CA ARG A 12 21.89 -9.22 3.83
C ARG A 12 22.48 -7.90 3.33
N LEU A 13 22.38 -7.67 2.03
CA LEU A 13 22.91 -6.45 1.43
C LEU A 13 22.10 -5.23 1.88
N GLN A 14 22.58 -4.05 1.52
CA GLN A 14 21.90 -2.80 1.89
C GLN A 14 21.42 -2.06 0.65
N THR A 15 20.28 -2.52 0.10
CA THR A 15 19.72 -1.90 -1.09
C THR A 15 18.22 -1.65 -0.93
N GLN A 16 17.73 -0.57 -1.52
CA GLN A 16 16.32 -0.22 -1.44
C GLN A 16 15.45 -1.41 -1.85
N ALA A 17 14.38 -1.63 -1.10
CA ALA A 17 13.46 -2.73 -1.40
C ALA A 17 12.21 -2.22 -2.11
N SER A 18 11.44 -3.14 -2.69
CA SER A 18 10.23 -2.79 -3.41
C SER A 18 9.19 -3.91 -3.32
N ALA A 19 8.01 -3.58 -2.83
CA ALA A 19 6.94 -4.56 -2.70
C ALA A 19 5.72 -4.17 -3.52
N THR A 20 4.76 -5.08 -3.63
CA THR A 20 3.54 -4.82 -4.40
C THR A 20 2.32 -5.38 -3.68
N VAL A 21 1.19 -4.72 -3.88
CA VAL A 21 -0.07 -5.15 -3.25
C VAL A 21 -1.15 -5.37 -4.29
N ALA A 22 -1.52 -6.63 -4.50
CA ALA A 22 -2.55 -6.98 -5.46
C ALA A 22 -3.93 -6.50 -5.00
N ILE A 23 -4.51 -5.58 -5.75
CA ILE A 23 -5.82 -5.03 -5.41
C ILE A 23 -6.66 -4.82 -6.67
N PRO A 24 -7.99 -4.76 -6.49
CA PRO A 24 -8.93 -4.55 -7.59
C PRO A 24 -8.86 -3.14 -8.16
N LYS A 25 -9.14 -3.01 -9.45
CA LYS A 25 -9.10 -1.72 -10.12
C LYS A 25 -10.12 -0.76 -9.49
N GLU A 26 -10.99 -1.29 -8.65
CA GLU A 26 -12.01 -0.48 -7.99
C GLU A 26 -11.48 0.08 -6.68
N HIS A 27 -10.34 -0.43 -6.24
CA HIS A 27 -9.73 0.01 -4.99
C HIS A 27 -8.52 0.89 -5.27
N HIS A 28 -8.08 0.92 -6.52
CA HIS A 28 -6.94 1.72 -6.91
C HIS A 28 -7.24 3.22 -6.75
N ARG A 29 -8.39 3.64 -7.25
CA ARG A 29 -8.79 5.04 -7.16
C ARG A 29 -8.94 5.47 -5.71
N PHE A 30 -9.29 4.52 -4.85
CA PHE A 30 -9.48 4.80 -3.43
C PHE A 30 -8.16 5.23 -2.78
N VAL A 31 -7.06 4.69 -3.29
CA VAL A 31 -5.74 5.01 -2.76
C VAL A 31 -5.24 6.35 -3.32
N ILE A 32 -5.62 6.64 -4.56
CA ILE A 32 -5.22 7.88 -5.22
C ILE A 32 -5.90 9.08 -4.58
N GLY A 33 -7.20 8.96 -4.33
CA GLY A 33 -7.94 10.05 -3.72
C GLY A 33 -9.06 10.55 -4.61
N LYS A 34 -9.99 11.30 -4.03
CA LYS A 34 -11.11 11.84 -4.77
C LYS A 34 -10.68 12.32 -6.15
N ASN A 35 -9.76 13.29 -6.18
CA ASN A 35 -9.26 13.83 -7.44
C ASN A 35 -7.80 13.45 -7.64
N GLY A 36 -7.05 13.39 -6.54
CA GLY A 36 -5.64 13.04 -6.62
C GLY A 36 -4.83 13.66 -5.51
N GLU A 37 -5.23 13.43 -4.27
CA GLU A 37 -4.54 13.99 -3.12
C GLU A 37 -4.07 12.88 -2.18
N LYS A 38 -4.96 11.94 -1.91
CA LYS A 38 -4.65 10.82 -1.03
C LYS A 38 -3.26 10.29 -1.30
N LEU A 39 -3.02 9.84 -2.52
CA LEU A 39 -1.73 9.30 -2.92
C LEU A 39 -0.60 10.27 -2.54
N GLN A 40 -0.83 11.56 -2.79
CA GLN A 40 0.15 12.58 -2.48
C GLN A 40 0.58 12.51 -1.02
N ASP A 41 -0.40 12.58 -0.11
CA ASP A 41 -0.12 12.52 1.31
C ASP A 41 0.59 11.22 1.68
N LEU A 42 0.08 10.11 1.15
CA LEU A 42 0.67 8.80 1.41
C LEU A 42 2.15 8.78 1.02
N GLU A 43 2.43 9.11 -0.24
CA GLU A 43 3.79 9.13 -0.73
C GLU A 43 4.73 9.85 0.24
N LEU A 44 4.25 10.95 0.80
CA LEU A 44 5.03 11.73 1.76
C LEU A 44 5.10 11.04 3.11
N LYS A 45 3.95 10.95 3.78
CA LYS A 45 3.87 10.30 5.09
C LYS A 45 4.69 9.01 5.10
N THR A 46 4.74 8.33 3.96
CA THR A 46 5.49 7.08 3.85
C THR A 46 6.81 7.30 3.13
N ALA A 47 6.94 8.44 2.47
CA ALA A 47 8.16 8.79 1.75
C ALA A 47 8.56 7.66 0.79
N THR A 48 7.57 7.05 0.15
CA THR A 48 7.82 5.96 -0.79
C THR A 48 7.44 6.35 -2.21
N LYS A 49 7.72 5.47 -3.16
CA LYS A 49 7.41 5.72 -4.55
C LYS A 49 6.25 4.84 -5.03
N ILE A 50 5.04 5.28 -4.75
CA ILE A 50 3.85 4.53 -5.15
C ILE A 50 3.62 4.63 -6.65
N GLN A 51 3.45 3.47 -7.29
CA GLN A 51 3.23 3.42 -8.73
C GLN A 51 1.98 2.59 -9.06
N ILE A 52 0.94 3.27 -9.52
CA ILE A 52 -0.31 2.60 -9.87
C ILE A 52 -0.41 2.37 -11.38
N PRO A 53 -0.82 1.16 -11.77
CA PRO A 53 -0.97 0.79 -13.18
C PRO A 53 -2.14 1.51 -13.85
N ARG A 54 -2.03 1.74 -15.15
CA ARG A 54 -3.07 2.42 -15.90
C ARG A 54 -4.40 1.68 -15.79
N PRO A 55 -5.51 2.39 -16.02
CA PRO A 55 -6.85 1.81 -15.94
C PRO A 55 -7.13 0.84 -17.08
N ASP A 56 -6.31 0.92 -18.13
CA ASP A 56 -6.48 0.04 -19.29
C ASP A 56 -5.52 -1.15 -19.20
N ASP A 57 -4.45 -0.99 -18.44
CA ASP A 57 -3.47 -2.05 -18.27
C ASP A 57 -4.03 -3.19 -17.45
N PRO A 58 -3.72 -4.44 -17.86
CA PRO A 58 -4.20 -5.64 -17.17
C PRO A 58 -3.54 -5.82 -15.81
N SER A 59 -2.71 -4.86 -15.42
CA SER A 59 -2.02 -4.92 -14.14
C SER A 59 -2.76 -4.09 -13.08
N ASN A 60 -3.20 -4.77 -12.03
CA ASN A 60 -3.92 -4.09 -10.95
C ASN A 60 -3.17 -4.23 -9.62
N GLN A 61 -1.85 -4.30 -9.71
CA GLN A 61 -1.01 -4.43 -8.52
C GLN A 61 -0.19 -3.16 -8.29
N ILE A 62 -0.39 -2.53 -7.15
CA ILE A 62 0.32 -1.31 -6.81
C ILE A 62 1.77 -1.61 -6.42
N LYS A 63 2.67 -0.68 -6.72
CA LYS A 63 4.07 -0.85 -6.39
C LYS A 63 4.51 0.15 -5.33
N ILE A 64 5.24 -0.34 -4.33
CA ILE A 64 5.73 0.52 -3.25
C ILE A 64 7.22 0.31 -3.01
N THR A 65 7.99 1.39 -3.17
CA THR A 65 9.44 1.33 -2.97
C THR A 65 9.89 2.37 -1.95
N GLY A 66 10.92 2.01 -1.18
CA GLY A 66 11.43 2.93 -0.17
C GLY A 66 12.10 2.20 0.98
N THR A 67 12.06 2.80 2.16
CA THR A 67 12.66 2.21 3.35
C THR A 67 11.78 1.11 3.92
N LYS A 68 12.41 0.06 4.45
CA LYS A 68 11.68 -1.06 5.03
C LYS A 68 10.48 -0.56 5.83
N GLU A 69 10.64 0.57 6.50
CA GLU A 69 9.56 1.15 7.29
C GLU A 69 8.58 1.92 6.40
N GLY A 70 9.12 2.68 5.46
CA GLY A 70 8.28 3.46 4.56
C GLY A 70 7.29 2.59 3.81
N ILE A 71 7.79 1.63 3.05
CA ILE A 71 6.93 0.74 2.29
C ILE A 71 5.88 0.09 3.17
N GLU A 72 6.31 -0.39 4.34
CA GLU A 72 5.40 -1.04 5.28
C GLU A 72 4.20 -0.14 5.58
N LYS A 73 4.47 1.12 5.88
CA LYS A 73 3.42 2.07 6.18
C LYS A 73 2.38 2.13 5.06
N ALA A 74 2.85 2.42 3.85
CA ALA A 74 1.96 2.49 2.70
C ALA A 74 1.29 1.15 2.43
N ARG A 75 2.02 0.07 2.69
CA ARG A 75 1.50 -1.28 2.48
C ARG A 75 0.40 -1.60 3.48
N HIS A 76 0.54 -1.08 4.70
CA HIS A 76 -0.44 -1.31 5.75
C HIS A 76 -1.69 -0.47 5.51
N GLU A 77 -1.49 0.76 5.07
CA GLU A 77 -2.61 1.67 4.81
C GLU A 77 -3.39 1.22 3.58
N VAL A 78 -2.68 0.97 2.49
CA VAL A 78 -3.30 0.53 1.25
C VAL A 78 -4.11 -0.75 1.46
N LEU A 79 -3.61 -1.62 2.32
CA LEU A 79 -4.29 -2.88 2.62
C LEU A 79 -5.51 -2.65 3.50
N LEU A 80 -5.36 -1.75 4.47
CA LEU A 80 -6.46 -1.44 5.38
C LEU A 80 -7.65 -0.86 4.64
N ILE A 81 -7.38 0.01 3.67
CA ILE A 81 -8.44 0.62 2.88
C ILE A 81 -9.16 -0.42 2.02
N SER A 82 -8.39 -1.10 1.18
CA SER A 82 -8.96 -2.13 0.31
C SER A 82 -9.78 -3.14 1.11
N ALA A 83 -9.23 -3.58 2.23
CA ALA A 83 -9.92 -4.54 3.09
C ALA A 83 -11.31 -4.03 3.48
N GLU A 84 -11.34 -2.84 4.06
CA GLU A 84 -12.60 -2.24 4.50
C GLU A 84 -13.63 -2.27 3.37
N GLN A 85 -13.18 -1.94 2.15
CA GLN A 85 -14.06 -1.92 0.99
C GLN A 85 -14.73 -3.27 0.80
N ASP A 86 -13.93 -4.32 0.73
CA ASP A 86 -14.45 -5.67 0.54
C ASP A 86 -15.70 -5.90 1.38
N LYS A 87 -15.65 -5.44 2.63
CA LYS A 87 -16.78 -5.59 3.54
C LYS A 87 -17.99 -4.82 3.03
N ARG A 88 -17.80 -3.55 2.70
CA ARG A 88 -18.87 -2.71 2.20
C ARG A 88 -19.39 -3.22 0.85
N SER A 89 -20.69 -3.15 0.65
CA SER A 89 -21.30 -3.61 -0.58
C SER A 89 -20.76 -4.98 -0.99
N GLY A 90 -20.57 -5.85 0.00
CA GLY A 90 -20.06 -7.18 -0.27
C GLY A 90 -20.57 -8.21 0.72
N PRO A 91 -19.84 -9.32 0.85
CA PRO A 91 -20.21 -10.40 1.77
C PRO A 91 -20.04 -10.01 3.23
N SER A 92 -21.13 -9.53 3.83
CA SER A 92 -21.11 -9.12 5.23
C SER A 92 -21.04 -10.32 6.15
N SER A 93 -19.96 -10.41 6.94
CA SER A 93 -19.78 -11.51 7.87
C SER A 93 -20.19 -11.11 9.27
N GLY A 94 -20.92 -12.00 9.95
CA GLY A 94 -21.35 -11.72 11.31
C GLY A 94 -20.32 -12.11 12.34
N GLY A 1 34.94 -17.02 22.89
CA GLY A 1 35.44 -15.66 22.96
C GLY A 1 34.53 -14.68 22.25
N SER A 2 33.77 -13.90 23.02
CA SER A 2 32.86 -12.92 22.46
C SER A 2 33.58 -11.64 22.09
N SER A 3 34.18 -11.00 23.09
CA SER A 3 34.91 -9.75 22.88
C SER A 3 33.99 -8.66 22.35
N GLY A 4 32.79 -8.59 22.91
CA GLY A 4 31.83 -7.59 22.49
C GLY A 4 31.52 -6.58 23.57
N SER A 5 32.41 -5.61 23.74
CA SER A 5 32.23 -4.58 24.77
C SER A 5 32.52 -3.20 24.20
N SER A 6 31.82 -2.19 24.71
CA SER A 6 32.01 -0.82 24.25
C SER A 6 32.10 -0.76 22.73
N GLY A 7 31.23 -1.51 22.07
CA GLY A 7 31.22 -1.53 20.62
C GLY A 7 29.95 -2.13 20.05
N ASP A 8 29.95 -3.43 19.85
CA ASP A 8 28.78 -4.12 19.31
C ASP A 8 28.24 -3.40 18.08
N ILE A 9 29.14 -3.13 17.13
CA ILE A 9 28.76 -2.44 15.90
C ILE A 9 27.86 -3.32 15.03
N VAL A 10 27.04 -2.69 14.22
CA VAL A 10 26.14 -3.42 13.32
C VAL A 10 26.53 -3.22 11.86
N ALA A 11 26.16 -4.20 11.03
CA ALA A 11 26.47 -4.13 9.61
C ALA A 11 25.60 -3.10 8.90
N ARG A 12 26.23 -2.03 8.41
CA ARG A 12 25.52 -0.98 7.72
C ARG A 12 25.52 -1.21 6.22
N LEU A 13 24.40 -0.90 5.56
CA LEU A 13 24.28 -1.07 4.12
C LEU A 13 23.39 0.01 3.51
N GLN A 14 23.48 0.16 2.19
CA GLN A 14 22.68 1.15 1.49
C GLN A 14 21.90 0.52 0.34
N THR A 15 20.85 -0.22 0.69
CA THR A 15 20.02 -0.88 -0.31
C THR A 15 18.58 -0.41 -0.22
N GLN A 16 17.80 -0.71 -1.27
CA GLN A 16 16.40 -0.32 -1.31
C GLN A 16 15.51 -1.50 -1.68
N ALA A 17 14.36 -1.61 -1.02
CA ALA A 17 13.43 -2.70 -1.29
C ALA A 17 12.16 -2.17 -1.96
N SER A 18 11.41 -3.08 -2.57
CA SER A 18 10.16 -2.71 -3.24
C SER A 18 9.15 -3.85 -3.19
N ALA A 19 7.96 -3.56 -2.67
CA ALA A 19 6.90 -4.55 -2.56
C ALA A 19 5.71 -4.17 -3.42
N THR A 20 4.72 -5.05 -3.48
CA THR A 20 3.51 -4.82 -4.25
C THR A 20 2.26 -5.28 -3.50
N VAL A 21 1.13 -4.68 -3.82
CA VAL A 21 -0.13 -5.04 -3.18
C VAL A 21 -1.22 -5.30 -4.21
N ALA A 22 -1.62 -6.57 -4.34
CA ALA A 22 -2.65 -6.96 -5.28
C ALA A 22 -4.02 -6.45 -4.85
N ILE A 23 -4.56 -5.50 -5.60
CA ILE A 23 -5.86 -4.92 -5.30
C ILE A 23 -6.64 -4.63 -6.58
N PRO A 24 -7.98 -4.56 -6.45
CA PRO A 24 -8.86 -4.28 -7.58
C PRO A 24 -8.75 -2.84 -8.07
N LYS A 25 -8.79 -2.65 -9.39
CA LYS A 25 -8.70 -1.32 -9.97
C LYS A 25 -9.76 -0.40 -9.40
N GLU A 26 -10.74 -0.98 -8.72
CA GLU A 26 -11.82 -0.20 -8.13
C GLU A 26 -11.38 0.44 -6.81
N HIS A 27 -10.38 -0.17 -6.18
CA HIS A 27 -9.86 0.34 -4.91
C HIS A 27 -8.71 1.32 -5.15
N HIS A 28 -8.14 1.26 -6.36
CA HIS A 28 -7.03 2.15 -6.70
C HIS A 28 -7.40 3.60 -6.50
N ARG A 29 -8.66 3.94 -6.78
CA ARG A 29 -9.15 5.31 -6.62
C ARG A 29 -9.11 5.72 -5.15
N PHE A 30 -9.53 4.81 -4.28
CA PHE A 30 -9.55 5.08 -2.84
C PHE A 30 -8.16 5.45 -2.34
N VAL A 31 -7.13 4.99 -3.04
CA VAL A 31 -5.76 5.27 -2.66
C VAL A 31 -5.28 6.57 -3.28
N ILE A 32 -5.71 6.83 -4.51
CA ILE A 32 -5.31 8.05 -5.22
C ILE A 32 -5.92 9.29 -4.56
N GLY A 33 -7.19 9.18 -4.18
CA GLY A 33 -7.86 10.29 -3.53
C GLY A 33 -9.02 10.82 -4.34
N LYS A 34 -9.84 11.66 -3.74
CA LYS A 34 -11.00 12.24 -4.42
C LYS A 34 -10.57 13.01 -5.66
N ASN A 35 -9.61 13.91 -5.50
CA ASN A 35 -9.12 14.71 -6.61
C ASN A 35 -7.69 14.29 -6.99
N GLY A 36 -7.03 13.59 -6.08
CA GLY A 36 -5.68 13.13 -6.34
C GLY A 36 -4.70 13.62 -5.30
N GLU A 37 -4.99 13.36 -4.03
CA GLU A 37 -4.12 13.78 -2.94
C GLU A 37 -3.78 12.61 -2.03
N LYS A 38 -4.70 11.66 -1.93
CA LYS A 38 -4.50 10.49 -1.08
C LYS A 38 -3.21 9.75 -1.47
N LEU A 39 -2.79 9.93 -2.71
CA LEU A 39 -1.57 9.29 -3.20
C LEU A 39 -0.35 10.17 -2.95
N GLN A 40 -0.49 11.47 -3.20
CA GLN A 40 0.60 12.40 -2.99
C GLN A 40 0.97 12.49 -1.51
N ASP A 41 -0.05 12.50 -0.65
CA ASP A 41 0.17 12.57 0.79
C ASP A 41 0.77 11.27 1.32
N LEU A 42 0.32 10.16 0.76
CA LEU A 42 0.80 8.85 1.18
C LEU A 42 2.30 8.70 0.88
N GLU A 43 2.69 8.98 -0.35
CA GLU A 43 4.08 8.89 -0.76
C GLU A 43 4.98 9.74 0.15
N LEU A 44 4.42 10.84 0.64
CA LEU A 44 5.16 11.73 1.53
C LEU A 44 5.20 11.19 2.96
N LYS A 45 4.03 11.09 3.57
CA LYS A 45 3.94 10.58 4.94
C LYS A 45 4.75 9.30 5.11
N THR A 46 4.73 8.45 4.08
CA THR A 46 5.46 7.20 4.11
C THR A 46 6.83 7.34 3.44
N ALA A 47 6.98 8.37 2.62
CA ALA A 47 8.24 8.63 1.93
C ALA A 47 8.60 7.47 1.01
N THR A 48 7.62 7.01 0.22
CA THR A 48 7.84 5.91 -0.70
C THR A 48 7.49 6.32 -2.13
N LYS A 49 7.72 5.40 -3.08
CA LYS A 49 7.42 5.66 -4.48
C LYS A 49 6.27 4.79 -4.96
N ILE A 50 5.04 5.27 -4.74
CA ILE A 50 3.86 4.54 -5.16
C ILE A 50 3.61 4.69 -6.67
N GLN A 51 3.41 3.57 -7.35
CA GLN A 51 3.16 3.58 -8.78
C GLN A 51 1.88 2.81 -9.11
N ILE A 52 0.84 3.54 -9.52
CA ILE A 52 -0.42 2.93 -9.88
C ILE A 52 -0.55 2.74 -11.39
N PRO A 53 -1.00 1.55 -11.81
CA PRO A 53 -1.16 1.22 -13.22
C PRO A 53 -2.31 1.99 -13.86
N ARG A 54 -2.23 2.22 -15.16
CA ARG A 54 -3.25 2.94 -15.89
C ARG A 54 -4.60 2.21 -15.80
N PRO A 55 -5.69 2.97 -16.00
CA PRO A 55 -7.05 2.41 -15.94
C PRO A 55 -7.35 1.49 -17.12
N ASP A 56 -6.39 1.37 -18.03
CA ASP A 56 -6.55 0.53 -19.21
C ASP A 56 -5.54 -0.63 -19.19
N ASP A 57 -4.64 -0.60 -18.22
CA ASP A 57 -3.63 -1.65 -18.09
C ASP A 57 -4.15 -2.82 -17.26
N PRO A 58 -3.80 -4.04 -17.67
CA PRO A 58 -4.23 -5.26 -16.98
C PRO A 58 -3.57 -5.42 -15.63
N SER A 59 -2.77 -4.42 -15.23
CA SER A 59 -2.07 -4.46 -13.95
C SER A 59 -2.90 -3.77 -12.87
N ASN A 60 -3.24 -4.53 -11.83
CA ASN A 60 -4.03 -3.99 -10.72
C ASN A 60 -3.24 -4.03 -9.42
N GLN A 61 -1.97 -4.41 -9.51
CA GLN A 61 -1.10 -4.50 -8.35
C GLN A 61 -0.23 -3.26 -8.22
N ILE A 62 -0.39 -2.54 -7.13
CA ILE A 62 0.39 -1.32 -6.89
C ILE A 62 1.81 -1.66 -6.45
N LYS A 63 2.75 -0.77 -6.75
CA LYS A 63 4.15 -0.96 -6.38
C LYS A 63 4.59 0.09 -5.37
N ILE A 64 5.20 -0.37 -4.29
CA ILE A 64 5.69 0.53 -3.24
C ILE A 64 7.18 0.32 -2.99
N THR A 65 7.96 1.38 -3.25
CA THR A 65 9.40 1.32 -3.06
C THR A 65 9.85 2.33 -2.00
N GLY A 66 10.79 1.91 -1.15
CA GLY A 66 11.29 2.80 -0.12
C GLY A 66 11.95 2.04 1.03
N THR A 67 11.99 2.66 2.20
CA THR A 67 12.61 2.04 3.36
C THR A 67 11.69 0.98 3.97
N LYS A 68 12.28 -0.13 4.39
CA LYS A 68 11.52 -1.23 4.99
C LYS A 68 10.38 -0.69 5.84
N GLU A 69 10.58 0.50 6.42
CA GLU A 69 9.56 1.12 7.26
C GLU A 69 8.55 1.88 6.41
N GLY A 70 9.05 2.66 5.47
CA GLY A 70 8.17 3.44 4.60
C GLY A 70 7.18 2.56 3.85
N ILE A 71 7.70 1.65 3.03
CA ILE A 71 6.86 0.75 2.26
C ILE A 71 5.80 0.09 3.14
N GLU A 72 6.22 -0.34 4.33
CA GLU A 72 5.30 -0.99 5.27
C GLU A 72 4.09 -0.09 5.56
N LYS A 73 4.37 1.15 5.95
CA LYS A 73 3.31 2.11 6.26
C LYS A 73 2.30 2.18 5.13
N ALA A 74 2.78 2.44 3.92
CA ALA A 74 1.91 2.54 2.75
C ALA A 74 1.22 1.20 2.48
N ARG A 75 1.94 0.11 2.71
CA ARG A 75 1.41 -1.23 2.47
C ARG A 75 0.28 -1.54 3.47
N HIS A 76 0.41 -1.00 4.68
CA HIS A 76 -0.59 -1.22 5.72
C HIS A 76 -1.85 -0.42 5.43
N GLU A 77 -1.67 0.83 5.00
CA GLU A 77 -2.80 1.70 4.70
C GLU A 77 -3.56 1.20 3.47
N VAL A 78 -2.84 0.95 2.39
CA VAL A 78 -3.45 0.48 1.15
C VAL A 78 -4.22 -0.82 1.40
N LEU A 79 -3.72 -1.64 2.30
CA LEU A 79 -4.36 -2.91 2.63
C LEU A 79 -5.58 -2.69 3.53
N LEU A 80 -5.44 -1.79 4.50
CA LEU A 80 -6.53 -1.50 5.42
C LEU A 80 -7.74 -0.96 4.67
N ILE A 81 -7.49 -0.07 3.72
CA ILE A 81 -8.56 0.53 2.93
C ILE A 81 -9.23 -0.52 2.04
N SER A 82 -8.42 -1.20 1.23
CA SER A 82 -8.95 -2.22 0.33
C SER A 82 -9.76 -3.25 1.10
N ALA A 83 -9.21 -3.74 2.21
CA ALA A 83 -9.89 -4.73 3.04
C ALA A 83 -11.27 -4.23 3.45
N GLU A 84 -11.34 -3.00 3.93
CA GLU A 84 -12.60 -2.41 4.36
C GLU A 84 -13.67 -2.55 3.28
N GLN A 85 -13.27 -2.32 2.03
CA GLN A 85 -14.18 -2.41 0.90
C GLN A 85 -14.65 -3.85 0.69
N ASP A 86 -13.71 -4.78 0.79
CA ASP A 86 -14.02 -6.20 0.61
C ASP A 86 -15.25 -6.59 1.42
N LYS A 87 -15.42 -5.96 2.57
CA LYS A 87 -16.56 -6.24 3.44
C LYS A 87 -17.86 -5.78 2.79
N ARG A 88 -18.01 -4.47 2.62
CA ARG A 88 -19.21 -3.91 2.01
C ARG A 88 -19.43 -4.49 0.61
N SER A 89 -20.62 -4.27 0.07
CA SER A 89 -20.95 -4.77 -1.25
C SER A 89 -21.70 -3.71 -2.06
N GLY A 90 -21.64 -3.84 -3.39
CA GLY A 90 -22.31 -2.89 -4.26
C GLY A 90 -23.15 -3.57 -5.32
N PRO A 91 -23.43 -2.83 -6.40
CA PRO A 91 -24.24 -3.35 -7.52
C PRO A 91 -23.51 -4.43 -8.30
N SER A 92 -24.26 -5.18 -9.11
CA SER A 92 -23.70 -6.25 -9.92
C SER A 92 -22.93 -5.68 -11.11
N SER A 93 -22.11 -6.52 -11.74
CA SER A 93 -21.33 -6.10 -12.90
C SER A 93 -22.23 -5.72 -14.05
N GLY A 94 -22.15 -4.46 -14.48
CA GLY A 94 -22.96 -3.99 -15.59
C GLY A 94 -22.91 -2.48 -15.74
N GLY A 1 7.10 -5.67 35.88
CA GLY A 1 6.58 -4.60 35.06
C GLY A 1 6.64 -4.91 33.58
N SER A 2 7.84 -5.17 33.09
CA SER A 2 8.05 -5.48 31.68
C SER A 2 7.07 -4.69 30.81
N SER A 3 7.02 -3.37 31.03
CA SER A 3 6.14 -2.50 30.27
C SER A 3 6.88 -1.84 29.12
N GLY A 4 6.42 -2.09 27.90
CA GLY A 4 7.06 -1.50 26.73
C GLY A 4 8.50 -1.94 26.58
N SER A 5 9.26 -1.19 25.79
CA SER A 5 10.67 -1.50 25.55
C SER A 5 11.48 -0.24 25.30
N SER A 6 12.80 -0.38 25.30
CA SER A 6 13.69 0.76 25.07
C SER A 6 14.96 0.32 24.35
N GLY A 7 15.43 1.15 23.43
CA GLY A 7 16.64 0.83 22.69
C GLY A 7 16.46 1.01 21.19
N ASP A 8 17.03 2.09 20.66
CA ASP A 8 16.93 2.38 19.23
C ASP A 8 18.16 1.87 18.50
N ILE A 9 17.93 1.27 17.32
CA ILE A 9 19.02 0.74 16.52
C ILE A 9 19.33 1.66 15.34
N VAL A 10 20.60 2.07 15.24
CA VAL A 10 21.03 2.96 14.17
C VAL A 10 21.48 2.16 12.95
N ALA A 11 20.68 1.17 12.56
CA ALA A 11 21.00 0.33 11.40
C ALA A 11 21.28 1.18 10.17
N ARG A 12 22.04 0.62 9.23
CA ARG A 12 22.37 1.33 8.01
C ARG A 12 21.73 0.66 6.79
N LEU A 13 21.07 1.46 5.97
CA LEU A 13 20.40 0.96 4.77
C LEU A 13 21.23 1.24 3.52
N GLN A 14 21.71 0.18 2.88
CA GLN A 14 22.51 0.32 1.66
C GLN A 14 21.64 0.18 0.41
N THR A 15 20.90 -0.93 0.34
CA THR A 15 20.02 -1.18 -0.80
C THR A 15 18.58 -0.83 -0.48
N GLN A 16 17.73 -0.85 -1.50
CA GLN A 16 16.32 -0.53 -1.32
C GLN A 16 15.44 -1.71 -1.72
N ALA A 17 14.28 -1.81 -1.08
CA ALA A 17 13.34 -2.90 -1.37
C ALA A 17 12.05 -2.36 -1.97
N SER A 18 11.40 -3.18 -2.79
CA SER A 18 10.14 -2.78 -3.42
C SER A 18 9.13 -3.93 -3.39
N ALA A 19 7.94 -3.63 -2.87
CA ALA A 19 6.89 -4.63 -2.77
C ALA A 19 5.66 -4.21 -3.58
N THR A 20 4.67 -5.10 -3.66
CA THR A 20 3.45 -4.82 -4.40
C THR A 20 2.23 -5.34 -3.65
N VAL A 21 1.07 -4.77 -3.96
CA VAL A 21 -0.17 -5.17 -3.31
C VAL A 21 -1.28 -5.39 -4.35
N ALA A 22 -1.59 -6.65 -4.61
CA ALA A 22 -2.65 -6.99 -5.57
C ALA A 22 -4.00 -6.48 -5.10
N ILE A 23 -4.56 -5.54 -5.86
CA ILE A 23 -5.86 -4.97 -5.52
C ILE A 23 -6.67 -4.66 -6.79
N PRO A 24 -8.00 -4.63 -6.65
CA PRO A 24 -8.91 -4.34 -7.76
C PRO A 24 -8.82 -2.89 -8.22
N LYS A 25 -8.98 -2.67 -9.52
CA LYS A 25 -8.93 -1.33 -10.08
C LYS A 25 -9.97 -0.42 -9.44
N GLU A 26 -10.88 -1.02 -8.68
CA GLU A 26 -11.94 -0.28 -8.01
C GLU A 26 -11.42 0.35 -6.72
N HIS A 27 -10.47 -0.33 -6.08
CA HIS A 27 -9.89 0.16 -4.84
C HIS A 27 -8.73 1.11 -5.12
N HIS A 28 -8.22 1.08 -6.34
CA HIS A 28 -7.11 1.93 -6.73
C HIS A 28 -7.44 3.41 -6.51
N ARG A 29 -8.56 3.85 -7.09
CA ARG A 29 -8.99 5.23 -6.94
C ARG A 29 -8.99 5.66 -5.47
N PHE A 30 -9.46 4.77 -4.60
CA PHE A 30 -9.52 5.05 -3.18
C PHE A 30 -8.12 5.39 -2.64
N VAL A 31 -7.10 4.79 -3.25
CA VAL A 31 -5.73 5.03 -2.82
C VAL A 31 -5.21 6.36 -3.36
N ILE A 32 -5.62 6.70 -4.59
CA ILE A 32 -5.20 7.94 -5.21
C ILE A 32 -5.88 9.14 -4.57
N GLY A 33 -7.16 8.99 -4.27
CA GLY A 33 -7.91 10.07 -3.65
C GLY A 33 -9.04 10.58 -4.53
N LYS A 34 -10.12 11.03 -3.89
CA LYS A 34 -11.27 11.55 -4.63
C LYS A 34 -10.84 12.51 -5.73
N ASN A 35 -9.89 13.39 -5.40
CA ASN A 35 -9.39 14.36 -6.36
C ASN A 35 -7.96 14.04 -6.78
N GLY A 36 -7.24 13.34 -5.90
CA GLY A 36 -5.86 12.98 -6.18
C GLY A 36 -4.90 13.48 -5.14
N GLU A 37 -5.19 13.20 -3.87
CA GLU A 37 -4.34 13.63 -2.78
C GLU A 37 -3.96 12.45 -1.88
N LYS A 38 -4.83 11.45 -1.85
CA LYS A 38 -4.58 10.26 -1.03
C LYS A 38 -3.25 9.61 -1.41
N LEU A 39 -2.83 9.82 -2.65
CA LEU A 39 -1.57 9.26 -3.14
C LEU A 39 -0.40 10.19 -2.83
N GLN A 40 -0.60 11.48 -3.06
CA GLN A 40 0.44 12.48 -2.81
C GLN A 40 0.78 12.54 -1.32
N ASP A 41 -0.24 12.42 -0.49
CA ASP A 41 -0.06 12.47 0.96
C ASP A 41 0.60 11.19 1.46
N LEU A 42 0.29 10.07 0.82
CA LEU A 42 0.86 8.78 1.19
C LEU A 42 2.34 8.71 0.84
N GLU A 43 2.65 9.03 -0.41
CA GLU A 43 4.04 9.00 -0.89
C GLU A 43 4.94 9.81 0.04
N LEU A 44 4.37 10.83 0.67
CA LEU A 44 5.13 11.68 1.58
C LEU A 44 5.19 11.06 2.98
N LYS A 45 4.04 10.97 3.63
CA LYS A 45 3.97 10.39 4.97
C LYS A 45 4.78 9.10 5.05
N THR A 46 4.78 8.33 3.96
CA THR A 46 5.52 7.08 3.92
C THR A 46 6.85 7.25 3.20
N ALA A 47 7.03 8.40 2.55
CA ALA A 47 8.25 8.69 1.83
C ALA A 47 8.63 7.54 0.89
N THR A 48 7.62 7.02 0.19
CA THR A 48 7.84 5.91 -0.75
C THR A 48 7.52 6.33 -2.17
N LYS A 49 7.66 5.39 -3.10
CA LYS A 49 7.37 5.66 -4.51
C LYS A 49 6.21 4.81 -5.00
N ILE A 50 4.99 5.28 -4.74
CA ILE A 50 3.79 4.56 -5.16
C ILE A 50 3.55 4.73 -6.65
N GLN A 51 3.54 3.61 -7.37
CA GLN A 51 3.32 3.64 -8.82
C GLN A 51 2.10 2.79 -9.18
N ILE A 52 1.01 3.47 -9.55
CA ILE A 52 -0.22 2.78 -9.93
C ILE A 52 -0.27 2.54 -11.44
N PRO A 53 -0.73 1.34 -11.83
CA PRO A 53 -0.84 0.95 -13.24
C PRO A 53 -1.94 1.73 -13.97
N ARG A 54 -1.70 2.01 -15.24
CA ARG A 54 -2.67 2.75 -16.05
C ARG A 54 -4.01 2.04 -16.08
N PRO A 55 -5.08 2.80 -16.35
CA PRO A 55 -6.44 2.25 -16.41
C PRO A 55 -6.66 1.35 -17.61
N ASP A 56 -5.72 1.39 -18.55
CA ASP A 56 -5.80 0.56 -19.75
C ASP A 56 -4.97 -0.71 -19.60
N ASP A 57 -3.97 -0.66 -18.73
CA ASP A 57 -3.11 -1.80 -18.49
C ASP A 57 -3.80 -2.83 -17.59
N PRO A 58 -3.59 -4.12 -17.90
CA PRO A 58 -4.19 -5.22 -17.13
C PRO A 58 -3.58 -5.35 -15.74
N SER A 59 -2.63 -4.47 -15.43
CA SER A 59 -1.97 -4.49 -14.13
C SER A 59 -2.80 -3.75 -13.08
N ASN A 60 -3.17 -4.47 -12.03
CA ASN A 60 -3.98 -3.88 -10.95
C ASN A 60 -3.25 -4.00 -9.62
N GLN A 61 -1.93 -4.18 -9.67
CA GLN A 61 -1.13 -4.31 -8.46
C GLN A 61 -0.28 -3.07 -8.24
N ILE A 62 -0.46 -2.42 -7.09
CA ILE A 62 0.29 -1.22 -6.76
C ILE A 62 1.73 -1.56 -6.36
N LYS A 63 2.65 -0.65 -6.65
CA LYS A 63 4.05 -0.85 -6.32
C LYS A 63 4.51 0.16 -5.26
N ILE A 64 5.20 -0.35 -4.24
CA ILE A 64 5.70 0.49 -3.17
C ILE A 64 7.19 0.27 -2.94
N THR A 65 7.97 1.32 -3.20
CA THR A 65 9.42 1.24 -3.02
C THR A 65 9.92 2.35 -2.10
N GLY A 66 10.85 2.00 -1.22
CA GLY A 66 11.40 2.98 -0.29
C GLY A 66 12.08 2.35 0.89
N THR A 67 11.91 2.94 2.07
CA THR A 67 12.52 2.43 3.29
C THR A 67 11.69 1.29 3.87
N LYS A 68 12.37 0.26 4.37
CA LYS A 68 11.70 -0.89 4.95
C LYS A 68 10.55 -0.46 5.84
N GLU A 69 10.72 0.69 6.50
CA GLU A 69 9.68 1.22 7.38
C GLU A 69 8.64 1.99 6.59
N GLY A 70 9.08 2.68 5.55
CA GLY A 70 8.16 3.46 4.73
C GLY A 70 7.19 2.59 3.97
N ILE A 71 7.72 1.60 3.24
CA ILE A 71 6.88 0.69 2.47
C ILE A 71 5.82 0.03 3.35
N GLU A 72 6.26 -0.48 4.49
CA GLU A 72 5.34 -1.15 5.42
C GLU A 72 4.18 -0.23 5.77
N LYS A 73 4.48 1.03 6.04
CA LYS A 73 3.45 2.01 6.39
C LYS A 73 2.41 2.11 5.27
N ALA A 74 2.87 2.37 4.06
CA ALA A 74 1.98 2.49 2.91
C ALA A 74 1.26 1.18 2.63
N ARG A 75 1.94 0.07 2.88
CA ARG A 75 1.36 -1.25 2.64
C ARG A 75 0.25 -1.53 3.64
N HIS A 76 0.42 -1.07 4.87
CA HIS A 76 -0.57 -1.28 5.92
C HIS A 76 -1.81 -0.42 5.66
N GLU A 77 -1.60 0.77 5.09
CA GLU A 77 -2.69 1.68 4.80
C GLU A 77 -3.46 1.23 3.56
N VAL A 78 -2.73 0.98 2.48
CA VAL A 78 -3.33 0.54 1.23
C VAL A 78 -4.16 -0.73 1.44
N LEU A 79 -3.65 -1.62 2.28
CA LEU A 79 -4.34 -2.87 2.56
C LEU A 79 -5.56 -2.64 3.44
N LEU A 80 -5.42 -1.75 4.42
CA LEU A 80 -6.50 -1.44 5.35
C LEU A 80 -7.70 -0.86 4.59
N ILE A 81 -7.42 0.01 3.63
CA ILE A 81 -8.47 0.63 2.83
C ILE A 81 -9.13 -0.39 1.91
N SER A 82 -8.32 -1.13 1.18
CA SER A 82 -8.82 -2.14 0.25
C SER A 82 -9.64 -3.19 0.99
N ALA A 83 -9.16 -3.61 2.15
CA ALA A 83 -9.85 -4.60 2.95
C ALA A 83 -11.26 -4.15 3.29
N GLU A 84 -11.36 -2.97 3.92
CA GLU A 84 -12.66 -2.42 4.30
C GLU A 84 -13.66 -2.56 3.17
N GLN A 85 -13.23 -2.24 1.96
CA GLN A 85 -14.09 -2.32 0.78
C GLN A 85 -14.70 -3.71 0.65
N ASP A 86 -13.89 -4.74 0.90
CA ASP A 86 -14.35 -6.12 0.81
C ASP A 86 -15.47 -6.38 1.82
N LYS A 87 -15.38 -5.73 2.98
CA LYS A 87 -16.38 -5.89 4.02
C LYS A 87 -17.71 -5.27 3.62
N ARG A 88 -17.63 -4.14 2.91
CA ARG A 88 -18.82 -3.44 2.46
C ARG A 88 -19.85 -4.43 1.91
N SER A 89 -19.42 -5.30 1.00
CA SER A 89 -20.30 -6.28 0.40
C SER A 89 -19.54 -7.57 0.08
N GLY A 90 -19.88 -8.64 0.79
CA GLY A 90 -19.22 -9.92 0.56
C GLY A 90 -20.16 -11.10 0.77
N PRO A 91 -19.58 -12.27 1.05
CA PRO A 91 -20.35 -13.50 1.27
C PRO A 91 -21.14 -13.46 2.57
N SER A 92 -22.39 -13.03 2.49
CA SER A 92 -23.25 -12.94 3.66
C SER A 92 -22.47 -12.44 4.87
N SER A 93 -21.61 -11.45 4.65
CA SER A 93 -20.79 -10.90 5.72
C SER A 93 -21.33 -9.54 6.15
N GLY A 94 -21.38 -9.31 7.46
CA GLY A 94 -21.87 -8.05 7.98
C GLY A 94 -20.77 -7.21 8.61
N GLY A 1 -4.10 -16.03 17.24
CA GLY A 1 -5.45 -15.95 17.79
C GLY A 1 -5.50 -16.20 19.28
N SER A 2 -5.54 -17.47 19.66
CA SER A 2 -5.58 -17.85 21.07
C SER A 2 -4.18 -17.93 21.66
N SER A 3 -3.28 -18.60 20.95
CA SER A 3 -1.91 -18.76 21.41
C SER A 3 -1.14 -17.45 21.27
N GLY A 4 -1.16 -16.89 20.06
CA GLY A 4 -0.46 -15.64 19.81
C GLY A 4 0.86 -15.85 19.10
N SER A 5 0.86 -15.69 17.79
CA SER A 5 2.07 -15.87 16.99
C SER A 5 3.30 -15.34 17.73
N SER A 6 4.21 -16.24 18.05
CA SER A 6 5.43 -15.88 18.77
C SER A 6 6.66 -16.10 17.90
N GLY A 7 7.53 -15.10 17.85
CA GLY A 7 8.74 -15.20 17.04
C GLY A 7 8.88 -14.04 16.07
N ASP A 8 10.12 -13.61 15.86
CA ASP A 8 10.39 -12.50 14.95
C ASP A 8 11.64 -12.78 14.12
N ILE A 9 11.48 -12.83 12.81
CA ILE A 9 12.60 -13.08 11.91
C ILE A 9 13.36 -11.80 11.59
N VAL A 10 14.69 -11.89 11.64
CA VAL A 10 15.54 -10.73 11.37
C VAL A 10 16.42 -10.98 10.15
N ALA A 11 16.66 -9.93 9.38
CA ALA A 11 17.51 -10.04 8.19
C ALA A 11 17.79 -8.66 7.59
N ARG A 12 19.05 -8.24 7.66
CA ARG A 12 19.45 -6.94 7.12
C ARG A 12 18.97 -6.78 5.69
N LEU A 13 19.18 -5.59 5.13
CA LEU A 13 18.77 -5.31 3.76
C LEU A 13 19.98 -5.00 2.88
N GLN A 14 20.08 -5.71 1.76
CA GLN A 14 21.20 -5.52 0.84
C GLN A 14 21.08 -4.18 0.11
N THR A 15 19.89 -3.88 -0.39
CA THR A 15 19.65 -2.62 -1.10
C THR A 15 18.17 -2.27 -1.09
N GLN A 16 17.83 -1.14 -1.72
CA GLN A 16 16.44 -0.69 -1.79
C GLN A 16 15.50 -1.86 -2.06
N ALA A 17 14.38 -1.87 -1.33
CA ALA A 17 13.39 -2.93 -1.49
C ALA A 17 12.11 -2.40 -2.10
N SER A 18 11.38 -3.27 -2.80
CA SER A 18 10.14 -2.89 -3.45
C SER A 18 9.10 -4.00 -3.34
N ALA A 19 7.91 -3.65 -2.87
CA ALA A 19 6.83 -4.62 -2.72
C ALA A 19 5.59 -4.20 -3.49
N THR A 20 4.62 -5.09 -3.58
CA THR A 20 3.38 -4.81 -4.30
C THR A 20 2.17 -5.34 -3.54
N VAL A 21 0.99 -4.79 -3.85
CA VAL A 21 -0.24 -5.22 -3.21
C VAL A 21 -1.35 -5.45 -4.22
N ALA A 22 -1.67 -6.73 -4.45
CA ALA A 22 -2.71 -7.09 -5.41
C ALA A 22 -4.08 -6.58 -4.94
N ILE A 23 -4.66 -5.68 -5.73
CA ILE A 23 -5.97 -5.12 -5.40
C ILE A 23 -6.78 -4.83 -6.66
N PRO A 24 -8.11 -4.80 -6.52
CA PRO A 24 -9.02 -4.54 -7.64
C PRO A 24 -8.95 -3.10 -8.11
N LYS A 25 -8.98 -2.91 -9.43
CA LYS A 25 -8.92 -1.58 -10.02
C LYS A 25 -9.95 -0.65 -9.37
N GLU A 26 -10.93 -1.24 -8.70
CA GLU A 26 -11.98 -0.46 -8.05
C GLU A 26 -11.44 0.19 -6.78
N HIS A 27 -10.52 -0.48 -6.10
CA HIS A 27 -9.93 0.03 -4.88
C HIS A 27 -8.75 0.96 -5.19
N HIS A 28 -8.30 0.94 -6.44
CA HIS A 28 -7.19 1.78 -6.86
C HIS A 28 -7.53 3.25 -6.72
N ARG A 29 -8.76 3.61 -7.11
CA ARG A 29 -9.21 5.00 -7.02
C ARG A 29 -9.33 5.45 -5.58
N PHE A 30 -9.41 4.48 -4.67
CA PHE A 30 -9.52 4.78 -3.25
C PHE A 30 -8.16 5.13 -2.66
N VAL A 31 -7.10 4.60 -3.26
CA VAL A 31 -5.75 4.85 -2.80
C VAL A 31 -5.23 6.18 -3.31
N ILE A 32 -5.66 6.56 -4.51
CA ILE A 32 -5.24 7.81 -5.13
C ILE A 32 -5.88 9.00 -4.44
N GLY A 33 -7.18 8.89 -4.17
CA GLY A 33 -7.90 9.97 -3.51
C GLY A 33 -9.09 10.45 -4.33
N LYS A 34 -9.99 11.18 -3.68
CA LYS A 34 -11.17 11.70 -4.34
C LYS A 34 -10.85 12.14 -5.76
N ASN A 35 -9.96 13.11 -5.89
CA ASN A 35 -9.55 13.63 -7.19
C ASN A 35 -8.10 13.27 -7.50
N GLY A 36 -7.27 13.26 -6.46
CA GLY A 36 -5.87 12.92 -6.63
C GLY A 36 -4.98 13.61 -5.62
N GLU A 37 -5.27 13.37 -4.33
CA GLU A 37 -4.48 13.97 -3.26
C GLU A 37 -4.05 12.92 -2.25
N LYS A 38 -4.98 12.04 -1.88
CA LYS A 38 -4.70 10.98 -0.91
C LYS A 38 -3.32 10.38 -1.15
N LEU A 39 -3.09 9.89 -2.35
CA LEU A 39 -1.81 9.29 -2.71
C LEU A 39 -0.66 10.25 -2.42
N GLN A 40 -0.84 11.51 -2.80
CA GLN A 40 0.18 12.53 -2.58
C GLN A 40 0.66 12.51 -1.13
N ASP A 41 -0.27 12.67 -0.20
CA ASP A 41 0.06 12.68 1.22
C ASP A 41 0.78 11.39 1.61
N LEU A 42 0.26 10.26 1.15
CA LEU A 42 0.84 8.96 1.44
C LEU A 42 2.31 8.92 1.04
N GLU A 43 2.57 9.13 -0.26
CA GLU A 43 3.92 9.11 -0.77
C GLU A 43 4.88 9.84 0.17
N LEU A 44 4.41 10.95 0.73
CA LEU A 44 5.21 11.74 1.65
C LEU A 44 5.28 11.08 3.03
N LYS A 45 4.15 11.02 3.70
CA LYS A 45 4.07 10.41 5.02
C LYS A 45 4.92 9.15 5.09
N THR A 46 4.94 8.40 3.99
CA THR A 46 5.72 7.17 3.92
C THR A 46 7.03 7.38 3.17
N ALA A 47 7.11 8.48 2.42
CA ALA A 47 8.31 8.80 1.66
C ALA A 47 8.66 7.68 0.70
N THR A 48 7.64 7.02 0.16
CA THR A 48 7.85 5.92 -0.78
C THR A 48 7.43 6.32 -2.19
N LYS A 49 7.69 5.44 -3.15
CA LYS A 49 7.35 5.69 -4.54
C LYS A 49 6.20 4.80 -4.99
N ILE A 50 4.97 5.25 -4.74
CA ILE A 50 3.79 4.49 -5.12
C ILE A 50 3.49 4.65 -6.61
N GLN A 51 3.48 3.52 -7.32
CA GLN A 51 3.21 3.54 -8.75
C GLN A 51 1.99 2.68 -9.09
N ILE A 52 0.91 3.32 -9.53
CA ILE A 52 -0.31 2.61 -9.88
C ILE A 52 -0.37 2.34 -11.38
N PRO A 53 -0.82 1.12 -11.74
CA PRO A 53 -0.95 0.71 -13.14
C PRO A 53 -2.07 1.44 -13.86
N ARG A 54 -1.91 1.61 -15.17
CA ARG A 54 -2.92 2.29 -15.98
C ARG A 54 -4.26 1.56 -15.91
N PRO A 55 -5.35 2.30 -16.17
CA PRO A 55 -6.70 1.74 -16.15
C PRO A 55 -6.96 0.79 -17.32
N ASP A 56 -6.02 0.76 -18.27
CA ASP A 56 -6.15 -0.10 -19.44
C ASP A 56 -5.25 -1.32 -19.30
N ASP A 57 -4.22 -1.20 -18.47
CA ASP A 57 -3.29 -2.31 -18.25
C ASP A 57 -3.90 -3.38 -17.37
N PRO A 58 -3.62 -4.65 -17.70
CA PRO A 58 -4.15 -5.80 -16.95
C PRO A 58 -3.52 -5.92 -15.57
N SER A 59 -2.61 -5.00 -15.24
CA SER A 59 -1.94 -5.00 -13.95
C SER A 59 -2.73 -4.17 -12.93
N ASN A 60 -3.27 -4.85 -11.93
CA ASN A 60 -4.04 -4.17 -10.88
C ASN A 60 -3.32 -4.26 -9.54
N GLN A 61 -2.00 -4.41 -9.58
CA GLN A 61 -1.21 -4.50 -8.37
C GLN A 61 -0.37 -3.24 -8.17
N ILE A 62 -0.57 -2.59 -7.03
CA ILE A 62 0.18 -1.36 -6.72
C ILE A 62 1.61 -1.68 -6.33
N LYS A 63 2.52 -0.75 -6.62
CA LYS A 63 3.93 -0.91 -6.29
C LYS A 63 4.37 0.10 -5.24
N ILE A 64 5.19 -0.37 -4.30
CA ILE A 64 5.69 0.49 -3.23
C ILE A 64 7.19 0.27 -3.01
N THR A 65 7.98 1.29 -3.27
CA THR A 65 9.42 1.22 -3.10
C THR A 65 9.91 2.27 -2.10
N GLY A 66 11.00 1.95 -1.40
CA GLY A 66 11.55 2.87 -0.42
C GLY A 66 12.23 2.16 0.73
N THR A 67 12.11 2.73 1.93
CA THR A 67 12.71 2.14 3.11
C THR A 67 11.86 1.00 3.66
N LYS A 68 12.46 0.18 4.53
CA LYS A 68 11.76 -0.94 5.13
C LYS A 68 10.60 -0.46 6.00
N GLU A 69 10.71 0.77 6.48
CA GLU A 69 9.66 1.35 7.33
C GLU A 69 8.65 2.12 6.48
N GLY A 70 9.14 2.79 5.44
CA GLY A 70 8.26 3.55 4.57
C GLY A 70 7.26 2.68 3.84
N ILE A 71 7.78 1.70 3.11
CA ILE A 71 6.93 0.79 2.35
C ILE A 71 5.88 0.13 3.25
N GLU A 72 6.33 -0.36 4.39
CA GLU A 72 5.44 -1.02 5.35
C GLU A 72 4.24 -0.13 5.66
N LYS A 73 4.51 1.14 5.95
CA LYS A 73 3.46 2.10 6.27
C LYS A 73 2.42 2.16 5.16
N ALA A 74 2.89 2.42 3.93
CA ALA A 74 2.00 2.50 2.78
C ALA A 74 1.29 1.17 2.53
N ARG A 75 2.00 0.07 2.78
CA ARG A 75 1.44 -1.26 2.60
C ARG A 75 0.33 -1.54 3.61
N HIS A 76 0.56 -1.13 4.85
CA HIS A 76 -0.42 -1.33 5.92
C HIS A 76 -1.64 -0.44 5.71
N GLU A 77 -1.43 0.69 5.05
CA GLU A 77 -2.53 1.62 4.78
C GLU A 77 -3.32 1.21 3.55
N VAL A 78 -2.60 0.94 2.46
CA VAL A 78 -3.23 0.53 1.22
C VAL A 78 -4.05 -0.75 1.40
N LEU A 79 -3.54 -1.65 2.23
CA LEU A 79 -4.22 -2.92 2.50
C LEU A 79 -5.45 -2.68 3.37
N LEU A 80 -5.31 -1.84 4.37
CA LEU A 80 -6.42 -1.54 5.28
C LEU A 80 -7.61 -0.99 4.50
N ILE A 81 -7.38 0.05 3.70
CA ILE A 81 -8.43 0.67 2.91
C ILE A 81 -9.05 -0.34 1.95
N SER A 82 -8.20 -0.99 1.16
CA SER A 82 -8.66 -1.97 0.18
C SER A 82 -9.51 -3.05 0.86
N ALA A 83 -9.11 -3.42 2.08
CA ALA A 83 -9.82 -4.44 2.83
C ALA A 83 -11.22 -3.99 3.19
N GLU A 84 -11.32 -2.81 3.81
CA GLU A 84 -12.62 -2.26 4.20
C GLU A 84 -13.62 -2.37 3.06
N GLN A 85 -13.16 -2.09 1.85
CA GLN A 85 -14.02 -2.15 0.67
C GLN A 85 -14.64 -3.54 0.51
N ASP A 86 -13.81 -4.56 0.66
CA ASP A 86 -14.27 -5.94 0.53
C ASP A 86 -15.62 -6.12 1.21
N LYS A 87 -15.77 -5.53 2.39
CA LYS A 87 -17.02 -5.63 3.14
C LYS A 87 -18.17 -4.99 2.37
N ARG A 88 -17.97 -3.76 1.90
CA ARG A 88 -18.99 -3.05 1.15
C ARG A 88 -18.86 -3.33 -0.35
N SER A 89 -19.54 -4.39 -0.80
CA SER A 89 -19.49 -4.77 -2.21
C SER A 89 -20.70 -5.62 -2.57
N GLY A 90 -20.89 -5.85 -3.87
CA GLY A 90 -22.01 -6.63 -4.33
C GLY A 90 -23.25 -5.80 -4.58
N PRO A 91 -24.34 -6.46 -4.98
CA PRO A 91 -25.62 -5.79 -5.26
C PRO A 91 -26.29 -5.26 -3.99
N SER A 92 -25.83 -5.76 -2.84
CA SER A 92 -26.40 -5.34 -1.56
C SER A 92 -26.20 -3.84 -1.35
N SER A 93 -27.20 -3.21 -0.74
CA SER A 93 -27.14 -1.77 -0.47
C SER A 93 -26.39 -1.48 0.82
N GLY A 94 -25.53 -0.47 0.77
CA GLY A 94 -24.75 -0.10 1.94
C GLY A 94 -23.52 -0.95 2.10
N GLY A 1 -11.08 -13.19 -16.86
CA GLY A 1 -10.18 -14.07 -16.14
C GLY A 1 -8.98 -13.35 -15.57
N SER A 2 -8.49 -13.82 -14.43
CA SER A 2 -7.34 -13.21 -13.79
C SER A 2 -6.85 -14.05 -12.62
N SER A 3 -5.66 -13.75 -12.12
CA SER A 3 -5.08 -14.48 -11.00
C SER A 3 -4.07 -13.62 -10.25
N GLY A 4 -3.53 -14.17 -9.17
CA GLY A 4 -2.55 -13.44 -8.37
C GLY A 4 -1.49 -14.34 -7.79
N SER A 5 -0.75 -13.83 -6.81
CA SER A 5 0.31 -14.61 -6.16
C SER A 5 0.62 -14.05 -4.78
N SER A 6 1.47 -14.75 -4.04
CA SER A 6 1.85 -14.33 -2.70
C SER A 6 3.33 -14.63 -2.43
N GLY A 7 3.92 -13.88 -1.51
CA GLY A 7 5.32 -14.09 -1.17
C GLY A 7 6.03 -12.79 -0.83
N ASP A 8 6.19 -12.52 0.46
CA ASP A 8 6.86 -11.32 0.91
C ASP A 8 8.06 -11.66 1.81
N ILE A 9 9.22 -11.81 1.18
CA ILE A 9 10.44 -12.13 1.92
C ILE A 9 11.25 -10.88 2.23
N VAL A 10 11.48 -10.64 3.52
CA VAL A 10 12.23 -9.46 3.95
C VAL A 10 13.47 -9.87 4.75
N ALA A 11 14.63 -9.37 4.33
CA ALA A 11 15.88 -9.68 5.01
C ALA A 11 16.88 -8.54 4.87
N ARG A 12 17.99 -8.65 5.58
CA ARG A 12 19.03 -7.62 5.54
C ARG A 12 19.51 -7.40 4.10
N LEU A 13 19.19 -6.24 3.55
CA LEU A 13 19.59 -5.90 2.19
C LEU A 13 20.00 -4.44 2.08
N GLN A 14 21.18 -4.19 1.52
CA GLN A 14 21.69 -2.83 1.37
C GLN A 14 20.94 -2.10 0.26
N THR A 15 20.81 -2.75 -0.90
CA THR A 15 20.13 -2.16 -2.04
C THR A 15 18.66 -1.87 -1.71
N GLN A 16 18.09 -0.87 -2.36
CA GLN A 16 16.70 -0.50 -2.14
C GLN A 16 15.77 -1.68 -2.39
N ALA A 17 14.65 -1.70 -1.68
CA ALA A 17 13.67 -2.78 -1.83
C ALA A 17 12.31 -2.23 -2.21
N SER A 18 11.45 -3.10 -2.74
CA SER A 18 10.10 -2.71 -3.15
C SER A 18 9.13 -3.87 -3.02
N ALA A 19 7.85 -3.54 -2.89
CA ALA A 19 6.81 -4.56 -2.75
C ALA A 19 5.56 -4.17 -3.53
N THR A 20 4.63 -5.12 -3.65
CA THR A 20 3.38 -4.86 -4.36
C THR A 20 2.19 -5.48 -3.63
N VAL A 21 1.00 -4.94 -3.87
CA VAL A 21 -0.21 -5.43 -3.23
C VAL A 21 -1.33 -5.62 -4.25
N ALA A 22 -1.66 -6.88 -4.53
CA ALA A 22 -2.71 -7.20 -5.48
C ALA A 22 -4.06 -6.69 -5.00
N ILE A 23 -4.62 -5.73 -5.75
CA ILE A 23 -5.92 -5.16 -5.40
C ILE A 23 -6.75 -4.89 -6.65
N PRO A 24 -8.07 -4.85 -6.48
CA PRO A 24 -9.02 -4.59 -7.57
C PRO A 24 -8.93 -3.14 -8.07
N LYS A 25 -8.97 -2.98 -9.40
CA LYS A 25 -8.91 -1.66 -10.00
C LYS A 25 -9.94 -0.72 -9.38
N GLU A 26 -10.92 -1.30 -8.69
CA GLU A 26 -11.97 -0.52 -8.05
C GLU A 26 -11.45 0.14 -6.77
N HIS A 27 -10.52 -0.52 -6.10
CA HIS A 27 -9.95 0.00 -4.87
C HIS A 27 -8.75 0.89 -5.16
N HIS A 28 -8.29 0.86 -6.41
CA HIS A 28 -7.15 1.67 -6.82
C HIS A 28 -7.46 3.16 -6.66
N ARG A 29 -8.66 3.57 -7.05
CA ARG A 29 -9.07 4.96 -6.95
C ARG A 29 -9.08 5.42 -5.48
N PHE A 30 -9.50 4.52 -4.59
CA PHE A 30 -9.55 4.83 -3.17
C PHE A 30 -8.16 5.15 -2.63
N VAL A 31 -7.15 4.52 -3.20
CA VAL A 31 -5.77 4.73 -2.77
C VAL A 31 -5.24 6.07 -3.29
N ILE A 32 -5.68 6.46 -4.47
CA ILE A 32 -5.26 7.71 -5.07
C ILE A 32 -5.89 8.91 -4.36
N GLY A 33 -7.19 8.81 -4.10
CA GLY A 33 -7.89 9.89 -3.42
C GLY A 33 -9.09 10.38 -4.21
N LYS A 34 -10.03 11.00 -3.51
CA LYS A 34 -11.23 11.53 -4.16
C LYS A 34 -10.86 12.37 -5.38
N ASN A 35 -10.10 13.43 -5.15
CA ASN A 35 -9.68 14.32 -6.24
C ASN A 35 -8.19 14.19 -6.50
N GLY A 36 -7.55 13.23 -5.83
CA GLY A 36 -6.13 13.01 -6.00
C GLY A 36 -5.30 13.68 -4.92
N GLU A 37 -5.49 13.24 -3.68
CA GLU A 37 -4.75 13.80 -2.55
C GLU A 37 -4.18 12.69 -1.67
N LYS A 38 -4.94 11.61 -1.53
CA LYS A 38 -4.52 10.48 -0.70
C LYS A 38 -3.11 10.04 -1.08
N LEU A 39 -2.96 9.53 -2.30
CA LEU A 39 -1.66 9.06 -2.79
C LEU A 39 -0.56 10.07 -2.44
N GLN A 40 -0.86 11.34 -2.65
CA GLN A 40 0.10 12.41 -2.35
C GLN A 40 0.54 12.35 -0.89
N ASP A 41 -0.43 12.43 0.02
CA ASP A 41 -0.14 12.40 1.44
C ASP A 41 0.60 11.11 1.82
N LEU A 42 0.16 10.01 1.24
CA LEU A 42 0.77 8.70 1.51
C LEU A 42 2.24 8.70 1.10
N GLU A 43 2.50 9.08 -0.14
CA GLU A 43 3.86 9.12 -0.66
C GLU A 43 4.78 9.87 0.30
N LEU A 44 4.28 10.98 0.85
CA LEU A 44 5.06 11.79 1.78
C LEU A 44 5.15 11.12 3.15
N LYS A 45 4.01 10.99 3.81
CA LYS A 45 3.95 10.36 5.13
C LYS A 45 4.79 9.09 5.16
N THR A 46 4.82 8.38 4.03
CA THR A 46 5.59 7.14 3.94
C THR A 46 6.92 7.38 3.22
N ALA A 47 7.00 8.48 2.49
CA ALA A 47 8.23 8.83 1.77
C ALA A 47 8.61 7.72 0.78
N THR A 48 7.59 7.09 0.20
CA THR A 48 7.82 6.01 -0.75
C THR A 48 7.41 6.43 -2.16
N LYS A 49 7.71 5.58 -3.14
CA LYS A 49 7.37 5.87 -4.53
C LYS A 49 6.27 4.94 -5.02
N ILE A 50 5.02 5.30 -4.73
CA ILE A 50 3.88 4.49 -5.15
C ILE A 50 3.65 4.60 -6.65
N GLN A 51 3.31 3.47 -7.27
CA GLN A 51 3.06 3.44 -8.71
C GLN A 51 1.81 2.62 -9.03
N ILE A 52 0.79 3.29 -9.58
CA ILE A 52 -0.45 2.63 -9.93
C ILE A 52 -0.54 2.39 -11.43
N PRO A 53 -0.95 1.17 -11.82
CA PRO A 53 -1.09 0.79 -13.23
C PRO A 53 -2.25 1.51 -13.90
N ARG A 54 -2.16 1.66 -15.22
CA ARG A 54 -3.20 2.32 -15.99
C ARG A 54 -4.52 1.55 -15.93
N PRO A 55 -5.64 2.24 -16.19
CA PRO A 55 -6.97 1.63 -16.17
C PRO A 55 -7.18 0.65 -17.32
N ASP A 56 -6.33 0.74 -18.33
CA ASP A 56 -6.41 -0.14 -19.49
C ASP A 56 -5.48 -1.33 -19.35
N ASP A 57 -4.42 -1.16 -18.54
CA ASP A 57 -3.45 -2.22 -18.32
C ASP A 57 -4.05 -3.33 -17.46
N PRO A 58 -3.72 -4.59 -17.80
CA PRO A 58 -4.20 -5.76 -17.07
C PRO A 58 -3.60 -5.87 -15.67
N SER A 59 -2.72 -4.93 -15.34
CA SER A 59 -2.06 -4.93 -14.04
C SER A 59 -2.90 -4.16 -13.02
N ASN A 60 -3.26 -4.84 -11.94
CA ASN A 60 -4.06 -4.21 -10.88
C ASN A 60 -3.35 -4.31 -9.53
N GLN A 61 -2.02 -4.42 -9.58
CA GLN A 61 -1.22 -4.51 -8.37
C GLN A 61 -0.36 -3.26 -8.18
N ILE A 62 -0.57 -2.57 -7.07
CA ILE A 62 0.19 -1.36 -6.77
C ILE A 62 1.62 -1.69 -6.37
N LYS A 63 2.54 -0.78 -6.68
CA LYS A 63 3.94 -0.97 -6.35
C LYS A 63 4.42 0.07 -5.34
N ILE A 64 5.23 -0.37 -4.38
CA ILE A 64 5.76 0.53 -3.36
C ILE A 64 7.26 0.34 -3.18
N THR A 65 8.01 1.42 -3.36
CA THR A 65 9.47 1.37 -3.21
C THR A 65 9.94 2.34 -2.13
N GLY A 66 10.97 1.95 -1.39
CA GLY A 66 11.50 2.79 -0.34
C GLY A 66 12.18 2.00 0.75
N THR A 67 12.04 2.45 1.99
CA THR A 67 12.65 1.78 3.13
C THR A 67 11.66 0.80 3.78
N LYS A 68 12.19 -0.28 4.33
CA LYS A 68 11.37 -1.28 4.99
C LYS A 68 10.26 -0.63 5.81
N GLU A 69 10.56 0.52 6.40
CA GLU A 69 9.59 1.24 7.21
C GLU A 69 8.58 1.97 6.33
N GLY A 70 9.08 2.88 5.49
CA GLY A 70 8.20 3.62 4.60
C GLY A 70 7.23 2.73 3.85
N ILE A 71 7.79 1.76 3.12
CA ILE A 71 6.97 0.83 2.35
C ILE A 71 5.90 0.18 3.22
N GLU A 72 6.29 -0.21 4.43
CA GLU A 72 5.37 -0.84 5.36
C GLU A 72 4.14 0.04 5.60
N LYS A 73 4.38 1.25 6.09
CA LYS A 73 3.30 2.19 6.36
C LYS A 73 2.33 2.28 5.18
N ALA A 74 2.89 2.49 3.98
CA ALA A 74 2.08 2.59 2.78
C ALA A 74 1.34 1.28 2.50
N ARG A 75 2.04 0.17 2.71
CA ARG A 75 1.45 -1.15 2.48
C ARG A 75 0.34 -1.44 3.50
N HIS A 76 0.49 -0.87 4.69
CA HIS A 76 -0.49 -1.07 5.75
C HIS A 76 -1.72 -0.19 5.52
N GLU A 77 -1.50 0.98 4.92
CA GLU A 77 -2.59 1.90 4.65
C GLU A 77 -3.37 1.48 3.40
N VAL A 78 -2.64 1.12 2.35
CA VAL A 78 -3.26 0.70 1.10
C VAL A 78 -4.07 -0.58 1.30
N LEU A 79 -3.59 -1.44 2.18
CA LEU A 79 -4.27 -2.70 2.46
C LEU A 79 -5.49 -2.48 3.34
N LEU A 80 -5.33 -1.65 4.37
CA LEU A 80 -6.42 -1.34 5.29
C LEU A 80 -7.60 -0.74 4.54
N ILE A 81 -7.32 0.19 3.64
CA ILE A 81 -8.36 0.84 2.85
C ILE A 81 -8.99 -0.13 1.86
N SER A 82 -8.15 -0.92 1.19
CA SER A 82 -8.62 -1.88 0.20
C SER A 82 -9.46 -2.97 0.88
N ALA A 83 -9.04 -3.38 2.07
CA ALA A 83 -9.76 -4.41 2.81
C ALA A 83 -11.16 -3.96 3.17
N GLU A 84 -11.25 -2.80 3.84
CA GLU A 84 -12.54 -2.26 4.24
C GLU A 84 -13.57 -2.40 3.13
N GLN A 85 -13.19 -2.01 1.92
CA GLN A 85 -14.08 -2.11 0.77
C GLN A 85 -14.69 -3.50 0.66
N ASP A 86 -13.83 -4.52 0.65
CA ASP A 86 -14.28 -5.90 0.55
C ASP A 86 -15.51 -6.13 1.42
N LYS A 87 -15.42 -5.73 2.69
CA LYS A 87 -16.52 -5.90 3.62
C LYS A 87 -17.80 -5.28 3.07
N ARG A 88 -17.71 -4.00 2.69
CA ARG A 88 -18.86 -3.28 2.15
C ARG A 88 -19.71 -4.20 1.28
N SER A 89 -21.01 -4.23 1.55
CA SER A 89 -21.94 -5.07 0.80
C SER A 89 -21.53 -5.14 -0.67
N GLY A 90 -21.49 -6.36 -1.21
CA GLY A 90 -21.11 -6.54 -2.60
C GLY A 90 -20.83 -7.99 -2.94
N PRO A 91 -21.87 -8.76 -3.24
CA PRO A 91 -21.76 -10.18 -3.58
C PRO A 91 -21.09 -10.39 -4.93
N SER A 92 -20.73 -9.30 -5.59
CA SER A 92 -20.09 -9.36 -6.91
C SER A 92 -19.07 -10.49 -6.94
N SER A 93 -18.75 -10.95 -8.15
CA SER A 93 -17.78 -12.03 -8.33
C SER A 93 -16.40 -11.61 -7.85
N GLY A 94 -15.68 -12.56 -7.26
CA GLY A 94 -14.34 -12.27 -6.76
C GLY A 94 -13.93 -13.20 -5.64
N GLY A 1 11.74 -10.99 -16.07
CA GLY A 1 12.75 -11.64 -15.27
C GLY A 1 12.45 -11.56 -13.78
N SER A 2 11.70 -12.52 -13.27
CA SER A 2 11.34 -12.54 -11.86
C SER A 2 11.20 -13.98 -11.36
N SER A 3 11.77 -14.24 -10.18
CA SER A 3 11.71 -15.58 -9.59
C SER A 3 12.02 -15.52 -8.10
N GLY A 4 11.67 -16.59 -7.39
CA GLY A 4 11.92 -16.64 -5.96
C GLY A 4 12.17 -18.06 -5.47
N SER A 5 13.32 -18.27 -4.84
CA SER A 5 13.68 -19.59 -4.32
C SER A 5 13.45 -19.66 -2.82
N SER A 6 13.73 -18.55 -2.13
CA SER A 6 13.56 -18.48 -0.68
C SER A 6 14.17 -19.71 -0.01
N GLY A 7 15.38 -20.07 -0.45
CA GLY A 7 16.05 -21.22 0.13
C GLY A 7 17.56 -21.08 0.09
N ASP A 8 18.09 -20.23 0.96
CA ASP A 8 19.53 -20.01 1.04
C ASP A 8 19.93 -19.40 2.37
N ILE A 9 21.12 -19.75 2.84
CA ILE A 9 21.61 -19.22 4.11
C ILE A 9 21.22 -17.76 4.30
N VAL A 10 20.64 -17.46 5.46
CA VAL A 10 20.22 -16.10 5.77
C VAL A 10 21.17 -15.07 5.15
N ALA A 11 20.61 -14.00 4.62
CA ALA A 11 21.40 -12.95 4.01
C ALA A 11 20.69 -11.59 4.07
N ARG A 12 21.40 -10.53 3.72
CA ARG A 12 20.83 -9.20 3.75
C ARG A 12 21.39 -8.35 2.61
N LEU A 13 20.61 -7.35 2.18
CA LEU A 13 21.03 -6.47 1.10
C LEU A 13 21.10 -5.02 1.57
N GLN A 14 21.64 -4.15 0.72
CA GLN A 14 21.77 -2.74 1.05
C GLN A 14 20.84 -1.89 0.19
N THR A 15 20.67 -2.30 -1.07
CA THR A 15 19.81 -1.59 -2.00
C THR A 15 18.43 -1.33 -1.39
N GLN A 16 17.60 -0.58 -2.11
CA GLN A 16 16.25 -0.28 -1.65
C GLN A 16 15.30 -1.44 -1.92
N ALA A 17 14.30 -1.59 -1.06
CA ALA A 17 13.33 -2.66 -1.21
C ALA A 17 12.08 -2.17 -1.93
N SER A 18 11.38 -3.09 -2.58
CA SER A 18 10.16 -2.75 -3.32
C SER A 18 9.15 -3.89 -3.27
N ALA A 19 7.96 -3.62 -2.74
CA ALA A 19 6.92 -4.63 -2.64
C ALA A 19 5.71 -4.24 -3.49
N THR A 20 4.73 -5.13 -3.54
CA THR A 20 3.51 -4.89 -4.32
C THR A 20 2.27 -5.36 -3.56
N VAL A 21 1.13 -4.74 -3.85
CA VAL A 21 -0.12 -5.10 -3.19
C VAL A 21 -1.20 -5.40 -4.22
N ALA A 22 -1.59 -6.67 -4.30
CA ALA A 22 -2.62 -7.10 -5.24
C ALA A 22 -4.00 -6.58 -4.82
N ILE A 23 -4.55 -5.66 -5.61
CA ILE A 23 -5.85 -5.10 -5.32
C ILE A 23 -6.62 -4.79 -6.60
N PRO A 24 -7.95 -4.72 -6.50
CA PRO A 24 -8.82 -4.43 -7.64
C PRO A 24 -8.70 -2.98 -8.10
N LYS A 25 -8.71 -2.78 -9.41
CA LYS A 25 -8.60 -1.44 -9.99
C LYS A 25 -9.65 -0.51 -9.39
N GLU A 26 -10.66 -1.09 -8.75
CA GLU A 26 -11.73 -0.31 -8.13
C GLU A 26 -11.26 0.32 -6.83
N HIS A 27 -10.33 -0.33 -6.16
CA HIS A 27 -9.80 0.18 -4.90
C HIS A 27 -8.63 1.13 -5.15
N HIS A 28 -8.09 1.09 -6.36
CA HIS A 28 -6.98 1.96 -6.73
C HIS A 28 -7.32 3.43 -6.51
N ARG A 29 -8.55 3.80 -6.87
CA ARG A 29 -9.01 5.17 -6.71
C ARG A 29 -9.04 5.57 -5.24
N PHE A 30 -9.41 4.63 -4.39
CA PHE A 30 -9.48 4.88 -2.95
C PHE A 30 -8.11 5.22 -2.39
N VAL A 31 -7.06 4.88 -3.14
CA VAL A 31 -5.70 5.15 -2.71
C VAL A 31 -5.20 6.49 -3.26
N ILE A 32 -5.90 6.99 -4.27
CA ILE A 32 -5.53 8.26 -4.89
C ILE A 32 -6.33 9.42 -4.28
N GLY A 33 -7.57 9.13 -3.88
CA GLY A 33 -8.41 10.15 -3.29
C GLY A 33 -9.49 10.64 -4.24
N LYS A 34 -10.45 11.39 -3.72
CA LYS A 34 -11.53 11.91 -4.53
C LYS A 34 -11.03 13.02 -5.45
N ASN A 35 -10.06 13.80 -4.98
CA ASN A 35 -9.50 14.88 -5.77
C ASN A 35 -8.07 14.57 -6.19
N GLY A 36 -7.51 13.51 -5.62
CA GLY A 36 -6.15 13.11 -5.94
C GLY A 36 -5.15 13.57 -4.91
N GLU A 37 -5.49 13.40 -3.64
CA GLU A 37 -4.62 13.80 -2.54
C GLU A 37 -4.25 12.60 -1.67
N LYS A 38 -5.01 11.53 -1.80
CA LYS A 38 -4.77 10.32 -1.03
C LYS A 38 -3.42 9.70 -1.39
N LEU A 39 -3.13 9.64 -2.69
CA LEU A 39 -1.87 9.08 -3.16
C LEU A 39 -0.71 9.99 -2.83
N GLN A 40 -0.87 11.29 -3.11
CA GLN A 40 0.16 12.27 -2.85
C GLN A 40 0.50 12.32 -1.36
N ASP A 41 -0.54 12.36 -0.53
CA ASP A 41 -0.35 12.42 0.92
C ASP A 41 0.36 11.16 1.42
N LEU A 42 0.01 10.01 0.84
CA LEU A 42 0.62 8.75 1.22
C LEU A 42 2.11 8.73 0.89
N GLU A 43 2.43 8.97 -0.38
CA GLU A 43 3.82 8.99 -0.83
C GLU A 43 4.66 9.92 0.04
N LEU A 44 3.99 10.81 0.77
CA LEU A 44 4.67 11.76 1.64
C LEU A 44 4.78 11.20 3.06
N LYS A 45 3.63 10.90 3.66
CA LYS A 45 3.60 10.36 5.01
C LYS A 45 4.56 9.19 5.17
N THR A 46 4.59 8.31 4.16
CA THR A 46 5.46 7.15 4.18
C THR A 46 6.78 7.44 3.47
N ALA A 47 6.77 8.47 2.63
CA ALA A 47 7.96 8.85 1.87
C ALA A 47 8.40 7.74 0.94
N THR A 48 7.43 7.08 0.30
CA THR A 48 7.72 5.99 -0.62
C THR A 48 7.35 6.37 -2.05
N LYS A 49 7.61 5.46 -2.99
CA LYS A 49 7.31 5.70 -4.39
C LYS A 49 6.19 4.77 -4.87
N ILE A 50 4.96 5.28 -4.85
CA ILE A 50 3.80 4.51 -5.28
C ILE A 50 3.59 4.63 -6.78
N GLN A 51 3.47 3.50 -7.46
CA GLN A 51 3.25 3.48 -8.89
C GLN A 51 1.97 2.74 -9.25
N ILE A 52 0.93 3.49 -9.59
CA ILE A 52 -0.36 2.90 -9.95
C ILE A 52 -0.45 2.66 -11.45
N PRO A 53 -0.79 1.42 -11.84
CA PRO A 53 -0.92 1.04 -13.25
C PRO A 53 -2.14 1.68 -13.91
N ARG A 54 -2.05 1.87 -15.22
CA ARG A 54 -3.13 2.48 -15.98
C ARG A 54 -4.41 1.65 -15.88
N PRO A 55 -5.57 2.30 -16.08
CA PRO A 55 -6.87 1.63 -16.01
C PRO A 55 -7.09 0.68 -17.17
N ASP A 56 -6.14 0.65 -18.11
CA ASP A 56 -6.23 -0.22 -19.27
C ASP A 56 -5.19 -1.34 -19.19
N ASP A 57 -4.32 -1.26 -18.21
CA ASP A 57 -3.28 -2.27 -18.02
C ASP A 57 -3.79 -3.43 -17.17
N PRO A 58 -3.39 -4.65 -17.54
CA PRO A 58 -3.79 -5.87 -16.83
C PRO A 58 -3.16 -5.97 -15.45
N SER A 59 -2.40 -4.95 -15.07
CA SER A 59 -1.74 -4.93 -13.77
C SER A 59 -2.56 -4.15 -12.76
N ASN A 60 -3.14 -4.85 -11.80
CA ASN A 60 -3.95 -4.22 -10.77
C ASN A 60 -3.22 -4.23 -9.42
N GLN A 61 -1.93 -4.55 -9.46
CA GLN A 61 -1.12 -4.59 -8.25
C GLN A 61 -0.25 -3.34 -8.13
N ILE A 62 -0.43 -2.61 -7.03
CA ILE A 62 0.34 -1.39 -6.79
C ILE A 62 1.77 -1.71 -6.40
N LYS A 63 2.69 -0.80 -6.71
CA LYS A 63 4.09 -0.99 -6.37
C LYS A 63 4.55 0.04 -5.34
N ILE A 64 5.20 -0.43 -4.29
CA ILE A 64 5.70 0.45 -3.24
C ILE A 64 7.19 0.25 -3.01
N THR A 65 7.96 1.32 -3.19
CA THR A 65 9.40 1.26 -3.01
C THR A 65 9.87 2.31 -2.00
N GLY A 66 10.90 1.97 -1.23
CA GLY A 66 11.43 2.89 -0.25
C GLY A 66 12.12 2.19 0.90
N THR A 67 12.02 2.76 2.10
CA THR A 67 12.64 2.18 3.28
C THR A 67 11.77 1.08 3.88
N LYS A 68 12.41 0.00 4.32
CA LYS A 68 11.69 -1.12 4.91
C LYS A 68 10.52 -0.63 5.76
N GLU A 69 10.66 0.56 6.33
CA GLU A 69 9.61 1.15 7.16
C GLU A 69 8.60 1.89 6.30
N GLY A 70 9.09 2.71 5.37
CA GLY A 70 8.22 3.47 4.49
C GLY A 70 7.24 2.58 3.75
N ILE A 71 7.77 1.57 3.07
CA ILE A 71 6.93 0.66 2.30
C ILE A 71 5.93 -0.05 3.20
N GLU A 72 6.39 -0.49 4.36
CA GLU A 72 5.53 -1.19 5.32
C GLU A 72 4.32 -0.33 5.67
N LYS A 73 4.57 0.92 6.01
CA LYS A 73 3.49 1.84 6.37
C LYS A 73 2.47 1.96 5.25
N ALA A 74 2.95 2.28 4.05
CA ALA A 74 2.09 2.42 2.89
C ALA A 74 1.36 1.12 2.59
N ARG A 75 2.04 0.00 2.79
CA ARG A 75 1.45 -1.32 2.54
C ARG A 75 0.32 -1.60 3.53
N HIS A 76 0.52 -1.21 4.79
CA HIS A 76 -0.48 -1.42 5.82
C HIS A 76 -1.70 -0.55 5.58
N GLU A 77 -1.47 0.67 5.09
CA GLU A 77 -2.56 1.61 4.82
C GLU A 77 -3.34 1.19 3.57
N VAL A 78 -2.61 0.94 2.48
CA VAL A 78 -3.22 0.53 1.23
C VAL A 78 -3.98 -0.78 1.39
N LEU A 79 -3.51 -1.62 2.31
CA LEU A 79 -4.15 -2.90 2.56
C LEU A 79 -5.38 -2.74 3.47
N LEU A 80 -5.26 -1.86 4.45
CA LEU A 80 -6.35 -1.61 5.38
C LEU A 80 -7.55 -1.00 4.66
N ILE A 81 -7.27 -0.01 3.81
CA ILE A 81 -8.33 0.66 3.06
C ILE A 81 -9.02 -0.30 2.10
N SER A 82 -8.25 -0.89 1.20
CA SER A 82 -8.79 -1.84 0.23
C SER A 82 -9.59 -2.93 0.92
N ALA A 83 -9.09 -3.39 2.07
CA ALA A 83 -9.76 -4.44 2.83
C ALA A 83 -11.15 -3.99 3.26
N GLU A 84 -11.23 -2.81 3.87
CA GLU A 84 -12.51 -2.28 4.33
C GLU A 84 -13.50 -2.15 3.17
N GLN A 85 -12.98 -1.96 1.97
CA GLN A 85 -13.82 -1.83 0.79
C GLN A 85 -14.58 -3.13 0.51
N ASP A 86 -13.89 -4.26 0.66
CA ASP A 86 -14.50 -5.57 0.43
C ASP A 86 -15.76 -5.74 1.28
N LYS A 87 -15.93 -4.86 2.26
CA LYS A 87 -17.09 -4.90 3.15
C LYS A 87 -18.14 -3.89 2.71
N ARG A 88 -17.83 -2.60 2.90
CA ARG A 88 -18.75 -1.54 2.53
C ARG A 88 -20.20 -1.96 2.77
N SER A 89 -20.44 -2.63 3.89
CA SER A 89 -21.78 -3.10 4.24
C SER A 89 -22.39 -2.25 5.34
N GLY A 90 -23.68 -1.96 5.22
CA GLY A 90 -24.35 -1.15 6.22
C GLY A 90 -23.88 0.30 6.21
N PRO A 91 -24.45 1.11 5.31
CA PRO A 91 -24.09 2.53 5.19
C PRO A 91 -24.57 3.35 6.38
N SER A 92 -25.70 2.95 6.96
CA SER A 92 -26.26 3.65 8.11
C SER A 92 -25.78 3.03 9.42
N SER A 93 -25.35 3.88 10.34
CA SER A 93 -24.86 3.41 11.63
C SER A 93 -25.92 3.58 12.71
N GLY A 94 -26.74 2.57 12.90
CA GLY A 94 -27.79 2.62 13.90
C GLY A 94 -29.08 1.97 13.43
N GLY A 1 4.25 -11.88 31.13
CA GLY A 1 5.29 -12.70 30.50
C GLY A 1 6.31 -11.87 29.77
N SER A 2 7.57 -12.28 29.85
CA SER A 2 8.65 -11.57 29.18
C SER A 2 9.46 -12.52 28.29
N SER A 3 10.25 -11.93 27.38
CA SER A 3 11.06 -12.72 26.47
C SER A 3 12.54 -12.62 26.84
N GLY A 4 13.04 -11.39 26.94
CA GLY A 4 14.43 -11.19 27.29
C GLY A 4 15.37 -11.47 26.14
N SER A 5 16.27 -10.53 25.87
CA SER A 5 17.23 -10.69 24.77
C SER A 5 18.55 -10.02 25.12
N SER A 6 19.65 -10.69 24.80
CA SER A 6 20.98 -10.18 25.08
C SER A 6 21.87 -10.27 23.84
N GLY A 7 22.78 -9.30 23.70
CA GLY A 7 23.67 -9.29 22.56
C GLY A 7 23.64 -7.98 21.80
N ASP A 8 24.24 -7.96 20.62
CA ASP A 8 24.27 -6.76 19.80
C ASP A 8 22.95 -6.56 19.06
N ILE A 9 22.76 -5.38 18.49
CA ILE A 9 21.54 -5.07 17.77
C ILE A 9 21.61 -5.58 16.33
N VAL A 10 20.49 -6.07 15.82
CA VAL A 10 20.43 -6.58 14.46
C VAL A 10 20.43 -5.45 13.44
N ALA A 11 21.54 -5.29 12.74
CA ALA A 11 21.67 -4.24 11.73
C ALA A 11 22.45 -4.73 10.52
N ARG A 12 21.82 -4.68 9.35
CA ARG A 12 22.45 -5.13 8.12
C ARG A 12 22.12 -4.18 6.97
N LEU A 13 23.12 -3.44 6.51
CA LEU A 13 22.93 -2.50 5.40
C LEU A 13 22.67 -3.24 4.09
N GLN A 14 21.75 -2.70 3.29
CA GLN A 14 21.41 -3.31 2.02
C GLN A 14 20.63 -2.33 1.15
N THR A 15 20.74 -2.50 -0.17
CA THR A 15 20.05 -1.64 -1.11
C THR A 15 18.58 -1.48 -0.74
N GLN A 16 17.86 -0.65 -1.50
CA GLN A 16 16.44 -0.42 -1.25
C GLN A 16 15.61 -1.61 -1.69
N ALA A 17 14.41 -1.73 -1.13
CA ALA A 17 13.51 -2.83 -1.47
C ALA A 17 12.22 -2.31 -2.10
N SER A 18 11.53 -3.18 -2.81
CA SER A 18 10.28 -2.81 -3.47
C SER A 18 9.27 -3.95 -3.42
N ALA A 19 8.06 -3.65 -2.95
CA ALA A 19 7.00 -4.65 -2.85
C ALA A 19 5.78 -4.23 -3.65
N THR A 20 4.79 -5.12 -3.71
CA THR A 20 3.55 -4.84 -4.44
C THR A 20 2.34 -5.33 -3.66
N VAL A 21 1.19 -4.71 -3.93
CA VAL A 21 -0.04 -5.08 -3.25
C VAL A 21 -1.17 -5.32 -4.26
N ALA A 22 -1.52 -6.58 -4.46
CA ALA A 22 -2.59 -6.94 -5.40
C ALA A 22 -3.93 -6.40 -4.93
N ILE A 23 -4.51 -5.49 -5.70
CA ILE A 23 -5.79 -4.90 -5.36
C ILE A 23 -6.65 -4.69 -6.60
N PRO A 24 -7.97 -4.64 -6.41
CA PRO A 24 -8.93 -4.43 -7.51
C PRO A 24 -8.85 -3.02 -8.09
N LYS A 25 -8.98 -2.92 -9.41
CA LYS A 25 -8.93 -1.63 -10.09
C LYS A 25 -9.93 -0.66 -9.48
N GLU A 26 -10.87 -1.19 -8.70
CA GLU A 26 -11.89 -0.37 -8.06
C GLU A 26 -11.33 0.33 -6.83
N HIS A 27 -10.34 -0.29 -6.21
CA HIS A 27 -9.71 0.27 -5.01
C HIS A 27 -8.56 1.20 -5.39
N HIS A 28 -8.06 1.05 -6.61
CA HIS A 28 -6.96 1.87 -7.09
C HIS A 28 -7.31 3.36 -7.01
N ARG A 29 -8.60 3.66 -7.09
CA ARG A 29 -9.08 5.04 -7.03
C ARG A 29 -9.24 5.48 -5.57
N PHE A 30 -9.41 4.52 -4.67
CA PHE A 30 -9.58 4.81 -3.26
C PHE A 30 -8.25 5.13 -2.59
N VAL A 31 -7.16 4.82 -3.30
CA VAL A 31 -5.82 5.08 -2.79
C VAL A 31 -5.27 6.41 -3.30
N ILE A 32 -5.71 6.79 -4.50
CA ILE A 32 -5.26 8.04 -5.10
C ILE A 32 -6.01 9.24 -4.51
N GLY A 33 -7.27 9.03 -4.15
CA GLY A 33 -8.06 10.09 -3.58
C GLY A 33 -9.07 10.66 -4.55
N LYS A 34 -10.32 10.75 -4.12
CA LYS A 34 -11.39 11.29 -4.96
C LYS A 34 -10.87 12.42 -5.84
N ASN A 35 -10.11 13.33 -5.24
CA ASN A 35 -9.55 14.46 -5.96
C ASN A 35 -8.11 14.20 -6.36
N GLY A 36 -7.46 13.27 -5.65
CA GLY A 36 -6.08 12.94 -5.95
C GLY A 36 -5.13 13.49 -4.90
N GLU A 37 -5.47 13.32 -3.63
CA GLU A 37 -4.63 13.80 -2.54
C GLU A 37 -4.23 12.66 -1.61
N LYS A 38 -4.93 11.54 -1.73
CA LYS A 38 -4.66 10.37 -0.89
C LYS A 38 -3.31 9.75 -1.27
N LEU A 39 -2.94 9.89 -2.54
CA LEU A 39 -1.68 9.34 -3.04
C LEU A 39 -0.51 10.25 -2.66
N GLN A 40 -0.67 11.54 -2.92
CA GLN A 40 0.38 12.52 -2.60
C GLN A 40 0.63 12.58 -1.11
N ASP A 41 -0.43 12.42 -0.32
CA ASP A 41 -0.31 12.45 1.14
C ASP A 41 0.32 11.17 1.66
N LEU A 42 0.09 10.06 0.96
CA LEU A 42 0.63 8.77 1.37
C LEU A 42 2.11 8.68 1.00
N GLU A 43 2.44 8.96 -0.25
CA GLU A 43 3.82 8.92 -0.72
C GLU A 43 4.73 9.73 0.19
N LEU A 44 4.16 10.73 0.84
CA LEU A 44 4.92 11.60 1.74
C LEU A 44 5.02 10.98 3.13
N LYS A 45 3.88 10.86 3.80
CA LYS A 45 3.84 10.28 5.14
C LYS A 45 4.70 9.02 5.21
N THR A 46 4.77 8.29 4.12
CA THR A 46 5.55 7.06 4.06
C THR A 46 6.89 7.31 3.36
N ALA A 47 6.98 8.40 2.61
CA ALA A 47 8.20 8.75 1.90
C ALA A 47 8.60 7.64 0.93
N THR A 48 7.60 7.02 0.30
CA THR A 48 7.85 5.95 -0.65
C THR A 48 7.48 6.37 -2.06
N LYS A 49 7.68 5.47 -3.02
CA LYS A 49 7.36 5.75 -4.42
C LYS A 49 6.24 4.84 -4.91
N ILE A 50 5.00 5.31 -4.78
CA ILE A 50 3.85 4.53 -5.21
C ILE A 50 3.64 4.66 -6.71
N GLN A 51 3.54 3.52 -7.38
CA GLN A 51 3.34 3.50 -8.84
C GLN A 51 2.09 2.71 -9.20
N ILE A 52 1.08 3.43 -9.70
CA ILE A 52 -0.18 2.79 -10.09
C ILE A 52 -0.26 2.61 -11.60
N PRO A 53 -0.69 1.42 -12.03
CA PRO A 53 -0.82 1.08 -13.45
C PRO A 53 -1.96 1.84 -14.12
N ARG A 54 -1.76 2.19 -15.39
CA ARG A 54 -2.79 2.93 -16.14
C ARG A 54 -4.15 2.26 -15.99
N PRO A 55 -5.22 3.03 -16.25
CA PRO A 55 -6.59 2.53 -16.15
C PRO A 55 -6.93 1.54 -17.26
N ASP A 56 -6.09 1.49 -18.28
CA ASP A 56 -6.30 0.58 -19.40
C ASP A 56 -5.42 -0.65 -19.27
N ASP A 57 -4.32 -0.52 -18.52
CA ASP A 57 -3.41 -1.63 -18.31
C ASP A 57 -4.04 -2.71 -17.43
N PRO A 58 -3.79 -3.98 -17.79
CA PRO A 58 -4.32 -5.12 -17.04
C PRO A 58 -3.68 -5.27 -15.66
N SER A 59 -2.74 -4.38 -15.35
CA SER A 59 -2.05 -4.42 -14.08
C SER A 59 -2.90 -3.78 -12.97
N ASN A 60 -3.21 -4.55 -11.95
CA ASN A 60 -4.01 -4.05 -10.84
C ASN A 60 -3.25 -4.17 -9.52
N GLN A 61 -1.93 -4.30 -9.61
CA GLN A 61 -1.08 -4.41 -8.43
C GLN A 61 -0.23 -3.16 -8.25
N ILE A 62 -0.40 -2.51 -7.10
CA ILE A 62 0.35 -1.29 -6.79
C ILE A 62 1.79 -1.62 -6.42
N LYS A 63 2.69 -0.70 -6.74
CA LYS A 63 4.11 -0.89 -6.44
C LYS A 63 4.58 0.11 -5.38
N ILE A 64 5.28 -0.40 -4.37
CA ILE A 64 5.80 0.45 -3.29
C ILE A 64 7.29 0.25 -3.10
N THR A 65 8.06 1.30 -3.33
CA THR A 65 9.51 1.24 -3.18
C THR A 65 10.01 2.27 -2.18
N GLY A 66 10.97 1.88 -1.35
CA GLY A 66 11.51 2.79 -0.36
C GLY A 66 12.20 2.05 0.77
N THR A 67 12.08 2.59 1.99
CA THR A 67 12.68 1.99 3.16
C THR A 67 11.82 0.86 3.72
N LYS A 68 12.41 0.06 4.59
CA LYS A 68 11.68 -1.06 5.20
C LYS A 68 10.53 -0.55 6.07
N GLU A 69 10.66 0.68 6.56
CA GLU A 69 9.63 1.27 7.40
C GLU A 69 8.63 2.05 6.54
N GLY A 70 9.12 2.74 5.53
CA GLY A 70 8.25 3.51 4.66
C GLY A 70 7.27 2.63 3.89
N ILE A 71 7.81 1.63 3.20
CA ILE A 71 6.97 0.72 2.42
C ILE A 71 5.93 0.05 3.30
N GLU A 72 6.32 -0.34 4.50
CA GLU A 72 5.41 -0.99 5.43
C GLU A 72 4.21 -0.09 5.73
N LYS A 73 4.48 1.16 6.06
CA LYS A 73 3.42 2.12 6.37
C LYS A 73 2.40 2.19 5.23
N ALA A 74 2.90 2.40 4.01
CA ALA A 74 2.03 2.49 2.84
C ALA A 74 1.33 1.16 2.57
N ARG A 75 2.07 0.07 2.79
CA ARG A 75 1.51 -1.26 2.57
C ARG A 75 0.37 -1.55 3.54
N HIS A 76 0.48 -1.01 4.75
CA HIS A 76 -0.54 -1.20 5.77
C HIS A 76 -1.79 -0.38 5.46
N GLU A 77 -1.58 0.83 4.96
CA GLU A 77 -2.68 1.72 4.63
C GLU A 77 -3.42 1.23 3.38
N VAL A 78 -2.66 0.96 2.31
CA VAL A 78 -3.23 0.48 1.06
C VAL A 78 -4.04 -0.79 1.29
N LEU A 79 -3.53 -1.67 2.14
CA LEU A 79 -4.21 -2.92 2.45
C LEU A 79 -5.45 -2.69 3.32
N LEU A 80 -5.30 -1.82 4.31
CA LEU A 80 -6.40 -1.50 5.21
C LEU A 80 -7.60 -0.96 4.44
N ILE A 81 -7.33 -0.03 3.52
CA ILE A 81 -8.38 0.57 2.71
C ILE A 81 -9.13 -0.49 1.91
N SER A 82 -8.40 -1.26 1.12
CA SER A 82 -8.99 -2.31 0.30
C SER A 82 -9.83 -3.26 1.16
N ALA A 83 -9.27 -3.66 2.30
CA ALA A 83 -9.97 -4.56 3.21
C ALA A 83 -11.31 -4.00 3.62
N GLU A 84 -11.31 -2.74 4.05
CA GLU A 84 -12.54 -2.07 4.47
C GLU A 84 -13.60 -2.13 3.38
N GLN A 85 -13.15 -2.09 2.13
CA GLN A 85 -14.05 -2.13 0.98
C GLN A 85 -14.75 -3.48 0.89
N ASP A 86 -14.00 -4.55 1.13
CA ASP A 86 -14.55 -5.89 1.08
C ASP A 86 -15.84 -6.00 1.88
N LYS A 87 -15.77 -5.60 3.15
CA LYS A 87 -16.94 -5.64 4.03
C LYS A 87 -18.10 -4.86 3.42
N ARG A 88 -17.79 -3.97 2.48
CA ARG A 88 -18.80 -3.16 1.83
C ARG A 88 -19.32 -3.84 0.56
N SER A 89 -19.63 -5.14 0.68
CA SER A 89 -20.13 -5.91 -0.45
C SER A 89 -21.65 -6.02 -0.38
N GLY A 90 -22.18 -6.21 0.82
CA GLY A 90 -23.62 -6.33 0.99
C GLY A 90 -24.24 -5.11 1.62
N PRO A 91 -25.42 -5.28 2.22
CA PRO A 91 -26.15 -4.17 2.87
C PRO A 91 -25.46 -3.71 4.15
N SER A 92 -25.85 -2.53 4.62
CA SER A 92 -25.27 -1.97 5.83
C SER A 92 -26.16 -2.23 7.04
N SER A 93 -25.62 -2.00 8.23
CA SER A 93 -26.37 -2.22 9.47
C SER A 93 -26.75 -0.89 10.13
N GLY A 94 -28.03 -0.74 10.44
CA GLY A 94 -28.50 0.49 11.06
C GLY A 94 -27.88 0.71 12.43
N GLY A 1 6.43 -6.58 29.32
CA GLY A 1 7.15 -5.34 29.49
C GLY A 1 8.66 -5.53 29.58
N SER A 2 9.40 -4.44 29.44
CA SER A 2 10.85 -4.49 29.49
C SER A 2 11.39 -3.67 30.66
N SER A 3 12.60 -4.01 31.10
CA SER A 3 13.23 -3.31 32.21
C SER A 3 14.74 -3.35 32.09
N GLY A 4 15.34 -2.21 31.77
CA GLY A 4 16.79 -2.14 31.64
C GLY A 4 17.23 -1.97 30.20
N SER A 5 18.52 -2.19 29.94
CA SER A 5 19.05 -2.06 28.59
C SER A 5 18.46 -3.11 27.66
N SER A 6 17.28 -2.81 27.11
CA SER A 6 16.61 -3.72 26.21
C SER A 6 17.49 -4.06 25.02
N GLY A 7 17.08 -5.07 24.26
CA GLY A 7 17.85 -5.48 23.09
C GLY A 7 17.34 -4.86 21.80
N ASP A 8 18.22 -4.17 21.09
CA ASP A 8 17.85 -3.52 19.84
C ASP A 8 19.06 -3.36 18.93
N ILE A 9 18.90 -3.72 17.66
CA ILE A 9 19.99 -3.61 16.69
C ILE A 9 19.77 -2.41 15.76
N VAL A 10 20.82 -1.61 15.58
CA VAL A 10 20.75 -0.45 14.71
C VAL A 10 21.94 -0.39 13.76
N ALA A 11 21.66 -0.47 12.47
CA ALA A 11 22.72 -0.43 11.46
C ALA A 11 22.25 0.33 10.22
N ARG A 12 23.19 1.03 9.58
CA ARG A 12 22.86 1.80 8.38
C ARG A 12 23.62 1.25 7.17
N LEU A 13 22.93 1.15 6.04
CA LEU A 13 23.55 0.65 4.81
C LEU A 13 22.96 1.34 3.59
N GLN A 14 23.48 1.01 2.41
CA GLN A 14 23.01 1.60 1.16
C GLN A 14 22.21 0.58 0.36
N THR A 15 20.99 0.32 0.78
CA THR A 15 20.12 -0.63 0.08
C THR A 15 18.66 -0.20 0.16
N GLN A 16 17.82 -0.86 -0.63
CA GLN A 16 16.39 -0.55 -0.66
C GLN A 16 15.58 -1.75 -1.14
N ALA A 17 14.32 -1.81 -0.73
CA ALA A 17 13.44 -2.90 -1.12
C ALA A 17 12.20 -2.37 -1.84
N SER A 18 11.45 -3.27 -2.47
CA SER A 18 10.25 -2.90 -3.20
C SER A 18 9.21 -4.00 -3.12
N ALA A 19 8.01 -3.65 -2.66
CA ALA A 19 6.92 -4.62 -2.55
C ALA A 19 5.72 -4.18 -3.37
N THR A 20 4.72 -5.05 -3.45
CA THR A 20 3.50 -4.77 -4.21
C THR A 20 2.26 -5.25 -3.47
N VAL A 21 1.13 -4.61 -3.75
CA VAL A 21 -0.13 -4.97 -3.11
C VAL A 21 -1.21 -5.26 -4.14
N ALA A 22 -1.58 -6.54 -4.27
CA ALA A 22 -2.61 -6.95 -5.21
C ALA A 22 -3.98 -6.45 -4.80
N ILE A 23 -4.54 -5.53 -5.58
CA ILE A 23 -5.85 -4.97 -5.30
C ILE A 23 -6.61 -4.66 -6.58
N PRO A 24 -7.95 -4.63 -6.49
CA PRO A 24 -8.81 -4.33 -7.63
C PRO A 24 -8.72 -2.87 -8.07
N LYS A 25 -8.77 -2.66 -9.37
CA LYS A 25 -8.70 -1.31 -9.92
C LYS A 25 -9.79 -0.41 -9.34
N GLU A 26 -10.75 -1.03 -8.67
CA GLU A 26 -11.85 -0.30 -8.06
C GLU A 26 -11.42 0.33 -6.74
N HIS A 27 -10.42 -0.28 -6.11
CA HIS A 27 -9.91 0.22 -4.83
C HIS A 27 -8.80 1.25 -5.05
N HIS A 28 -8.21 1.23 -6.25
CA HIS A 28 -7.14 2.16 -6.59
C HIS A 28 -7.58 3.60 -6.38
N ARG A 29 -8.84 3.88 -6.69
CA ARG A 29 -9.39 5.22 -6.54
C ARG A 29 -9.36 5.67 -5.09
N PHE A 30 -9.56 4.72 -4.18
CA PHE A 30 -9.55 5.02 -2.74
C PHE A 30 -8.13 5.29 -2.26
N VAL A 31 -7.15 5.02 -3.12
CA VAL A 31 -5.74 5.23 -2.77
C VAL A 31 -5.21 6.50 -3.43
N ILE A 32 -5.80 6.85 -4.57
CA ILE A 32 -5.37 8.04 -5.29
C ILE A 32 -6.03 9.30 -4.72
N GLY A 33 -7.27 9.17 -4.29
CA GLY A 33 -7.99 10.30 -3.73
C GLY A 33 -9.06 10.83 -4.65
N LYS A 34 -9.92 11.70 -4.12
CA LYS A 34 -11.00 12.29 -4.91
C LYS A 34 -10.51 12.64 -6.31
N ASN A 35 -9.58 13.59 -6.39
CA ASN A 35 -9.04 14.01 -7.67
C ASN A 35 -7.61 13.52 -7.85
N GLY A 36 -6.89 13.37 -6.74
CA GLY A 36 -5.52 12.91 -6.80
C GLY A 36 -4.67 13.48 -5.67
N GLU A 37 -5.19 13.42 -4.46
CA GLU A 37 -4.48 13.94 -3.29
C GLU A 37 -4.07 12.81 -2.37
N LYS A 38 -5.00 11.90 -2.09
CA LYS A 38 -4.74 10.77 -1.22
C LYS A 38 -3.36 10.17 -1.50
N LEU A 39 -3.19 9.62 -2.69
CA LEU A 39 -1.92 9.02 -3.09
C LEU A 39 -0.75 9.95 -2.78
N GLN A 40 -0.92 11.23 -3.12
CA GLN A 40 0.11 12.23 -2.88
C GLN A 40 0.54 12.22 -1.41
N ASP A 41 -0.43 12.33 -0.52
CA ASP A 41 -0.16 12.34 0.91
C ASP A 41 0.59 11.08 1.34
N LEU A 42 0.08 9.93 0.89
CA LEU A 42 0.71 8.65 1.22
C LEU A 42 2.19 8.66 0.86
N GLU A 43 2.48 8.97 -0.40
CA GLU A 43 3.86 9.01 -0.87
C GLU A 43 4.75 9.80 0.09
N LEU A 44 4.18 10.87 0.65
CA LEU A 44 4.92 11.72 1.58
C LEU A 44 4.97 11.08 2.97
N LYS A 45 3.80 11.00 3.61
CA LYS A 45 3.71 10.41 4.94
C LYS A 45 4.60 9.19 5.06
N THR A 46 4.69 8.42 3.98
CA THR A 46 5.51 7.22 3.96
C THR A 46 6.83 7.47 3.26
N ALA A 47 6.90 8.54 2.48
CA ALA A 47 8.11 8.89 1.75
C ALA A 47 8.53 7.76 0.80
N THR A 48 7.54 7.09 0.24
CA THR A 48 7.80 5.99 -0.69
C THR A 48 7.38 6.35 -2.10
N LYS A 49 7.79 5.53 -3.07
CA LYS A 49 7.45 5.76 -4.47
C LYS A 49 6.31 4.85 -4.91
N ILE A 50 5.08 5.32 -4.76
CA ILE A 50 3.91 4.55 -5.14
C ILE A 50 3.63 4.69 -6.63
N GLN A 51 3.48 3.55 -7.32
CA GLN A 51 3.20 3.55 -8.74
C GLN A 51 1.92 2.78 -9.05
N ILE A 52 0.89 3.50 -9.49
CA ILE A 52 -0.39 2.88 -9.82
C ILE A 52 -0.53 2.68 -11.32
N PRO A 53 -0.89 1.45 -11.72
CA PRO A 53 -1.07 1.10 -13.13
C PRO A 53 -2.30 1.77 -13.75
N ARG A 54 -2.20 2.15 -15.02
CA ARG A 54 -3.30 2.79 -15.71
C ARG A 54 -4.58 1.98 -15.59
N PRO A 55 -5.73 2.64 -15.82
CA PRO A 55 -7.04 1.99 -15.74
C PRO A 55 -7.27 1.00 -16.87
N ASP A 56 -6.53 1.17 -17.96
CA ASP A 56 -6.66 0.29 -19.11
C ASP A 56 -5.69 -0.89 -19.00
N ASP A 57 -4.56 -0.65 -18.36
CA ASP A 57 -3.55 -1.68 -18.18
C ASP A 57 -4.09 -2.86 -17.36
N PRO A 58 -3.72 -4.08 -17.75
CA PRO A 58 -4.16 -5.29 -17.06
C PRO A 58 -3.55 -5.44 -15.67
N SER A 59 -2.77 -4.44 -15.27
CA SER A 59 -2.11 -4.46 -13.97
C SER A 59 -2.99 -3.78 -12.92
N ASN A 60 -3.17 -4.45 -11.79
CA ASN A 60 -3.99 -3.93 -10.70
C ASN A 60 -3.23 -3.95 -9.38
N GLN A 61 -1.96 -4.36 -9.45
CA GLN A 61 -1.12 -4.44 -8.26
C GLN A 61 -0.27 -3.19 -8.11
N ILE A 62 -0.40 -2.50 -6.98
CA ILE A 62 0.36 -1.29 -6.72
C ILE A 62 1.79 -1.62 -6.31
N LYS A 63 2.72 -0.74 -6.66
CA LYS A 63 4.12 -0.93 -6.32
C LYS A 63 4.58 0.10 -5.30
N ILE A 64 5.30 -0.36 -4.27
CA ILE A 64 5.79 0.53 -3.22
C ILE A 64 7.29 0.32 -3.00
N THR A 65 8.07 1.36 -3.28
CA THR A 65 9.51 1.31 -3.11
C THR A 65 9.98 2.31 -2.06
N GLY A 66 10.99 1.91 -1.28
CA GLY A 66 11.52 2.79 -0.25
C GLY A 66 12.16 2.03 0.88
N THR A 67 12.17 2.63 2.08
CA THR A 67 12.76 2.00 3.25
C THR A 67 11.84 0.93 3.82
N LYS A 68 12.42 -0.15 4.33
CA LYS A 68 11.65 -1.24 4.92
C LYS A 68 10.53 -0.69 5.81
N GLU A 69 10.72 0.52 6.30
CA GLU A 69 9.73 1.15 7.17
C GLU A 69 8.71 1.94 6.34
N GLY A 70 9.20 2.72 5.39
CA GLY A 70 8.32 3.52 4.55
C GLY A 70 7.35 2.66 3.76
N ILE A 71 7.87 1.66 3.06
CA ILE A 71 7.03 0.77 2.27
C ILE A 71 5.95 0.11 3.13
N GLU A 72 6.38 -0.44 4.26
CA GLU A 72 5.45 -1.10 5.18
C GLU A 72 4.26 -0.20 5.49
N LYS A 73 4.55 1.03 5.91
CA LYS A 73 3.50 1.99 6.25
C LYS A 73 2.44 2.06 5.16
N ALA A 74 2.88 2.37 3.94
CA ALA A 74 1.97 2.46 2.81
C ALA A 74 1.31 1.11 2.52
N ARG A 75 2.05 0.04 2.75
CA ARG A 75 1.54 -1.31 2.52
C ARG A 75 0.43 -1.64 3.51
N HIS A 76 0.55 -1.11 4.73
CA HIS A 76 -0.44 -1.36 5.76
C HIS A 76 -1.70 -0.53 5.53
N GLU A 77 -1.50 0.69 5.04
CA GLU A 77 -2.63 1.59 4.77
C GLU A 77 -3.40 1.14 3.53
N VAL A 78 -2.67 0.88 2.45
CA VAL A 78 -3.30 0.44 1.21
C VAL A 78 -4.11 -0.84 1.41
N LEU A 79 -3.63 -1.69 2.31
CA LEU A 79 -4.31 -2.94 2.61
C LEU A 79 -5.57 -2.70 3.44
N LEU A 80 -5.43 -1.89 4.49
CA LEU A 80 -6.55 -1.57 5.36
C LEU A 80 -7.72 -0.98 4.56
N ILE A 81 -7.41 -0.01 3.73
CA ILE A 81 -8.43 0.63 2.90
C ILE A 81 -9.14 -0.39 2.01
N SER A 82 -8.36 -1.09 1.21
CA SER A 82 -8.93 -2.10 0.30
C SER A 82 -9.75 -3.13 1.08
N ALA A 83 -9.18 -3.64 2.16
CA ALA A 83 -9.87 -4.62 2.99
C ALA A 83 -11.28 -4.18 3.31
N GLU A 84 -11.42 -2.95 3.82
CA GLU A 84 -12.72 -2.41 4.17
C GLU A 84 -13.66 -2.39 2.96
N GLN A 85 -13.09 -2.05 1.81
CA GLN A 85 -13.87 -2.00 0.56
C GLN A 85 -14.49 -3.35 0.25
N ASP A 86 -13.84 -4.42 0.69
CA ASP A 86 -14.33 -5.77 0.46
C ASP A 86 -15.22 -6.22 1.60
N LYS A 87 -14.96 -5.72 2.80
CA LYS A 87 -15.74 -6.07 3.99
C LYS A 87 -17.09 -5.37 3.96
N ARG A 88 -17.25 -4.42 3.05
CA ARG A 88 -18.51 -3.68 2.92
C ARG A 88 -19.28 -4.12 1.69
N SER A 89 -18.55 -4.67 0.72
CA SER A 89 -19.17 -5.13 -0.52
C SER A 89 -19.76 -6.53 -0.36
N GLY A 90 -21.04 -6.59 0.01
CA GLY A 90 -21.70 -7.87 0.20
C GLY A 90 -23.17 -7.71 0.49
N PRO A 91 -23.53 -7.70 1.78
CA PRO A 91 -24.92 -7.57 2.23
C PRO A 91 -25.48 -6.17 1.96
N SER A 92 -24.60 -5.24 1.63
CA SER A 92 -25.00 -3.87 1.36
C SER A 92 -26.22 -3.83 0.44
N SER A 93 -26.86 -2.67 0.36
CA SER A 93 -28.05 -2.51 -0.47
C SER A 93 -27.68 -1.98 -1.86
N GLY A 94 -27.48 -2.89 -2.80
CA GLY A 94 -27.13 -2.51 -4.15
C GLY A 94 -27.53 -3.55 -5.18
N GLY A 1 -3.56 -8.41 36.64
CA GLY A 1 -2.70 -7.24 36.51
C GLY A 1 -1.34 -7.58 35.93
N SER A 2 -1.24 -7.59 34.61
CA SER A 2 0.01 -7.91 33.94
C SER A 2 0.04 -7.33 32.53
N SER A 3 1.20 -6.79 32.15
CA SER A 3 1.35 -6.20 30.82
C SER A 3 2.83 -6.03 30.48
N GLY A 4 3.32 -6.85 29.56
CA GLY A 4 4.71 -6.78 29.15
C GLY A 4 5.00 -7.61 27.92
N SER A 5 4.29 -7.31 26.84
CA SER A 5 4.47 -8.04 25.59
C SER A 5 5.35 -7.26 24.62
N SER A 6 6.67 -7.36 24.81
CA SER A 6 7.62 -6.66 23.96
C SER A 6 8.91 -7.45 23.81
N GLY A 7 9.60 -7.26 22.68
CA GLY A 7 10.84 -7.96 22.45
C GLY A 7 11.25 -7.93 20.98
N ASP A 8 11.19 -6.75 20.39
CA ASP A 8 11.54 -6.58 18.97
C ASP A 8 13.07 -6.46 18.82
N ILE A 9 13.61 -7.21 17.89
CA ILE A 9 15.06 -7.19 17.64
C ILE A 9 15.44 -6.06 16.69
N VAL A 10 16.50 -5.35 17.02
CA VAL A 10 16.97 -4.24 16.19
C VAL A 10 17.45 -4.73 14.84
N ALA A 11 17.28 -3.89 13.82
CA ALA A 11 17.70 -4.24 12.46
C ALA A 11 18.19 -3.01 11.71
N ARG A 12 19.17 -3.21 10.83
CA ARG A 12 19.74 -2.11 10.05
C ARG A 12 19.81 -2.48 8.57
N LEU A 13 19.07 -1.74 7.74
CA LEU A 13 19.04 -1.99 6.31
C LEU A 13 19.80 -0.91 5.56
N GLN A 14 20.51 -1.31 4.50
CA GLN A 14 21.28 -0.36 3.69
C GLN A 14 20.66 -0.21 2.30
N THR A 15 20.47 -1.34 1.62
CA THR A 15 19.88 -1.33 0.28
C THR A 15 18.40 -0.97 0.33
N GLN A 16 17.81 -0.80 -0.85
CA GLN A 16 16.39 -0.45 -0.94
C GLN A 16 15.58 -1.62 -1.53
N ALA A 17 14.42 -1.86 -0.95
CA ALA A 17 13.54 -2.94 -1.41
C ALA A 17 12.28 -2.39 -2.05
N SER A 18 11.51 -3.26 -2.70
CA SER A 18 10.28 -2.86 -3.35
C SER A 18 9.23 -3.96 -3.25
N ALA A 19 8.03 -3.59 -2.79
CA ALA A 19 6.94 -4.55 -2.64
C ALA A 19 5.73 -4.13 -3.47
N THR A 20 4.75 -5.02 -3.56
CA THR A 20 3.54 -4.75 -4.33
C THR A 20 2.30 -5.25 -3.60
N VAL A 21 1.14 -4.70 -3.95
CA VAL A 21 -0.11 -5.10 -3.33
C VAL A 21 -1.19 -5.36 -4.38
N ALA A 22 -1.71 -6.59 -4.38
CA ALA A 22 -2.73 -6.98 -5.33
C ALA A 22 -4.10 -6.43 -4.91
N ILE A 23 -4.58 -5.42 -5.63
CA ILE A 23 -5.87 -4.81 -5.33
C ILE A 23 -6.64 -4.50 -6.61
N PRO A 24 -7.98 -4.43 -6.50
CA PRO A 24 -8.85 -4.14 -7.63
C PRO A 24 -8.72 -2.69 -8.11
N LYS A 25 -8.82 -2.49 -9.42
CA LYS A 25 -8.71 -1.16 -10.00
C LYS A 25 -9.77 -0.22 -9.42
N GLU A 26 -10.73 -0.80 -8.70
CA GLU A 26 -11.81 -0.03 -8.10
C GLU A 26 -11.36 0.57 -6.76
N HIS A 27 -10.35 -0.05 -6.16
CA HIS A 27 -9.83 0.42 -4.88
C HIS A 27 -8.71 1.44 -5.08
N HIS A 28 -8.01 1.33 -6.21
CA HIS A 28 -6.93 2.24 -6.52
C HIS A 28 -7.33 3.69 -6.26
N ARG A 29 -8.52 4.06 -6.72
CA ARG A 29 -9.03 5.41 -6.54
C ARG A 29 -8.97 5.81 -5.06
N PHE A 30 -9.37 4.90 -4.19
CA PHE A 30 -9.37 5.17 -2.75
C PHE A 30 -7.95 5.44 -2.25
N VAL A 31 -6.97 5.14 -3.09
CA VAL A 31 -5.57 5.35 -2.73
C VAL A 31 -5.02 6.60 -3.41
N ILE A 32 -5.65 7.00 -4.52
CA ILE A 32 -5.22 8.18 -5.25
C ILE A 32 -5.84 9.44 -4.67
N GLY A 33 -7.09 9.34 -4.22
CA GLY A 33 -7.78 10.48 -3.65
C GLY A 33 -8.91 10.98 -4.53
N LYS A 34 -9.64 11.97 -4.03
CA LYS A 34 -10.76 12.53 -4.77
C LYS A 34 -10.31 13.05 -6.13
N ASN A 35 -9.36 13.99 -6.12
CA ASN A 35 -8.84 14.56 -7.35
C ASN A 35 -7.43 14.05 -7.64
N GLY A 36 -6.71 13.69 -6.59
CA GLY A 36 -5.36 13.19 -6.75
C GLY A 36 -4.42 13.66 -5.65
N GLU A 37 -4.81 13.43 -4.40
CA GLU A 37 -4.00 13.85 -3.27
C GLU A 37 -3.63 12.65 -2.39
N LYS A 38 -4.64 11.87 -2.02
CA LYS A 38 -4.43 10.69 -1.18
C LYS A 38 -3.10 10.02 -1.52
N LEU A 39 -2.77 9.97 -2.81
CA LEU A 39 -1.53 9.35 -3.26
C LEU A 39 -0.34 10.26 -2.98
N GLN A 40 -0.51 11.56 -3.23
CA GLN A 40 0.54 12.53 -2.99
C GLN A 40 0.90 12.60 -1.51
N ASP A 41 -0.11 12.48 -0.66
CA ASP A 41 0.10 12.54 0.78
C ASP A 41 0.77 11.27 1.28
N LEU A 42 0.35 10.12 0.74
CA LEU A 42 0.92 8.84 1.13
C LEU A 42 2.39 8.76 0.76
N GLU A 43 2.70 9.09 -0.48
CA GLU A 43 4.08 9.06 -0.96
C GLU A 43 4.99 9.88 -0.06
N LEU A 44 4.42 10.91 0.56
CA LEU A 44 5.19 11.78 1.46
C LEU A 44 5.27 11.18 2.85
N LYS A 45 4.12 11.07 3.52
CA LYS A 45 4.06 10.51 4.86
C LYS A 45 4.89 9.24 4.96
N THR A 46 4.79 8.39 3.94
CA THR A 46 5.53 7.14 3.91
C THR A 46 6.88 7.31 3.21
N ALA A 47 7.03 8.42 2.51
CA ALA A 47 8.27 8.71 1.80
C ALA A 47 8.65 7.57 0.87
N THR A 48 7.64 6.95 0.26
CA THR A 48 7.85 5.84 -0.66
C THR A 48 7.49 6.23 -2.08
N LYS A 49 7.84 5.35 -3.03
CA LYS A 49 7.54 5.61 -4.43
C LYS A 49 6.38 4.75 -4.91
N ILE A 50 5.16 5.28 -4.75
CA ILE A 50 3.96 4.56 -5.16
C ILE A 50 3.74 4.68 -6.66
N GLN A 51 3.50 3.55 -7.31
CA GLN A 51 3.28 3.52 -8.75
C GLN A 51 2.03 2.71 -9.10
N ILE A 52 0.97 3.41 -9.49
CA ILE A 52 -0.28 2.75 -9.85
C ILE A 52 -0.37 2.52 -11.35
N PRO A 53 -0.79 1.31 -11.74
CA PRO A 53 -0.93 0.92 -13.15
C PRO A 53 -2.09 1.65 -13.83
N ARG A 54 -1.90 1.99 -15.09
CA ARG A 54 -2.93 2.68 -15.86
C ARG A 54 -4.25 1.94 -15.80
N PRO A 55 -5.36 2.65 -16.08
CA PRO A 55 -6.70 2.07 -16.06
C PRO A 55 -6.93 1.10 -17.20
N ASP A 56 -6.04 1.13 -18.18
CA ASP A 56 -6.14 0.24 -19.34
C ASP A 56 -5.25 -0.98 -19.17
N ASP A 57 -4.17 -0.81 -18.41
CA ASP A 57 -3.22 -1.89 -18.17
C ASP A 57 -3.87 -3.00 -17.33
N PRO A 58 -3.54 -4.26 -17.67
CA PRO A 58 -4.08 -5.42 -16.97
C PRO A 58 -3.53 -5.56 -15.56
N SER A 59 -2.60 -4.68 -15.21
CA SER A 59 -1.98 -4.70 -13.88
C SER A 59 -2.83 -3.92 -12.88
N ASN A 60 -3.18 -4.57 -11.78
CA ASN A 60 -3.99 -3.94 -10.75
C ASN A 60 -3.25 -3.95 -9.40
N GLN A 61 -1.97 -4.30 -9.44
CA GLN A 61 -1.16 -4.35 -8.22
C GLN A 61 -0.30 -3.10 -8.09
N ILE A 62 -0.45 -2.41 -6.96
CA ILE A 62 0.31 -1.19 -6.70
C ILE A 62 1.75 -1.52 -6.30
N LYS A 63 2.67 -0.63 -6.66
CA LYS A 63 4.08 -0.82 -6.34
C LYS A 63 4.54 0.17 -5.26
N ILE A 64 5.30 -0.32 -4.30
CA ILE A 64 5.79 0.52 -3.22
C ILE A 64 7.28 0.27 -2.97
N THR A 65 8.08 1.32 -3.10
CA THR A 65 9.52 1.22 -2.89
C THR A 65 10.01 2.28 -1.90
N GLY A 66 10.97 1.90 -1.06
CA GLY A 66 11.50 2.81 -0.08
C GLY A 66 12.11 2.11 1.11
N THR A 67 12.00 2.72 2.29
CA THR A 67 12.54 2.14 3.51
C THR A 67 11.60 1.09 4.08
N LYS A 68 12.17 0.03 4.65
CA LYS A 68 11.39 -1.05 5.24
C LYS A 68 10.16 -0.48 5.97
N GLU A 69 10.33 0.69 6.58
CA GLU A 69 9.24 1.33 7.31
C GLU A 69 8.30 2.06 6.35
N GLY A 70 8.88 2.77 5.40
CA GLY A 70 8.08 3.49 4.43
C GLY A 70 7.10 2.61 3.69
N ILE A 71 7.61 1.61 2.98
CA ILE A 71 6.77 0.68 2.24
C ILE A 71 5.70 0.07 3.13
N GLU A 72 6.11 -0.38 4.31
CA GLU A 72 5.17 -0.98 5.26
C GLU A 72 3.98 -0.05 5.51
N LYS A 73 4.27 1.17 5.92
CA LYS A 73 3.22 2.15 6.19
C LYS A 73 2.20 2.19 5.06
N ALA A 74 2.66 2.49 3.85
CA ALA A 74 1.79 2.54 2.69
C ALA A 74 1.10 1.20 2.45
N ARG A 75 1.82 0.12 2.72
CA ARG A 75 1.27 -1.22 2.53
C ARG A 75 0.17 -1.50 3.54
N HIS A 76 0.30 -0.93 4.74
CA HIS A 76 -0.69 -1.13 5.79
C HIS A 76 -1.94 -0.31 5.51
N GLU A 77 -1.76 0.86 4.90
CA GLU A 77 -2.89 1.74 4.59
C GLU A 77 -3.65 1.23 3.37
N VAL A 78 -2.92 0.82 2.34
CA VAL A 78 -3.52 0.31 1.13
C VAL A 78 -4.28 -0.98 1.39
N LEU A 79 -3.70 -1.85 2.22
CA LEU A 79 -4.33 -3.12 2.56
C LEU A 79 -5.54 -2.91 3.46
N LEU A 80 -5.41 -2.00 4.42
CA LEU A 80 -6.49 -1.70 5.35
C LEU A 80 -7.72 -1.21 4.60
N ILE A 81 -7.52 -0.26 3.69
CA ILE A 81 -8.62 0.29 2.91
C ILE A 81 -9.31 -0.80 2.08
N SER A 82 -8.54 -1.45 1.22
CA SER A 82 -9.08 -2.51 0.37
C SER A 82 -9.89 -3.50 1.19
N ALA A 83 -9.26 -4.06 2.22
CA ALA A 83 -9.93 -5.03 3.08
C ALA A 83 -11.32 -4.55 3.47
N GLU A 84 -11.39 -3.34 4.04
CA GLU A 84 -12.66 -2.77 4.46
C GLU A 84 -13.69 -2.86 3.35
N GLN A 85 -13.28 -2.55 2.13
CA GLN A 85 -14.17 -2.60 0.98
C GLN A 85 -14.75 -3.99 0.80
N ASP A 86 -13.89 -5.01 0.89
CA ASP A 86 -14.32 -6.39 0.74
C ASP A 86 -15.52 -6.68 1.62
N LYS A 87 -15.54 -6.09 2.81
CA LYS A 87 -16.64 -6.28 3.75
C LYS A 87 -17.68 -5.17 3.62
N ARG A 88 -17.82 -4.64 2.41
CA ARG A 88 -18.78 -3.57 2.15
C ARG A 88 -20.21 -4.11 2.22
N SER A 89 -20.42 -5.30 1.66
CA SER A 89 -21.75 -5.91 1.66
C SER A 89 -21.74 -7.20 2.48
N GLY A 90 -22.01 -7.06 3.77
CA GLY A 90 -22.04 -8.23 4.64
C GLY A 90 -23.00 -9.30 4.14
N PRO A 91 -22.85 -10.52 4.69
CA PRO A 91 -23.70 -11.65 4.31
C PRO A 91 -25.13 -11.50 4.81
N SER A 92 -25.38 -10.43 5.54
CA SER A 92 -26.71 -10.17 6.08
C SER A 92 -27.79 -10.53 5.07
N SER A 93 -27.74 -9.90 3.91
CA SER A 93 -28.72 -10.16 2.86
C SER A 93 -28.25 -11.30 1.95
N GLY A 94 -28.67 -12.52 2.27
CA GLY A 94 -28.28 -13.66 1.47
C GLY A 94 -27.33 -14.59 2.21
N GLY A 1 -6.29 -0.21 25.91
CA GLY A 1 -5.30 -1.24 26.12
C GLY A 1 -4.41 -1.45 24.91
N SER A 2 -3.10 -1.45 25.13
CA SER A 2 -2.15 -1.64 24.04
C SER A 2 -0.72 -1.73 24.58
N SER A 3 -0.08 -2.87 24.34
CA SER A 3 1.28 -3.09 24.80
C SER A 3 1.93 -4.26 24.05
N GLY A 4 3.25 -4.38 24.18
CA GLY A 4 3.96 -5.46 23.51
C GLY A 4 4.51 -5.04 22.17
N SER A 5 5.74 -4.52 22.17
CA SER A 5 6.38 -4.08 20.94
C SER A 5 7.89 -4.34 20.99
N SER A 6 8.34 -5.33 20.23
CA SER A 6 9.75 -5.68 20.19
C SER A 6 10.34 -5.38 18.81
N GLY A 7 11.66 -5.16 18.78
CA GLY A 7 12.33 -4.86 17.52
C GLY A 7 13.44 -3.85 17.69
N ASP A 8 14.31 -3.76 16.69
CA ASP A 8 15.43 -2.81 16.74
C ASP A 8 15.89 -2.46 15.33
N ILE A 9 16.08 -1.17 15.07
CA ILE A 9 16.52 -0.71 13.77
C ILE A 9 18.02 -0.93 13.59
N VAL A 10 18.40 -1.52 12.46
CA VAL A 10 19.79 -1.78 12.15
C VAL A 10 20.58 -0.49 12.03
N ALA A 11 21.87 -0.54 12.36
CA ALA A 11 22.73 0.62 12.28
C ALA A 11 23.64 0.56 11.06
N ARG A 12 23.07 0.18 9.92
CA ARG A 12 23.83 0.08 8.68
C ARG A 12 22.99 0.53 7.49
N LEU A 13 23.66 0.85 6.39
CA LEU A 13 22.97 1.30 5.19
C LEU A 13 22.49 0.11 4.36
N GLN A 14 21.19 -0.13 4.39
CA GLN A 14 20.60 -1.25 3.65
C GLN A 14 19.93 -0.75 2.37
N THR A 15 20.15 -1.47 1.27
CA THR A 15 19.57 -1.10 -0.01
C THR A 15 18.07 -0.81 0.13
N GLN A 16 17.44 -0.42 -0.98
CA GLN A 16 16.02 -0.12 -0.98
C GLN A 16 15.22 -1.26 -1.58
N ALA A 17 14.20 -1.71 -0.85
CA ALA A 17 13.36 -2.81 -1.31
C ALA A 17 12.12 -2.28 -2.04
N SER A 18 11.39 -3.18 -2.69
CA SER A 18 10.19 -2.81 -3.42
C SER A 18 9.17 -3.94 -3.40
N ALA A 19 7.99 -3.66 -2.85
CA ALA A 19 6.92 -4.65 -2.77
C ALA A 19 5.71 -4.23 -3.60
N THR A 20 4.72 -5.11 -3.67
CA THR A 20 3.52 -4.84 -4.44
C THR A 20 2.28 -5.32 -3.70
N VAL A 21 1.14 -4.68 -3.98
CA VAL A 21 -0.12 -5.05 -3.35
C VAL A 21 -1.21 -5.28 -4.39
N ALA A 22 -1.61 -6.55 -4.55
CA ALA A 22 -2.64 -6.91 -5.50
C ALA A 22 -4.00 -6.38 -5.07
N ILE A 23 -4.55 -5.44 -5.84
CA ILE A 23 -5.84 -4.85 -5.53
C ILE A 23 -6.65 -4.62 -6.80
N PRO A 24 -7.98 -4.58 -6.65
CA PRO A 24 -8.90 -4.36 -7.77
C PRO A 24 -8.82 -2.94 -8.32
N LYS A 25 -9.04 -2.80 -9.62
CA LYS A 25 -9.00 -1.49 -10.27
C LYS A 25 -10.06 -0.56 -9.69
N GLU A 26 -10.95 -1.12 -8.87
CA GLU A 26 -12.02 -0.34 -8.24
C GLU A 26 -11.56 0.21 -6.90
N HIS A 27 -10.44 -0.29 -6.40
CA HIS A 27 -9.90 0.15 -5.12
C HIS A 27 -8.71 1.09 -5.32
N HIS A 28 -8.13 1.05 -6.51
CA HIS A 28 -6.99 1.89 -6.83
C HIS A 28 -7.30 3.35 -6.57
N ARG A 29 -8.47 3.79 -7.04
CA ARG A 29 -8.90 5.17 -6.85
C ARG A 29 -8.93 5.55 -5.37
N PHE A 30 -9.45 4.65 -4.55
CA PHE A 30 -9.53 4.88 -3.11
C PHE A 30 -8.16 5.18 -2.53
N VAL A 31 -7.11 4.91 -3.32
CA VAL A 31 -5.74 5.16 -2.88
C VAL A 31 -5.22 6.49 -3.41
N ILE A 32 -5.67 6.85 -4.61
CA ILE A 32 -5.26 8.10 -5.23
C ILE A 32 -5.94 9.30 -4.57
N GLY A 33 -7.21 9.14 -4.22
CA GLY A 33 -7.95 10.21 -3.59
C GLY A 33 -9.09 10.73 -4.45
N LYS A 34 -9.96 11.54 -3.86
CA LYS A 34 -11.09 12.09 -4.59
C LYS A 34 -10.63 12.92 -5.78
N ASN A 35 -9.67 13.81 -5.55
CA ASN A 35 -9.14 14.65 -6.60
C ASN A 35 -7.70 14.28 -6.93
N GLY A 36 -7.04 13.60 -5.98
CA GLY A 36 -5.67 13.19 -6.18
C GLY A 36 -4.75 13.69 -5.09
N GLU A 37 -5.15 13.51 -3.84
CA GLU A 37 -4.36 13.95 -2.70
C GLU A 37 -4.02 12.77 -1.79
N LYS A 38 -4.82 11.72 -1.87
CA LYS A 38 -4.60 10.53 -1.05
C LYS A 38 -3.28 9.87 -1.39
N LEU A 39 -2.87 9.98 -2.65
CA LEU A 39 -1.62 9.39 -3.11
C LEU A 39 -0.44 10.30 -2.78
N GLN A 40 -0.61 11.59 -3.02
CA GLN A 40 0.45 12.57 -2.74
C GLN A 40 0.75 12.63 -1.24
N ASP A 41 -0.30 12.48 -0.42
CA ASP A 41 -0.15 12.52 1.02
C ASP A 41 0.50 11.23 1.53
N LEU A 42 0.15 10.12 0.91
CA LEU A 42 0.70 8.82 1.30
C LEU A 42 2.18 8.73 0.98
N GLU A 43 2.52 9.01 -0.28
CA GLU A 43 3.91 8.97 -0.72
C GLU A 43 4.81 9.78 0.21
N LEU A 44 4.26 10.85 0.77
CA LEU A 44 5.00 11.71 1.67
C LEU A 44 5.06 11.11 3.07
N LYS A 45 3.89 10.96 3.69
CA LYS A 45 3.80 10.40 5.04
C LYS A 45 4.65 9.14 5.15
N THR A 46 4.76 8.40 4.05
CA THR A 46 5.54 7.17 4.02
C THR A 46 6.89 7.38 3.35
N ALA A 47 6.99 8.44 2.54
CA ALA A 47 8.22 8.76 1.84
C ALA A 47 8.62 7.64 0.90
N THR A 48 7.63 7.04 0.24
CA THR A 48 7.88 5.95 -0.69
C THR A 48 7.50 6.34 -2.11
N LYS A 49 7.77 5.45 -3.06
CA LYS A 49 7.45 5.71 -4.46
C LYS A 49 6.33 4.81 -4.94
N ILE A 50 5.09 5.26 -4.76
CA ILE A 50 3.93 4.49 -5.18
C ILE A 50 3.71 4.60 -6.69
N GLN A 51 3.42 3.46 -7.31
CA GLN A 51 3.19 3.42 -8.76
C GLN A 51 1.89 2.70 -9.07
N ILE A 52 0.93 3.44 -9.63
CA ILE A 52 -0.37 2.88 -9.98
C ILE A 52 -0.49 2.68 -11.49
N PRO A 53 -0.76 1.45 -11.91
CA PRO A 53 -0.92 1.11 -13.34
C PRO A 53 -2.18 1.71 -13.94
N ARG A 54 -2.07 2.15 -15.19
CA ARG A 54 -3.21 2.75 -15.89
C ARG A 54 -4.45 1.86 -15.78
N PRO A 55 -5.62 2.46 -15.96
CA PRO A 55 -6.90 1.74 -15.89
C PRO A 55 -7.09 0.79 -17.06
N ASP A 56 -6.28 0.96 -18.10
CA ASP A 56 -6.37 0.12 -19.28
C ASP A 56 -5.38 -1.05 -19.19
N ASP A 57 -4.32 -0.85 -18.43
CA ASP A 57 -3.30 -1.88 -18.25
C ASP A 57 -3.84 -3.05 -17.43
N PRO A 58 -3.48 -4.28 -17.82
CA PRO A 58 -3.91 -5.50 -17.13
C PRO A 58 -3.27 -5.64 -15.76
N SER A 59 -2.48 -4.64 -15.36
CA SER A 59 -1.81 -4.67 -14.07
C SER A 59 -2.63 -3.92 -13.02
N ASN A 60 -3.12 -4.65 -12.02
CA ASN A 60 -3.93 -4.06 -10.97
C ASN A 60 -3.19 -4.14 -9.62
N GLN A 61 -1.88 -4.31 -9.68
CA GLN A 61 -1.07 -4.41 -8.48
C GLN A 61 -0.19 -3.16 -8.31
N ILE A 62 -0.37 -2.47 -7.19
CA ILE A 62 0.40 -1.26 -6.91
C ILE A 62 1.83 -1.61 -6.50
N LYS A 63 2.75 -0.69 -6.76
CA LYS A 63 4.16 -0.90 -6.42
C LYS A 63 4.61 0.11 -5.36
N ILE A 64 5.28 -0.39 -4.32
CA ILE A 64 5.76 0.46 -3.25
C ILE A 64 7.25 0.24 -3.00
N THR A 65 8.04 1.28 -3.22
CA THR A 65 9.48 1.20 -3.02
C THR A 65 9.96 2.21 -1.99
N GLY A 66 10.98 1.84 -1.23
CA GLY A 66 11.52 2.73 -0.22
C GLY A 66 12.16 1.98 0.93
N THR A 67 12.08 2.55 2.14
CA THR A 67 12.66 1.94 3.31
C THR A 67 11.75 0.86 3.89
N LYS A 68 12.34 -0.14 4.52
CA LYS A 68 11.57 -1.23 5.12
C LYS A 68 10.40 -0.69 5.94
N GLU A 69 10.59 0.49 6.52
CA GLU A 69 9.54 1.12 7.33
C GLU A 69 8.56 1.89 6.44
N GLY A 70 9.09 2.66 5.49
CA GLY A 70 8.25 3.41 4.60
C GLY A 70 7.24 2.55 3.86
N ILE A 71 7.73 1.58 3.10
CA ILE A 71 6.86 0.69 2.35
C ILE A 71 5.80 0.06 3.26
N GLU A 72 6.23 -0.40 4.43
CA GLU A 72 5.32 -1.02 5.38
C GLU A 72 4.15 -0.11 5.68
N LYS A 73 4.45 1.16 5.98
CA LYS A 73 3.42 2.14 6.29
C LYS A 73 2.42 2.26 5.14
N ALA A 74 2.94 2.42 3.92
CA ALA A 74 2.10 2.55 2.74
C ALA A 74 1.30 1.28 2.50
N ARG A 75 1.91 0.13 2.77
CA ARG A 75 1.27 -1.16 2.58
C ARG A 75 0.16 -1.37 3.61
N HIS A 76 0.42 -0.93 4.85
CA HIS A 76 -0.55 -1.07 5.93
C HIS A 76 -1.76 -0.19 5.69
N GLU A 77 -1.55 0.91 4.96
CA GLU A 77 -2.64 1.84 4.65
C GLU A 77 -3.45 1.36 3.46
N VAL A 78 -2.75 0.96 2.39
CA VAL A 78 -3.40 0.48 1.18
C VAL A 78 -4.17 -0.80 1.44
N LEU A 79 -3.58 -1.69 2.24
CA LEU A 79 -4.20 -2.96 2.58
C LEU A 79 -5.41 -2.76 3.47
N LEU A 80 -5.31 -1.78 4.38
CA LEU A 80 -6.40 -1.49 5.30
C LEU A 80 -7.62 -0.97 4.55
N ILE A 81 -7.41 0.00 3.67
CA ILE A 81 -8.49 0.58 2.89
C ILE A 81 -9.16 -0.47 2.01
N SER A 82 -8.36 -1.11 1.15
CA SER A 82 -8.88 -2.13 0.26
C SER A 82 -9.70 -3.17 1.03
N ALA A 83 -9.15 -3.63 2.16
CA ALA A 83 -9.82 -4.61 2.99
C ALA A 83 -11.19 -4.11 3.43
N GLU A 84 -11.23 -2.91 3.99
CA GLU A 84 -12.49 -2.33 4.46
C GLU A 84 -13.56 -2.42 3.38
N GLN A 85 -13.19 -2.12 2.14
CA GLN A 85 -14.13 -2.18 1.03
C GLN A 85 -14.69 -3.58 0.86
N ASP A 86 -13.81 -4.57 0.92
CA ASP A 86 -14.23 -5.97 0.77
C ASP A 86 -15.40 -6.29 1.70
N LYS A 87 -15.27 -5.90 2.96
CA LYS A 87 -16.31 -6.14 3.95
C LYS A 87 -17.66 -5.60 3.47
N ARG A 88 -17.64 -4.41 2.88
CA ARG A 88 -18.85 -3.78 2.37
C ARG A 88 -19.59 -4.73 1.44
N SER A 89 -18.85 -5.39 0.56
CA SER A 89 -19.44 -6.33 -0.39
C SER A 89 -19.74 -7.67 0.27
N GLY A 90 -20.99 -8.08 0.22
CA GLY A 90 -21.39 -9.35 0.82
C GLY A 90 -22.56 -9.21 1.76
N PRO A 91 -23.05 -10.35 2.28
CA PRO A 91 -24.18 -10.37 3.20
C PRO A 91 -23.84 -9.78 4.56
N SER A 92 -24.87 -9.39 5.31
CA SER A 92 -24.68 -8.80 6.63
C SER A 92 -24.22 -9.85 7.63
N SER A 93 -24.97 -10.94 7.72
CA SER A 93 -24.66 -12.02 8.64
C SER A 93 -23.53 -12.89 8.09
N GLY A 94 -22.56 -13.21 8.94
CA GLY A 94 -21.44 -14.04 8.52
C GLY A 94 -20.17 -13.70 9.25
N GLY A 1 7.89 -17.79 29.11
CA GLY A 1 8.84 -16.90 29.78
C GLY A 1 9.97 -16.49 28.85
N SER A 2 10.21 -15.18 28.76
CA SER A 2 11.26 -14.64 27.91
C SER A 2 12.62 -14.79 28.58
N SER A 3 13.53 -15.49 27.91
CA SER A 3 14.87 -15.71 28.44
C SER A 3 15.38 -14.45 29.13
N GLY A 4 15.36 -13.33 28.42
CA GLY A 4 15.83 -12.08 28.97
C GLY A 4 17.13 -11.60 28.34
N SER A 5 17.01 -11.00 27.16
CA SER A 5 18.18 -10.50 26.44
C SER A 5 17.78 -9.42 25.44
N SER A 6 18.59 -8.36 25.37
CA SER A 6 18.31 -7.26 24.46
C SER A 6 18.78 -7.59 23.05
N GLY A 7 18.41 -6.74 22.09
CA GLY A 7 18.80 -6.96 20.71
C GLY A 7 18.69 -5.71 19.87
N ASP A 8 19.52 -4.72 20.17
CA ASP A 8 19.51 -3.46 19.43
C ASP A 8 19.82 -3.69 17.96
N ILE A 9 18.92 -3.26 17.09
CA ILE A 9 19.09 -3.42 15.66
C ILE A 9 19.39 -2.08 14.98
N VAL A 10 20.43 -2.05 14.16
CA VAL A 10 20.83 -0.84 13.45
C VAL A 10 21.87 -1.14 12.38
N ALA A 11 21.64 -0.62 11.19
CA ALA A 11 22.56 -0.82 10.07
C ALA A 11 22.43 0.29 9.04
N ARG A 12 23.41 0.37 8.14
CA ARG A 12 23.40 1.39 7.10
C ARG A 12 22.49 1.00 5.95
N LEU A 13 21.75 1.97 5.42
CA LEU A 13 20.84 1.72 4.31
C LEU A 13 21.49 2.05 2.98
N GLN A 14 21.69 1.03 2.15
CA GLN A 14 22.31 1.21 0.85
C GLN A 14 21.30 0.96 -0.27
N THR A 15 20.84 -0.28 -0.37
CA THR A 15 19.87 -0.65 -1.40
C THR A 15 18.46 -0.23 -1.00
N GLN A 16 17.50 -0.47 -1.89
CA GLN A 16 16.11 -0.12 -1.63
C GLN A 16 15.18 -1.29 -1.95
N ALA A 17 14.27 -1.58 -1.03
CA ALA A 17 13.32 -2.67 -1.22
C ALA A 17 12.05 -2.19 -1.91
N SER A 18 11.45 -3.06 -2.71
CA SER A 18 10.23 -2.72 -3.43
C SER A 18 9.24 -3.89 -3.41
N ALA A 19 8.02 -3.62 -2.96
CA ALA A 19 6.98 -4.64 -2.89
C ALA A 19 5.75 -4.23 -3.68
N THR A 20 4.73 -5.09 -3.67
CA THR A 20 3.49 -4.81 -4.39
C THR A 20 2.28 -5.21 -3.58
N VAL A 21 1.14 -4.60 -3.86
CA VAL A 21 -0.10 -4.90 -3.15
C VAL A 21 -1.24 -5.16 -4.13
N ALA A 22 -1.46 -6.42 -4.45
CA ALA A 22 -2.52 -6.82 -5.37
C ALA A 22 -3.87 -6.28 -4.91
N ILE A 23 -4.42 -5.34 -5.65
CA ILE A 23 -5.72 -4.74 -5.31
C ILE A 23 -6.58 -4.57 -6.56
N PRO A 24 -7.90 -4.54 -6.36
CA PRO A 24 -8.87 -4.37 -7.45
C PRO A 24 -8.82 -2.97 -8.05
N LYS A 25 -9.16 -2.88 -9.33
CA LYS A 25 -9.16 -1.59 -10.03
C LYS A 25 -10.15 -0.62 -9.39
N GLU A 26 -10.95 -1.14 -8.46
CA GLU A 26 -11.95 -0.32 -7.78
C GLU A 26 -11.36 0.29 -6.50
N HIS A 27 -10.19 -0.20 -6.11
CA HIS A 27 -9.53 0.29 -4.91
C HIS A 27 -8.37 1.21 -5.27
N HIS A 28 -7.99 1.21 -6.54
CA HIS A 28 -6.89 2.05 -7.01
C HIS A 28 -7.24 3.53 -6.87
N ARG A 29 -8.50 3.86 -7.11
CA ARG A 29 -8.96 5.24 -7.00
C ARG A 29 -9.00 5.68 -5.55
N PHE A 30 -9.41 4.78 -4.67
CA PHE A 30 -9.50 5.08 -3.24
C PHE A 30 -8.13 5.43 -2.67
N VAL A 31 -7.09 4.85 -3.26
CA VAL A 31 -5.72 5.10 -2.81
C VAL A 31 -5.19 6.41 -3.38
N ILE A 32 -5.57 6.71 -4.62
CA ILE A 32 -5.13 7.93 -5.28
C ILE A 32 -5.81 9.16 -4.68
N GLY A 33 -7.11 9.04 -4.41
CA GLY A 33 -7.85 10.14 -3.84
C GLY A 33 -9.03 10.56 -4.70
N LYS A 34 -10.08 11.05 -4.07
CA LYS A 34 -11.28 11.49 -4.78
C LYS A 34 -10.89 12.27 -6.03
N ASN A 35 -9.97 13.21 -5.88
CA ASN A 35 -9.51 14.04 -7.00
C ASN A 35 -8.07 13.71 -7.36
N GLY A 36 -7.28 13.31 -6.35
CA GLY A 36 -5.89 12.97 -6.59
C GLY A 36 -4.96 13.65 -5.60
N GLU A 37 -5.31 13.57 -4.32
CA GLU A 37 -4.50 14.17 -3.27
C GLU A 37 -4.09 13.14 -2.23
N LYS A 38 -4.83 12.04 -2.18
CA LYS A 38 -4.55 10.97 -1.23
C LYS A 38 -3.17 10.36 -1.48
N LEU A 39 -2.92 9.93 -2.71
CA LEU A 39 -1.65 9.35 -3.08
C LEU A 39 -0.49 10.25 -2.66
N GLN A 40 -0.63 11.54 -2.95
CA GLN A 40 0.40 12.51 -2.61
C GLN A 40 0.79 12.40 -1.14
N ASP A 41 -0.19 12.60 -0.25
CA ASP A 41 0.04 12.52 1.18
C ASP A 41 0.70 11.20 1.55
N LEU A 42 0.19 10.10 1.01
CA LEU A 42 0.72 8.77 1.28
C LEU A 42 2.20 8.71 0.92
N GLU A 43 2.53 9.08 -0.30
CA GLU A 43 3.91 9.07 -0.76
C GLU A 43 4.84 9.75 0.25
N LEU A 44 4.37 10.88 0.79
CA LEU A 44 5.14 11.63 1.76
C LEU A 44 5.14 10.94 3.12
N LYS A 45 3.98 10.87 3.75
CA LYS A 45 3.84 10.23 5.05
C LYS A 45 4.67 8.96 5.12
N THR A 46 4.63 8.17 4.05
CA THR A 46 5.38 6.93 3.98
C THR A 46 6.75 7.14 3.35
N ALA A 47 6.89 8.23 2.61
CA ALA A 47 8.15 8.56 1.95
C ALA A 47 8.55 7.47 0.97
N THR A 48 7.55 6.86 0.32
CA THR A 48 7.80 5.80 -0.65
C THR A 48 7.46 6.25 -2.06
N LYS A 49 7.72 5.38 -3.04
CA LYS A 49 7.44 5.69 -4.42
C LYS A 49 6.31 4.82 -4.96
N ILE A 50 5.07 5.25 -4.75
CA ILE A 50 3.91 4.51 -5.21
C ILE A 50 3.74 4.65 -6.72
N GLN A 51 3.58 3.52 -7.41
CA GLN A 51 3.41 3.51 -8.85
C GLN A 51 2.15 2.76 -9.24
N ILE A 52 1.19 3.46 -9.86
CA ILE A 52 -0.06 2.85 -10.29
C ILE A 52 -0.12 2.74 -11.80
N PRO A 53 -0.47 1.54 -12.29
CA PRO A 53 -0.58 1.26 -13.72
C PRO A 53 -1.77 1.98 -14.36
N ARG A 54 -1.58 2.49 -15.57
CA ARG A 54 -2.64 3.19 -16.28
C ARG A 54 -4.00 2.54 -16.02
N PRO A 55 -5.07 3.33 -16.17
CA PRO A 55 -6.43 2.86 -15.96
C PRO A 55 -6.88 1.88 -17.04
N ASP A 56 -6.13 1.82 -18.13
CA ASP A 56 -6.44 0.93 -19.23
C ASP A 56 -5.65 -0.38 -19.14
N ASP A 57 -4.49 -0.30 -18.49
CA ASP A 57 -3.63 -1.46 -18.31
C ASP A 57 -4.29 -2.50 -17.43
N PRO A 58 -4.14 -3.78 -17.79
CA PRO A 58 -4.72 -4.90 -17.04
C PRO A 58 -4.03 -5.09 -15.69
N SER A 59 -3.08 -4.22 -15.37
CA SER A 59 -2.34 -4.31 -14.12
C SER A 59 -3.13 -3.65 -12.98
N ASN A 60 -3.37 -4.42 -11.92
CA ASN A 60 -4.12 -3.92 -10.78
C ASN A 60 -3.30 -4.06 -9.50
N GLN A 61 -2.00 -4.23 -9.66
CA GLN A 61 -1.10 -4.38 -8.51
C GLN A 61 -0.23 -3.13 -8.33
N ILE A 62 -0.39 -2.46 -7.20
CA ILE A 62 0.37 -1.25 -6.92
C ILE A 62 1.81 -1.60 -6.51
N LYS A 63 2.73 -0.71 -6.82
CA LYS A 63 4.13 -0.91 -6.49
C LYS A 63 4.60 0.08 -5.43
N ILE A 64 5.28 -0.43 -4.41
CA ILE A 64 5.78 0.41 -3.33
C ILE A 64 7.28 0.21 -3.12
N THR A 65 8.04 1.29 -3.21
CA THR A 65 9.49 1.24 -3.03
C THR A 65 9.95 2.27 -2.01
N GLY A 66 10.89 1.88 -1.16
CA GLY A 66 11.41 2.78 -0.16
C GLY A 66 12.01 2.07 1.03
N THR A 67 11.98 2.71 2.19
CA THR A 67 12.54 2.12 3.40
C THR A 67 11.55 1.13 4.03
N LYS A 68 12.09 0.08 4.64
CA LYS A 68 11.26 -0.94 5.28
C LYS A 68 10.08 -0.30 5.99
N GLU A 69 10.30 0.86 6.59
CA GLU A 69 9.25 1.57 7.31
C GLU A 69 8.29 2.24 6.33
N GLY A 70 8.84 2.88 5.31
CA GLY A 70 8.02 3.56 4.33
C GLY A 70 7.06 2.61 3.62
N ILE A 71 7.62 1.59 2.97
CA ILE A 71 6.81 0.61 2.25
C ILE A 71 5.78 -0.03 3.17
N GLU A 72 6.22 -0.42 4.37
CA GLU A 72 5.34 -1.04 5.35
C GLU A 72 4.14 -0.15 5.64
N LYS A 73 4.41 1.12 5.94
CA LYS A 73 3.35 2.08 6.25
C LYS A 73 2.33 2.14 5.11
N ALA A 74 2.82 2.35 3.90
CA ALA A 74 1.94 2.44 2.73
C ALA A 74 1.24 1.11 2.49
N ARG A 75 1.94 0.01 2.73
CA ARG A 75 1.37 -1.32 2.54
C ARG A 75 0.29 -1.60 3.58
N HIS A 76 0.48 -1.08 4.78
CA HIS A 76 -0.47 -1.29 5.87
C HIS A 76 -1.71 -0.43 5.66
N GLU A 77 -1.55 0.68 4.96
CA GLU A 77 -2.65 1.60 4.70
C GLU A 77 -3.43 1.16 3.46
N VAL A 78 -2.70 0.85 2.39
CA VAL A 78 -3.31 0.43 1.14
C VAL A 78 -4.09 -0.88 1.32
N LEU A 79 -3.63 -1.70 2.27
CA LEU A 79 -4.28 -2.97 2.55
C LEU A 79 -5.50 -2.78 3.45
N LEU A 80 -5.38 -1.87 4.41
CA LEU A 80 -6.47 -1.59 5.34
C LEU A 80 -7.68 -1.02 4.60
N ILE A 81 -7.42 -0.10 3.67
CA ILE A 81 -8.48 0.52 2.89
C ILE A 81 -9.16 -0.50 1.97
N SER A 82 -8.35 -1.19 1.19
CA SER A 82 -8.86 -2.20 0.26
C SER A 82 -9.68 -3.26 1.00
N ALA A 83 -9.12 -3.75 2.10
CA ALA A 83 -9.79 -4.77 2.91
C ALA A 83 -11.17 -4.29 3.36
N GLU A 84 -11.20 -3.15 4.04
CA GLU A 84 -12.46 -2.59 4.52
C GLU A 84 -13.54 -2.68 3.46
N GLN A 85 -13.19 -2.31 2.23
CA GLN A 85 -14.13 -2.33 1.12
C GLN A 85 -14.84 -3.69 1.06
N ASP A 86 -14.06 -4.77 1.05
CA ASP A 86 -14.62 -6.11 0.99
C ASP A 86 -15.87 -6.23 1.86
N LYS A 87 -15.82 -5.62 3.03
CA LYS A 87 -16.94 -5.64 3.96
C LYS A 87 -18.06 -4.72 3.49
N ARG A 88 -17.68 -3.52 3.08
CA ARG A 88 -18.65 -2.54 2.60
C ARG A 88 -19.70 -3.20 1.70
N SER A 89 -20.91 -3.36 2.23
CA SER A 89 -22.00 -3.97 1.47
C SER A 89 -23.22 -3.06 1.42
N GLY A 90 -24.05 -3.26 0.40
CA GLY A 90 -25.25 -2.44 0.26
C GLY A 90 -26.15 -2.93 -0.86
N PRO A 91 -25.86 -2.48 -2.09
CA PRO A 91 -26.65 -2.87 -3.27
C PRO A 91 -26.44 -4.33 -3.64
N SER A 92 -25.41 -4.95 -3.10
CA SER A 92 -25.10 -6.35 -3.38
C SER A 92 -26.31 -7.22 -3.09
N SER A 93 -27.17 -7.39 -4.09
CA SER A 93 -28.37 -8.22 -3.94
C SER A 93 -28.02 -9.70 -3.97
N GLY A 94 -28.06 -10.34 -2.81
CA GLY A 94 -27.74 -11.75 -2.72
C GLY A 94 -28.42 -12.56 -3.80
N GLY A 1 1.96 0.19 13.73
CA GLY A 1 3.03 -0.51 13.03
C GLY A 1 4.32 0.26 13.01
N SER A 2 4.87 0.54 14.19
CA SER A 2 6.11 1.30 14.31
C SER A 2 7.16 0.49 15.09
N SER A 3 8.42 0.70 14.75
CA SER A 3 9.51 0.01 15.42
C SER A 3 9.16 -1.45 15.67
N GLY A 4 8.53 -2.08 14.67
CA GLY A 4 8.15 -3.47 14.80
C GLY A 4 8.95 -4.39 13.90
N SER A 5 10.25 -4.50 14.17
CA SER A 5 11.13 -5.33 13.38
C SER A 5 11.64 -6.52 14.20
N SER A 6 12.12 -7.56 13.51
CA SER A 6 12.63 -8.75 14.17
C SER A 6 14.16 -8.80 14.09
N GLY A 7 14.68 -8.61 12.88
CA GLY A 7 16.11 -8.64 12.69
C GLY A 7 16.62 -10.04 12.37
N ASP A 8 17.90 -10.27 12.64
CA ASP A 8 18.52 -11.57 12.39
C ASP A 8 18.53 -11.87 10.90
N ILE A 9 18.82 -10.86 10.09
CA ILE A 9 18.87 -11.02 8.64
C ILE A 9 19.72 -12.23 8.25
N VAL A 10 19.30 -12.92 7.20
CA VAL A 10 20.03 -14.09 6.71
C VAL A 10 21.27 -13.69 5.92
N ALA A 11 21.34 -12.41 5.57
CA ALA A 11 22.47 -11.89 4.81
C ALA A 11 22.38 -10.37 4.64
N ARG A 12 23.52 -9.73 4.45
CA ARG A 12 23.56 -8.29 4.28
C ARG A 12 23.07 -7.88 2.90
N LEU A 13 22.06 -7.03 2.87
CA LEU A 13 21.48 -6.56 1.61
C LEU A 13 22.12 -5.25 1.17
N GLN A 14 22.02 -4.24 2.03
CA GLN A 14 22.60 -2.93 1.74
C GLN A 14 22.06 -2.39 0.41
N THR A 15 20.76 -2.59 0.18
CA THR A 15 20.13 -2.12 -1.04
C THR A 15 18.65 -1.86 -0.84
N GLN A 16 18.11 -0.88 -1.56
CA GLN A 16 16.70 -0.53 -1.44
C GLN A 16 15.81 -1.71 -1.83
N ALA A 17 14.61 -1.75 -1.25
CA ALA A 17 13.68 -2.82 -1.53
C ALA A 17 12.38 -2.29 -2.11
N SER A 18 11.54 -3.17 -2.64
CA SER A 18 10.27 -2.79 -3.22
C SER A 18 9.25 -3.92 -3.13
N ALA A 19 8.02 -3.58 -2.78
CA ALA A 19 6.95 -4.56 -2.66
C ALA A 19 5.75 -4.18 -3.50
N THR A 20 4.74 -5.04 -3.51
CA THR A 20 3.53 -4.79 -4.27
C THR A 20 2.29 -5.21 -3.49
N VAL A 21 1.13 -4.64 -3.87
CA VAL A 21 -0.13 -4.96 -3.20
C VAL A 21 -1.23 -5.23 -4.22
N ALA A 22 -1.53 -6.50 -4.43
CA ALA A 22 -2.58 -6.89 -5.38
C ALA A 22 -3.94 -6.40 -4.93
N ILE A 23 -4.50 -5.43 -5.65
CA ILE A 23 -5.80 -4.88 -5.32
C ILE A 23 -6.63 -4.63 -6.57
N PRO A 24 -7.97 -4.61 -6.41
CA PRO A 24 -8.90 -4.39 -7.51
C PRO A 24 -8.85 -2.95 -8.03
N LYS A 25 -9.04 -2.79 -9.33
CA LYS A 25 -9.02 -1.47 -9.95
C LYS A 25 -10.07 -0.55 -9.32
N GLU A 26 -10.95 -1.14 -8.51
CA GLU A 26 -12.01 -0.38 -7.86
C GLU A 26 -11.48 0.26 -6.58
N HIS A 27 -10.40 -0.30 -6.03
CA HIS A 27 -9.80 0.22 -4.81
C HIS A 27 -8.66 1.19 -5.13
N HIS A 28 -8.14 1.09 -6.35
CA HIS A 28 -7.04 1.96 -6.78
C HIS A 28 -7.42 3.43 -6.63
N ARG A 29 -8.62 3.78 -7.09
CA ARG A 29 -9.11 5.14 -7.00
C ARG A 29 -9.13 5.63 -5.56
N PHE A 30 -9.47 4.72 -4.64
CA PHE A 30 -9.54 5.06 -3.22
C PHE A 30 -8.14 5.35 -2.67
N VAL A 31 -7.13 4.73 -3.26
CA VAL A 31 -5.75 4.93 -2.82
C VAL A 31 -5.20 6.25 -3.36
N ILE A 32 -5.60 6.62 -4.57
CA ILE A 32 -5.14 7.86 -5.18
C ILE A 32 -5.78 9.07 -4.51
N GLY A 33 -7.10 9.00 -4.28
CA GLY A 33 -7.80 10.09 -3.64
C GLY A 33 -8.90 10.65 -4.53
N LYS A 34 -9.98 11.12 -3.89
CA LYS A 34 -11.10 11.68 -4.63
C LYS A 34 -10.62 12.66 -5.69
N ASN A 35 -9.84 13.66 -5.28
CA ASN A 35 -9.32 14.66 -6.20
C ASN A 35 -7.82 14.50 -6.38
N GLY A 36 -7.28 13.38 -5.89
CA GLY A 36 -5.85 13.12 -6.01
C GLY A 36 -5.06 13.77 -4.90
N GLU A 37 -5.43 13.48 -3.66
CA GLU A 37 -4.74 14.05 -2.50
C GLU A 37 -4.36 12.95 -1.52
N LYS A 38 -4.80 11.73 -1.79
CA LYS A 38 -4.50 10.59 -0.92
C LYS A 38 -3.14 9.98 -1.27
N LEU A 39 -2.87 9.84 -2.56
CA LEU A 39 -1.61 9.27 -3.02
C LEU A 39 -0.45 10.20 -2.70
N GLN A 40 -0.60 11.47 -3.04
CA GLN A 40 0.44 12.46 -2.79
C GLN A 40 0.81 12.49 -1.32
N ASP A 41 -0.20 12.38 -0.45
CA ASP A 41 0.02 12.41 0.98
C ASP A 41 0.72 11.13 1.45
N LEU A 42 0.25 9.98 0.95
CA LEU A 42 0.83 8.70 1.31
C LEU A 42 2.31 8.64 0.94
N GLU A 43 2.61 8.97 -0.31
CA GLU A 43 4.00 8.96 -0.78
C GLU A 43 4.90 9.74 0.17
N LEU A 44 4.39 10.83 0.70
CA LEU A 44 5.16 11.66 1.63
C LEU A 44 5.22 11.02 3.01
N LYS A 45 4.05 10.90 3.65
CA LYS A 45 3.97 10.31 4.98
C LYS A 45 4.81 9.03 5.06
N THR A 46 4.84 8.28 3.96
CA THR A 46 5.60 7.03 3.90
C THR A 46 6.94 7.25 3.22
N ALA A 47 7.06 8.36 2.50
CA ALA A 47 8.29 8.68 1.79
C ALA A 47 8.67 7.57 0.82
N THR A 48 7.66 6.93 0.23
CA THR A 48 7.90 5.84 -0.72
C THR A 48 7.52 6.26 -2.13
N LYS A 49 7.79 5.39 -3.10
CA LYS A 49 7.49 5.67 -4.49
C LYS A 49 6.33 4.81 -4.98
N ILE A 50 5.11 5.29 -4.76
CA ILE A 50 3.91 4.57 -5.18
C ILE A 50 3.66 4.75 -6.67
N GLN A 51 3.52 3.64 -7.38
CA GLN A 51 3.27 3.67 -8.81
C GLN A 51 2.00 2.91 -9.17
N ILE A 52 1.04 3.61 -9.76
CA ILE A 52 -0.22 3.00 -10.15
C ILE A 52 -0.36 2.90 -11.67
N PRO A 53 -0.64 1.70 -12.17
CA PRO A 53 -0.78 1.44 -13.60
C PRO A 53 -2.05 2.08 -14.17
N ARG A 54 -1.96 2.57 -15.40
CA ARG A 54 -3.10 3.20 -16.05
C ARG A 54 -4.38 2.39 -15.83
N PRO A 55 -5.53 3.06 -15.94
CA PRO A 55 -6.84 2.43 -15.75
C PRO A 55 -7.18 1.46 -16.88
N ASP A 56 -6.37 1.47 -17.92
CA ASP A 56 -6.58 0.59 -19.07
C ASP A 56 -5.64 -0.62 -19.01
N ASP A 57 -4.55 -0.47 -18.28
CA ASP A 57 -3.57 -1.55 -18.15
C ASP A 57 -4.13 -2.68 -17.29
N PRO A 58 -3.83 -3.93 -17.68
CA PRO A 58 -4.29 -5.12 -16.97
C PRO A 58 -3.60 -5.28 -15.61
N SER A 59 -2.77 -4.30 -15.25
CA SER A 59 -2.05 -4.34 -13.98
C SER A 59 -2.88 -3.69 -12.87
N ASN A 60 -3.26 -4.48 -11.88
CA ASN A 60 -4.05 -3.98 -10.76
C ASN A 60 -3.28 -4.09 -9.46
N GLN A 61 -1.96 -4.23 -9.57
CA GLN A 61 -1.10 -4.34 -8.39
C GLN A 61 -0.23 -3.11 -8.24
N ILE A 62 -0.38 -2.42 -7.10
CA ILE A 62 0.41 -1.21 -6.84
C ILE A 62 1.83 -1.57 -6.41
N LYS A 63 2.78 -0.70 -6.76
CA LYS A 63 4.18 -0.92 -6.40
C LYS A 63 4.63 0.10 -5.37
N ILE A 64 5.26 -0.39 -4.30
CA ILE A 64 5.76 0.48 -3.24
C ILE A 64 7.25 0.27 -3.01
N THR A 65 8.02 1.36 -3.12
CA THR A 65 9.46 1.30 -2.92
C THR A 65 9.92 2.33 -1.90
N GLY A 66 10.96 1.99 -1.15
CA GLY A 66 11.47 2.90 -0.14
C GLY A 66 12.08 2.16 1.03
N THR A 67 12.03 2.79 2.21
CA THR A 67 12.59 2.19 3.42
C THR A 67 11.66 1.12 3.99
N LYS A 68 12.25 0.09 4.58
CA LYS A 68 11.47 -1.00 5.16
C LYS A 68 10.24 -0.47 5.88
N GLU A 69 10.40 0.65 6.58
CA GLU A 69 9.30 1.27 7.30
C GLU A 69 8.35 2.00 6.36
N GLY A 70 8.93 2.73 5.41
CA GLY A 70 8.14 3.47 4.44
C GLY A 70 7.17 2.57 3.69
N ILE A 71 7.70 1.57 3.01
CA ILE A 71 6.87 0.64 2.25
C ILE A 71 5.79 0.02 3.12
N GLU A 72 6.21 -0.55 4.25
CA GLU A 72 5.29 -1.19 5.18
C GLU A 72 4.12 -0.26 5.51
N LYS A 73 4.44 0.96 5.91
CA LYS A 73 3.43 1.95 6.25
C LYS A 73 2.40 2.09 5.14
N ALA A 74 2.88 2.36 3.93
CA ALA A 74 2.00 2.51 2.77
C ALA A 74 1.27 1.22 2.47
N ARG A 75 1.92 0.09 2.73
CA ARG A 75 1.33 -1.22 2.48
C ARG A 75 0.22 -1.51 3.50
N HIS A 76 0.41 -1.03 4.73
CA HIS A 76 -0.57 -1.25 5.79
C HIS A 76 -1.79 -0.35 5.59
N GLU A 77 -1.58 0.81 4.97
CA GLU A 77 -2.66 1.74 4.72
C GLU A 77 -3.43 1.37 3.45
N VAL A 78 -2.69 1.03 2.40
CA VAL A 78 -3.30 0.65 1.13
C VAL A 78 -4.11 -0.64 1.27
N LEU A 79 -3.70 -1.48 2.22
CA LEU A 79 -4.39 -2.74 2.46
C LEU A 79 -5.60 -2.54 3.37
N LEU A 80 -5.43 -1.73 4.40
CA LEU A 80 -6.50 -1.46 5.34
C LEU A 80 -7.73 -0.88 4.62
N ILE A 81 -7.47 0.00 3.65
CA ILE A 81 -8.54 0.62 2.89
C ILE A 81 -9.22 -0.38 1.97
N SER A 82 -8.41 -1.14 1.24
CA SER A 82 -8.94 -2.16 0.32
C SER A 82 -9.74 -3.21 1.08
N ALA A 83 -9.21 -3.64 2.21
CA ALA A 83 -9.87 -4.65 3.03
C ALA A 83 -11.29 -4.23 3.37
N GLU A 84 -11.43 -3.06 3.99
CA GLU A 84 -12.74 -2.55 4.37
C GLU A 84 -13.74 -2.70 3.23
N GLN A 85 -13.32 -2.32 2.03
CA GLN A 85 -14.18 -2.41 0.85
C GLN A 85 -14.81 -3.80 0.75
N ASP A 86 -13.98 -4.83 0.89
CA ASP A 86 -14.45 -6.21 0.81
C ASP A 86 -15.56 -6.46 1.82
N LYS A 87 -15.37 -5.97 3.03
CA LYS A 87 -16.36 -6.14 4.09
C LYS A 87 -17.29 -4.93 4.17
N ARG A 88 -17.51 -4.28 3.03
CA ARG A 88 -18.39 -3.12 2.97
C ARG A 88 -19.76 -3.43 3.55
N SER A 89 -20.22 -4.67 3.35
CA SER A 89 -21.51 -5.09 3.85
C SER A 89 -21.41 -6.43 4.58
N GLY A 90 -21.08 -7.48 3.83
CA GLY A 90 -20.95 -8.80 4.42
C GLY A 90 -22.16 -9.66 4.16
N PRO A 91 -21.94 -10.98 4.04
CA PRO A 91 -23.01 -11.96 3.79
C PRO A 91 -23.93 -12.13 4.98
N SER A 92 -23.61 -11.44 6.07
CA SER A 92 -24.41 -11.52 7.29
C SER A 92 -24.77 -10.12 7.80
N SER A 93 -26.06 -9.78 7.71
CA SER A 93 -26.54 -8.48 8.16
C SER A 93 -26.77 -8.48 9.67
N GLY A 94 -26.29 -7.42 10.32
CA GLY A 94 -26.45 -7.30 11.76
C GLY A 94 -25.29 -6.61 12.42
N GLY A 1 10.20 -18.28 2.71
CA GLY A 1 10.62 -18.32 4.10
C GLY A 1 9.56 -18.86 5.03
N SER A 2 9.27 -20.16 4.89
CA SER A 2 8.26 -20.80 5.72
C SER A 2 8.45 -20.44 7.19
N SER A 3 7.66 -19.48 7.66
CA SER A 3 7.75 -19.03 9.05
C SER A 3 6.36 -18.92 9.66
N GLY A 4 6.26 -19.23 10.95
CA GLY A 4 4.98 -19.16 11.63
C GLY A 4 5.14 -18.97 13.13
N SER A 5 6.00 -18.04 13.52
CA SER A 5 6.24 -17.76 14.93
C SER A 5 7.00 -16.45 15.11
N SER A 6 7.03 -15.94 16.33
CA SER A 6 7.71 -14.69 16.64
C SER A 6 9.19 -14.77 16.23
N GLY A 7 9.82 -13.61 16.09
CA GLY A 7 11.22 -13.58 15.71
C GLY A 7 11.41 -13.18 14.25
N ASP A 8 12.27 -12.20 14.02
CA ASP A 8 12.54 -11.73 12.66
C ASP A 8 14.04 -11.81 12.35
N ILE A 9 14.37 -11.92 11.08
CA ILE A 9 15.76 -12.01 10.65
C ILE A 9 16.57 -10.85 11.20
N VAL A 10 17.90 -10.96 11.11
CA VAL A 10 18.79 -9.92 11.61
C VAL A 10 19.96 -9.72 10.65
N ALA A 11 19.94 -8.61 9.92
CA ALA A 11 21.01 -8.29 8.98
C ALA A 11 20.93 -6.84 8.55
N ARG A 12 22.07 -6.29 8.11
CA ARG A 12 22.13 -4.90 7.66
C ARG A 12 21.92 -4.81 6.15
N LEU A 13 20.70 -4.48 5.75
CA LEU A 13 20.36 -4.36 4.33
C LEU A 13 21.41 -3.52 3.60
N GLN A 14 21.39 -3.59 2.27
CA GLN A 14 22.33 -2.84 1.46
C GLN A 14 21.60 -2.00 0.41
N THR A 15 20.64 -2.62 -0.27
CA THR A 15 19.86 -1.94 -1.29
C THR A 15 18.40 -1.82 -0.89
N GLN A 16 17.75 -0.74 -1.33
CA GLN A 16 16.34 -0.51 -1.01
C GLN A 16 15.49 -1.69 -1.46
N ALA A 17 14.33 -1.85 -0.82
CA ALA A 17 13.42 -2.94 -1.17
C ALA A 17 12.15 -2.41 -1.83
N SER A 18 11.44 -3.28 -2.54
CA SER A 18 10.21 -2.89 -3.22
C SER A 18 9.19 -4.02 -3.16
N ALA A 19 7.99 -3.70 -2.68
CA ALA A 19 6.91 -4.68 -2.57
C ALA A 19 5.72 -4.28 -3.42
N THR A 20 4.71 -5.15 -3.46
CA THR A 20 3.50 -4.89 -4.24
C THR A 20 2.26 -5.32 -3.49
N VAL A 21 1.13 -4.70 -3.80
CA VAL A 21 -0.13 -5.03 -3.15
C VAL A 21 -1.22 -5.32 -4.19
N ALA A 22 -1.58 -6.59 -4.32
CA ALA A 22 -2.62 -7.00 -5.26
C ALA A 22 -3.98 -6.43 -4.86
N ILE A 23 -4.49 -5.51 -5.66
CA ILE A 23 -5.80 -4.91 -5.39
C ILE A 23 -6.58 -4.69 -6.69
N PRO A 24 -7.91 -4.62 -6.55
CA PRO A 24 -8.81 -4.42 -7.70
C PRO A 24 -8.69 -3.01 -8.29
N LYS A 25 -8.94 -2.90 -9.58
CA LYS A 25 -8.86 -1.61 -10.27
C LYS A 25 -9.96 -0.67 -9.78
N GLU A 26 -10.80 -1.16 -8.88
CA GLU A 26 -11.90 -0.36 -8.34
C GLU A 26 -11.49 0.29 -7.02
N HIS A 27 -10.48 -0.29 -6.38
CA HIS A 27 -10.00 0.22 -5.10
C HIS A 27 -8.91 1.26 -5.31
N HIS A 28 -8.16 1.11 -6.41
CA HIS A 28 -7.09 2.04 -6.73
C HIS A 28 -7.50 3.47 -6.43
N ARG A 29 -8.70 3.85 -6.87
CA ARG A 29 -9.20 5.21 -6.65
C ARG A 29 -9.12 5.58 -5.16
N PHE A 30 -9.59 4.67 -4.31
CA PHE A 30 -9.57 4.90 -2.87
C PHE A 30 -8.15 5.19 -2.38
N VAL A 31 -7.17 4.69 -3.12
CA VAL A 31 -5.77 4.89 -2.76
C VAL A 31 -5.26 6.25 -3.25
N ILE A 32 -5.71 6.65 -4.44
CA ILE A 32 -5.31 7.92 -5.03
C ILE A 32 -5.95 9.09 -4.29
N GLY A 33 -7.21 8.91 -3.90
CA GLY A 33 -7.92 9.97 -3.19
C GLY A 33 -9.13 10.47 -3.95
N LYS A 34 -9.86 11.40 -3.35
CA LYS A 34 -11.05 11.96 -3.97
C LYS A 34 -10.68 12.81 -5.19
N ASN A 35 -9.88 13.86 -4.95
CA ASN A 35 -9.45 14.74 -6.02
C ASN A 35 -7.96 14.56 -6.31
N GLY A 36 -7.37 13.52 -5.73
CA GLY A 36 -5.96 13.24 -5.93
C GLY A 36 -5.09 13.85 -4.84
N GLU A 37 -5.42 13.54 -3.60
CA GLU A 37 -4.67 14.06 -2.46
C GLU A 37 -4.19 12.91 -1.55
N LYS A 38 -4.97 11.84 -1.52
CA LYS A 38 -4.64 10.68 -0.70
C LYS A 38 -3.25 10.16 -1.03
N LEU A 39 -3.09 9.63 -2.24
CA LEU A 39 -1.81 9.09 -2.69
C LEU A 39 -0.69 10.09 -2.41
N GLN A 40 -0.93 11.36 -2.72
CA GLN A 40 0.08 12.39 -2.50
C GLN A 40 0.59 12.37 -1.06
N ASP A 41 -0.33 12.48 -0.11
CA ASP A 41 0.02 12.46 1.30
C ASP A 41 0.73 11.16 1.67
N LEU A 42 0.26 10.05 1.11
CA LEU A 42 0.84 8.75 1.38
C LEU A 42 2.31 8.71 0.95
N GLU A 43 2.56 9.05 -0.31
CA GLU A 43 3.91 9.06 -0.84
C GLU A 43 4.85 9.84 0.07
N LEU A 44 4.36 10.97 0.59
CA LEU A 44 5.15 11.81 1.48
C LEU A 44 5.28 11.18 2.86
N LYS A 45 4.17 11.06 3.57
CA LYS A 45 4.16 10.47 4.89
C LYS A 45 5.02 9.21 4.94
N THR A 46 4.94 8.41 3.88
CA THR A 46 5.71 7.17 3.79
C THR A 46 7.02 7.39 3.06
N ALA A 47 7.09 8.48 2.29
CA ALA A 47 8.28 8.80 1.52
C ALA A 47 8.66 7.67 0.57
N THR A 48 7.64 6.99 0.06
CA THR A 48 7.86 5.87 -0.85
C THR A 48 7.43 6.24 -2.27
N LYS A 49 7.66 5.33 -3.22
CA LYS A 49 7.30 5.56 -4.61
C LYS A 49 6.13 4.66 -5.01
N ILE A 50 4.91 5.15 -4.82
CA ILE A 50 3.72 4.39 -5.17
C ILE A 50 3.37 4.57 -6.64
N GLN A 51 3.31 3.46 -7.37
CA GLN A 51 2.97 3.49 -8.79
C GLN A 51 1.68 2.74 -9.07
N ILE A 52 0.71 3.44 -9.64
CA ILE A 52 -0.58 2.83 -9.97
C ILE A 52 -0.78 2.71 -11.48
N PRO A 53 -1.03 1.48 -11.95
CA PRO A 53 -1.24 1.22 -13.37
C PRO A 53 -2.55 1.79 -13.88
N ARG A 54 -2.56 2.25 -15.13
CA ARG A 54 -3.76 2.81 -15.73
C ARG A 54 -4.96 1.90 -15.54
N PRO A 55 -6.16 2.46 -15.69
CA PRO A 55 -7.42 1.70 -15.54
C PRO A 55 -7.63 0.70 -16.67
N ASP A 56 -6.99 0.95 -17.81
CA ASP A 56 -7.10 0.06 -18.96
C ASP A 56 -6.05 -1.04 -18.91
N ASP A 57 -4.92 -0.74 -18.27
CA ASP A 57 -3.83 -1.70 -18.15
C ASP A 57 -4.28 -2.94 -17.37
N PRO A 58 -3.81 -4.11 -17.82
CA PRO A 58 -4.15 -5.39 -17.18
C PRO A 58 -3.50 -5.53 -15.81
N SER A 59 -2.80 -4.50 -15.37
CA SER A 59 -2.13 -4.51 -14.07
C SER A 59 -3.00 -3.87 -13.00
N ASN A 60 -3.20 -4.57 -11.90
CA ASN A 60 -4.02 -4.07 -10.80
C ASN A 60 -3.25 -4.13 -9.49
N GLN A 61 -1.95 -4.41 -9.58
CA GLN A 61 -1.10 -4.50 -8.39
C GLN A 61 -0.24 -3.25 -8.25
N ILE A 62 -0.36 -2.57 -7.12
CA ILE A 62 0.41 -1.36 -6.85
C ILE A 62 1.83 -1.70 -6.41
N LYS A 63 2.77 -0.84 -6.75
CA LYS A 63 4.17 -1.04 -6.37
C LYS A 63 4.61 -0.02 -5.33
N ILE A 64 5.28 -0.49 -4.29
CA ILE A 64 5.76 0.39 -3.23
C ILE A 64 7.25 0.17 -2.97
N THR A 65 8.04 1.21 -3.21
CA THR A 65 9.48 1.14 -3.00
C THR A 65 9.95 2.23 -2.04
N GLY A 66 10.95 1.90 -1.22
CA GLY A 66 11.46 2.86 -0.27
C GLY A 66 12.14 2.19 0.91
N THR A 67 12.02 2.80 2.09
CA THR A 67 12.62 2.27 3.29
C THR A 67 11.75 1.18 3.91
N LYS A 68 12.38 0.14 4.44
CA LYS A 68 11.66 -0.97 5.06
C LYS A 68 10.46 -0.46 5.84
N GLU A 69 10.60 0.72 6.44
CA GLU A 69 9.52 1.33 7.22
C GLU A 69 8.55 2.08 6.32
N GLY A 70 9.10 2.81 5.35
CA GLY A 70 8.27 3.57 4.44
C GLY A 70 7.28 2.70 3.69
N ILE A 71 7.78 1.66 3.03
CA ILE A 71 6.93 0.75 2.27
C ILE A 71 5.86 0.13 3.17
N GLU A 72 6.29 -0.44 4.28
CA GLU A 72 5.37 -1.07 5.22
C GLU A 72 4.19 -0.16 5.52
N LYS A 73 4.49 1.09 5.92
CA LYS A 73 3.46 2.05 6.23
C LYS A 73 2.42 2.14 5.11
N ALA A 74 2.89 2.42 3.90
CA ALA A 74 2.01 2.52 2.75
C ALA A 74 1.27 1.22 2.49
N ARG A 75 1.95 0.10 2.74
CA ARG A 75 1.36 -1.22 2.54
C ARG A 75 0.25 -1.47 3.55
N HIS A 76 0.43 -0.94 4.76
CA HIS A 76 -0.57 -1.10 5.82
C HIS A 76 -1.79 -0.23 5.56
N GLU A 77 -1.57 0.91 4.91
CA GLU A 77 -2.65 1.83 4.61
C GLU A 77 -3.45 1.36 3.39
N VAL A 78 -2.73 0.95 2.35
CA VAL A 78 -3.37 0.48 1.12
C VAL A 78 -4.18 -0.79 1.39
N LEU A 79 -3.66 -1.65 2.24
CA LEU A 79 -4.34 -2.90 2.58
C LEU A 79 -5.56 -2.63 3.45
N LEU A 80 -5.42 -1.73 4.41
CA LEU A 80 -6.51 -1.38 5.31
C LEU A 80 -7.73 -0.88 4.52
N ILE A 81 -7.49 0.10 3.65
CA ILE A 81 -8.56 0.66 2.83
C ILE A 81 -9.18 -0.40 1.92
N SER A 82 -8.34 -1.04 1.12
CA SER A 82 -8.81 -2.07 0.20
C SER A 82 -9.64 -3.12 0.94
N ALA A 83 -9.14 -3.56 2.08
CA ALA A 83 -9.84 -4.56 2.88
C ALA A 83 -11.25 -4.08 3.25
N GLU A 84 -11.32 -2.90 3.85
CA GLU A 84 -12.60 -2.34 4.26
C GLU A 84 -13.61 -2.39 3.12
N GLN A 85 -13.17 -2.01 1.93
CA GLN A 85 -14.03 -2.01 0.75
C GLN A 85 -14.50 -3.43 0.44
N ASP A 86 -13.64 -4.41 0.66
CA ASP A 86 -13.97 -5.80 0.40
C ASP A 86 -14.95 -6.33 1.44
N LYS A 87 -14.97 -5.68 2.60
CA LYS A 87 -15.86 -6.09 3.69
C LYS A 87 -17.15 -5.26 3.67
N ARG A 88 -17.54 -4.81 2.48
CA ARG A 88 -18.75 -4.01 2.34
C ARG A 88 -19.98 -4.90 2.20
N SER A 89 -21.16 -4.30 2.38
CA SER A 89 -22.41 -5.05 2.27
C SER A 89 -22.31 -6.37 3.01
N GLY A 90 -21.68 -6.36 4.18
CA GLY A 90 -21.53 -7.57 4.96
C GLY A 90 -22.05 -7.41 6.38
N PRO A 91 -21.60 -8.30 7.28
CA PRO A 91 -22.02 -8.27 8.68
C PRO A 91 -21.45 -7.07 9.44
N SER A 92 -22.31 -6.38 10.18
CA SER A 92 -21.89 -5.22 10.94
C SER A 92 -21.25 -5.64 12.26
N SER A 93 -20.39 -6.66 12.20
CA SER A 93 -19.71 -7.15 13.40
C SER A 93 -18.66 -6.16 13.88
N GLY A 94 -18.54 -6.04 15.20
CA GLY A 94 -17.57 -5.12 15.77
C GLY A 94 -17.50 -5.21 17.27
N GLY A 1 22.92 -1.71 42.11
CA GLY A 1 22.72 -2.55 40.95
C GLY A 1 22.49 -1.76 39.68
N SER A 2 22.77 -2.37 38.54
CA SER A 2 22.60 -1.71 37.25
C SER A 2 21.88 -2.63 36.27
N SER A 3 21.19 -2.02 35.31
CA SER A 3 20.45 -2.79 34.30
C SER A 3 20.28 -1.97 33.02
N GLY A 4 19.95 -2.66 31.93
CA GLY A 4 19.76 -1.98 30.66
C GLY A 4 18.58 -2.52 29.89
N SER A 5 18.56 -2.29 28.58
CA SER A 5 17.48 -2.75 27.73
C SER A 5 17.91 -3.94 26.89
N SER A 6 17.05 -4.95 26.80
CA SER A 6 17.34 -6.15 26.04
C SER A 6 16.64 -6.12 24.68
N GLY A 7 17.37 -6.49 23.63
CA GLY A 7 16.81 -6.49 22.30
C GLY A 7 17.80 -6.01 21.25
N ASP A 8 18.84 -6.80 21.03
CA ASP A 8 19.86 -6.46 20.04
C ASP A 8 19.73 -7.33 18.79
N ILE A 9 19.00 -6.84 17.80
CA ILE A 9 18.79 -7.58 16.57
C ILE A 9 19.88 -7.24 15.54
N VAL A 10 20.15 -8.18 14.64
CA VAL A 10 21.16 -7.99 13.61
C VAL A 10 20.64 -8.41 12.24
N ALA A 11 20.60 -7.47 11.31
CA ALA A 11 20.12 -7.74 9.96
C ALA A 11 20.60 -6.67 8.98
N ARG A 12 21.30 -7.10 7.94
CA ARG A 12 21.82 -6.19 6.93
C ARG A 12 20.99 -6.25 5.66
N LEU A 13 21.13 -5.24 4.82
CA LEU A 13 20.38 -5.18 3.56
C LEU A 13 21.30 -4.84 2.40
N GLN A 14 20.95 -5.31 1.21
CA GLN A 14 21.75 -5.06 0.02
C GLN A 14 21.37 -3.72 -0.62
N THR A 15 20.11 -3.61 -1.01
CA THR A 15 19.62 -2.38 -1.64
C THR A 15 18.14 -2.17 -1.36
N GLN A 16 17.66 -0.95 -1.56
CA GLN A 16 16.25 -0.62 -1.34
C GLN A 16 15.36 -1.79 -1.74
N ALA A 17 14.20 -1.88 -1.09
CA ALA A 17 13.25 -2.95 -1.38
C ALA A 17 12.00 -2.40 -2.06
N SER A 18 11.25 -3.29 -2.71
CA SER A 18 10.04 -2.89 -3.40
C SER A 18 8.98 -3.99 -3.32
N ALA A 19 7.85 -3.67 -2.69
CA ALA A 19 6.76 -4.63 -2.53
C ALA A 19 5.56 -4.23 -3.39
N THR A 20 4.59 -5.14 -3.50
CA THR A 20 3.40 -4.89 -4.28
C THR A 20 2.16 -5.42 -3.58
N VAL A 21 1.01 -4.80 -3.86
CA VAL A 21 -0.25 -5.20 -3.25
C VAL A 21 -1.33 -5.41 -4.31
N ALA A 22 -1.77 -6.65 -4.48
CA ALA A 22 -2.80 -6.97 -5.45
C ALA A 22 -4.16 -6.47 -5.00
N ILE A 23 -4.72 -5.52 -5.74
CA ILE A 23 -6.02 -4.95 -5.42
C ILE A 23 -6.83 -4.66 -6.68
N PRO A 24 -8.16 -4.60 -6.52
CA PRO A 24 -9.07 -4.33 -7.64
C PRO A 24 -8.96 -2.90 -8.15
N LYS A 25 -9.11 -2.72 -9.46
CA LYS A 25 -9.02 -1.41 -10.07
C LYS A 25 -10.00 -0.45 -9.41
N GLU A 26 -10.94 -0.99 -8.64
CA GLU A 26 -11.94 -0.17 -7.95
C GLU A 26 -11.35 0.46 -6.70
N HIS A 27 -10.36 -0.22 -6.12
CA HIS A 27 -9.71 0.27 -4.90
C HIS A 27 -8.52 1.16 -5.25
N HIS A 28 -8.10 1.13 -6.51
CA HIS A 28 -6.99 1.94 -6.97
C HIS A 28 -7.32 3.43 -6.90
N ARG A 29 -8.58 3.76 -7.20
CA ARG A 29 -9.03 5.14 -7.17
C ARG A 29 -9.17 5.65 -5.74
N PHE A 30 -9.40 4.72 -4.81
CA PHE A 30 -9.55 5.07 -3.41
C PHE A 30 -8.20 5.39 -2.78
N VAL A 31 -7.13 4.91 -3.41
CA VAL A 31 -5.79 5.15 -2.91
C VAL A 31 -5.23 6.48 -3.42
N ILE A 32 -5.58 6.82 -4.64
CA ILE A 32 -5.13 8.06 -5.26
C ILE A 32 -5.77 9.27 -4.59
N GLY A 33 -7.05 9.13 -4.23
CA GLY A 33 -7.76 10.21 -3.59
C GLY A 33 -8.88 10.76 -4.45
N LYS A 34 -9.83 11.45 -3.83
CA LYS A 34 -10.96 12.03 -4.54
C LYS A 34 -10.47 13.00 -5.63
N ASN A 35 -9.70 13.99 -5.21
CA ASN A 35 -9.17 14.99 -6.14
C ASN A 35 -7.74 14.63 -6.56
N GLY A 36 -7.17 13.63 -5.91
CA GLY A 36 -5.82 13.20 -6.23
C GLY A 36 -4.81 13.62 -5.18
N GLU A 37 -5.15 13.38 -3.92
CA GLU A 37 -4.26 13.74 -2.82
C GLU A 37 -3.90 12.51 -2.00
N LYS A 38 -4.89 11.67 -1.71
CA LYS A 38 -4.67 10.46 -0.93
C LYS A 38 -3.31 9.84 -1.26
N LEU A 39 -2.89 9.98 -2.51
CA LEU A 39 -1.61 9.44 -2.95
C LEU A 39 -0.47 10.41 -2.67
N GLN A 40 -0.73 11.70 -2.90
CA GLN A 40 0.26 12.74 -2.66
C GLN A 40 0.64 12.81 -1.18
N ASP A 41 -0.33 12.53 -0.32
CA ASP A 41 -0.11 12.55 1.12
C ASP A 41 0.58 11.28 1.59
N LEU A 42 0.29 10.17 0.91
CA LEU A 42 0.88 8.88 1.26
C LEU A 42 2.37 8.85 0.90
N GLU A 43 2.67 9.12 -0.37
CA GLU A 43 4.04 9.11 -0.85
C GLU A 43 4.93 9.95 0.05
N LEU A 44 4.33 10.96 0.70
CA LEU A 44 5.08 11.83 1.60
C LEU A 44 5.14 11.24 3.01
N LYS A 45 3.98 11.13 3.65
CA LYS A 45 3.90 10.57 5.00
C LYS A 45 4.75 9.30 5.11
N THR A 46 4.66 8.45 4.10
CA THR A 46 5.42 7.20 4.09
C THR A 46 6.79 7.40 3.44
N ALA A 47 6.91 8.44 2.62
CA ALA A 47 8.16 8.73 1.94
C ALA A 47 8.55 7.61 0.99
N THR A 48 7.55 7.04 0.30
CA THR A 48 7.79 5.96 -0.63
C THR A 48 7.41 6.37 -2.05
N LYS A 49 7.64 5.46 -3.01
CA LYS A 49 7.32 5.73 -4.40
C LYS A 49 6.22 4.79 -4.90
N ILE A 50 4.97 5.20 -4.71
CA ILE A 50 3.83 4.40 -5.13
C ILE A 50 3.59 4.54 -6.63
N GLN A 51 3.52 3.42 -7.33
CA GLN A 51 3.30 3.42 -8.77
C GLN A 51 2.04 2.62 -9.12
N ILE A 52 1.02 3.32 -9.62
CA ILE A 52 -0.23 2.67 -10.00
C ILE A 52 -0.27 2.39 -11.50
N PRO A 53 -0.77 1.20 -11.86
CA PRO A 53 -0.88 0.80 -13.27
C PRO A 53 -1.94 1.59 -14.03
N ARG A 54 -1.76 1.71 -15.33
CA ARG A 54 -2.70 2.45 -16.17
C ARG A 54 -4.07 1.77 -16.17
N PRO A 55 -5.12 2.56 -16.45
CA PRO A 55 -6.50 2.06 -16.49
C PRO A 55 -6.75 1.13 -17.68
N ASP A 56 -5.75 1.03 -18.55
CA ASP A 56 -5.87 0.18 -19.73
C ASP A 56 -4.97 -1.05 -19.61
N ASP A 57 -4.08 -1.03 -18.62
CA ASP A 57 -3.17 -2.14 -18.39
C ASP A 57 -3.82 -3.20 -17.50
N PRO A 58 -3.57 -4.47 -17.82
CA PRO A 58 -4.12 -5.61 -17.08
C PRO A 58 -3.50 -5.74 -15.69
N SER A 59 -2.62 -4.80 -15.35
CA SER A 59 -1.96 -4.81 -14.05
C SER A 59 -2.75 -4.00 -13.03
N ASN A 60 -3.18 -4.66 -11.96
CA ASN A 60 -3.94 -4.00 -10.91
C ASN A 60 -3.24 -4.11 -9.56
N GLN A 61 -1.92 -4.24 -9.61
CA GLN A 61 -1.12 -4.36 -8.39
C GLN A 61 -0.24 -3.13 -8.19
N ILE A 62 -0.44 -2.44 -7.08
CA ILE A 62 0.34 -1.24 -6.77
C ILE A 62 1.75 -1.61 -6.33
N LYS A 63 2.71 -0.74 -6.65
CA LYS A 63 4.10 -0.97 -6.29
C LYS A 63 4.58 0.08 -5.27
N ILE A 64 5.15 -0.40 -4.18
CA ILE A 64 5.65 0.49 -3.14
C ILE A 64 7.16 0.32 -2.94
N THR A 65 7.90 1.38 -3.25
CA THR A 65 9.36 1.35 -3.10
C THR A 65 9.82 2.31 -2.01
N GLY A 66 10.83 1.89 -1.26
CA GLY A 66 11.36 2.73 -0.20
C GLY A 66 12.01 1.93 0.91
N THR A 67 12.04 2.50 2.12
CA THR A 67 12.65 1.82 3.26
C THR A 67 11.69 0.80 3.86
N LYS A 68 12.24 -0.31 4.35
CA LYS A 68 11.45 -1.36 4.95
C LYS A 68 10.32 -0.78 5.81
N GLU A 69 10.61 0.31 6.49
CA GLU A 69 9.63 0.97 7.34
C GLU A 69 8.63 1.76 6.51
N GLY A 70 9.15 2.53 5.54
CA GLY A 70 8.28 3.32 4.69
C GLY A 70 7.29 2.49 3.92
N ILE A 71 7.79 1.56 3.11
CA ILE A 71 6.93 0.69 2.32
C ILE A 71 5.87 0.03 3.18
N GLU A 72 6.26 -0.39 4.39
CA GLU A 72 5.34 -1.03 5.31
C GLU A 72 4.15 -0.11 5.63
N LYS A 73 4.45 1.13 6.01
CA LYS A 73 3.41 2.10 6.33
C LYS A 73 2.39 2.19 5.21
N ALA A 74 2.87 2.37 3.98
CA ALA A 74 1.99 2.48 2.82
C ALA A 74 1.29 1.16 2.56
N ARG A 75 1.99 0.06 2.77
CA ARG A 75 1.42 -1.27 2.55
C ARG A 75 0.27 -1.54 3.53
N HIS A 76 0.38 -0.97 4.72
CA HIS A 76 -0.65 -1.16 5.74
C HIS A 76 -1.88 -0.30 5.43
N GLU A 77 -1.64 0.96 5.07
CA GLU A 77 -2.72 1.88 4.75
C GLU A 77 -3.50 1.41 3.53
N VAL A 78 -2.76 1.01 2.50
CA VAL A 78 -3.37 0.53 1.26
C VAL A 78 -4.14 -0.76 1.49
N LEU A 79 -3.62 -1.61 2.37
CA LEU A 79 -4.26 -2.88 2.67
C LEU A 79 -5.49 -2.67 3.56
N LEU A 80 -5.40 -1.70 4.46
CA LEU A 80 -6.50 -1.40 5.37
C LEU A 80 -7.70 -0.86 4.61
N ILE A 81 -7.45 0.11 3.72
CA ILE A 81 -8.51 0.70 2.92
C ILE A 81 -9.16 -0.33 2.00
N SER A 82 -8.34 -0.96 1.16
CA SER A 82 -8.83 -1.96 0.23
C SER A 82 -9.53 -3.11 0.98
N ALA A 83 -9.01 -3.43 2.17
CA ALA A 83 -9.57 -4.49 2.98
C ALA A 83 -10.99 -4.15 3.43
N GLU A 84 -11.17 -2.93 3.91
CA GLU A 84 -12.48 -2.47 4.38
C GLU A 84 -13.53 -2.67 3.30
N GLN A 85 -13.18 -2.32 2.06
CA GLN A 85 -14.11 -2.46 0.94
C GLN A 85 -14.59 -3.90 0.80
N ASP A 86 -13.64 -4.84 0.82
CA ASP A 86 -13.97 -6.26 0.69
C ASP A 86 -15.09 -6.64 1.66
N LYS A 87 -15.02 -6.11 2.87
CA LYS A 87 -16.02 -6.39 3.89
C LYS A 87 -17.15 -5.37 3.85
N ARG A 88 -17.43 -4.86 2.66
CA ARG A 88 -18.48 -3.87 2.48
C ARG A 88 -19.76 -4.31 3.19
N SER A 89 -19.89 -5.61 3.40
CA SER A 89 -21.07 -6.16 4.05
C SER A 89 -20.68 -7.29 5.01
N GLY A 90 -21.26 -7.26 6.21
CA GLY A 90 -20.95 -8.28 7.20
C GLY A 90 -21.91 -8.26 8.37
N PRO A 91 -21.85 -9.30 9.21
CA PRO A 91 -22.72 -9.42 10.39
C PRO A 91 -22.37 -8.40 11.47
N SER A 92 -23.34 -8.11 12.33
CA SER A 92 -23.12 -7.15 13.42
C SER A 92 -22.55 -7.85 14.64
N SER A 93 -22.07 -7.05 15.59
CA SER A 93 -21.48 -7.57 16.82
C SER A 93 -22.41 -7.35 18.01
N GLY A 94 -22.65 -8.41 18.77
CA GLY A 94 -23.52 -8.31 19.93
C GLY A 94 -23.45 -9.53 20.82
N GLY A 1 9.07 -28.54 -5.40
CA GLY A 1 8.18 -28.40 -4.26
C GLY A 1 8.94 -28.08 -2.98
N SER A 2 8.48 -27.06 -2.26
CA SER A 2 9.12 -26.65 -1.02
C SER A 2 8.23 -25.70 -0.23
N SER A 3 8.53 -25.52 1.05
CA SER A 3 7.75 -24.65 1.92
C SER A 3 8.62 -24.03 3.00
N GLY A 4 8.11 -23.00 3.66
CA GLY A 4 8.86 -22.34 4.70
C GLY A 4 7.97 -21.57 5.67
N SER A 5 7.97 -20.25 5.54
CA SER A 5 7.15 -19.40 6.41
C SER A 5 7.56 -19.57 7.87
N SER A 6 8.86 -19.48 8.13
CA SER A 6 9.38 -19.63 9.49
C SER A 6 10.82 -19.11 9.57
N GLY A 7 11.08 -18.27 10.57
CA GLY A 7 12.41 -17.72 10.74
C GLY A 7 12.43 -16.52 11.65
N ASP A 8 13.62 -15.98 11.90
CA ASP A 8 13.76 -14.81 12.77
C ASP A 8 14.37 -13.64 12.00
N ILE A 9 14.09 -12.42 12.45
CA ILE A 9 14.61 -11.22 11.81
C ILE A 9 16.13 -11.12 11.99
N VAL A 10 16.83 -10.88 10.88
CA VAL A 10 18.28 -10.77 10.92
C VAL A 10 18.73 -9.45 10.26
N ALA A 11 19.44 -8.63 11.03
CA ALA A 11 19.93 -7.36 10.52
C ALA A 11 21.06 -7.57 9.52
N ARG A 12 20.70 -7.69 8.25
CA ARG A 12 21.68 -7.89 7.19
C ARG A 12 21.71 -6.71 6.24
N LEU A 13 22.84 -6.52 5.56
CA LEU A 13 22.99 -5.42 4.62
C LEU A 13 22.33 -5.75 3.29
N GLN A 14 21.23 -5.06 2.99
CA GLN A 14 20.50 -5.28 1.74
C GLN A 14 20.16 -3.96 1.06
N THR A 15 20.07 -3.98 -0.26
CA THR A 15 19.75 -2.77 -1.02
C THR A 15 18.28 -2.42 -0.87
N GLN A 16 17.86 -1.37 -1.58
CA GLN A 16 16.48 -0.91 -1.52
C GLN A 16 15.52 -2.07 -1.72
N ALA A 17 14.32 -1.94 -1.17
CA ALA A 17 13.30 -2.98 -1.29
C ALA A 17 12.08 -2.47 -2.05
N SER A 18 11.33 -3.40 -2.66
CA SER A 18 10.15 -3.04 -3.41
C SER A 18 9.09 -4.14 -3.32
N ALA A 19 7.91 -3.77 -2.82
CA ALA A 19 6.82 -4.72 -2.67
C ALA A 19 5.61 -4.31 -3.51
N THR A 20 4.61 -5.19 -3.56
CA THR A 20 3.40 -4.91 -4.34
C THR A 20 2.16 -5.35 -3.58
N VAL A 21 1.02 -4.74 -3.91
CA VAL A 21 -0.24 -5.08 -3.27
C VAL A 21 -1.34 -5.30 -4.30
N ALA A 22 -1.69 -6.56 -4.51
CA ALA A 22 -2.74 -6.91 -5.47
C ALA A 22 -4.09 -6.38 -5.02
N ILE A 23 -4.67 -5.48 -5.82
CA ILE A 23 -5.97 -4.90 -5.49
C ILE A 23 -6.77 -4.64 -6.76
N PRO A 24 -8.10 -4.59 -6.62
CA PRO A 24 -9.01 -4.34 -7.74
C PRO A 24 -8.92 -2.91 -8.25
N LYS A 25 -9.19 -2.74 -9.55
CA LYS A 25 -9.13 -1.42 -10.18
C LYS A 25 -10.15 -0.48 -9.54
N GLU A 26 -11.03 -1.03 -8.72
CA GLU A 26 -12.05 -0.24 -8.05
C GLU A 26 -11.54 0.30 -6.72
N HIS A 27 -10.40 -0.22 -6.27
CA HIS A 27 -9.81 0.21 -5.01
C HIS A 27 -8.60 1.12 -5.26
N HIS A 28 -8.14 1.14 -6.50
CA HIS A 28 -7.00 1.98 -6.87
C HIS A 28 -7.31 3.45 -6.66
N ARG A 29 -8.47 3.88 -7.13
CA ARG A 29 -8.88 5.27 -6.99
C ARG A 29 -8.92 5.69 -5.52
N PHE A 30 -9.38 4.77 -4.66
CA PHE A 30 -9.47 5.05 -3.23
C PHE A 30 -8.09 5.35 -2.65
N VAL A 31 -7.05 4.81 -3.28
CA VAL A 31 -5.68 5.02 -2.82
C VAL A 31 -5.11 6.30 -3.41
N ILE A 32 -5.61 6.69 -4.58
CA ILE A 32 -5.15 7.90 -5.25
C ILE A 32 -5.79 9.15 -4.64
N GLY A 33 -7.11 9.09 -4.46
CA GLY A 33 -7.82 10.22 -3.90
C GLY A 33 -8.93 10.72 -4.80
N LYS A 34 -10.06 11.08 -4.21
CA LYS A 34 -11.20 11.58 -4.96
C LYS A 34 -10.74 12.41 -6.16
N ASN A 35 -9.81 13.33 -5.90
CA ASN A 35 -9.27 14.19 -6.96
C ASN A 35 -7.82 13.85 -7.26
N GLY A 36 -7.09 13.39 -6.24
CA GLY A 36 -5.70 13.03 -6.42
C GLY A 36 -4.80 13.64 -5.36
N GLU A 37 -5.27 13.60 -4.11
CA GLU A 37 -4.51 14.16 -3.00
C GLU A 37 -4.02 13.05 -2.07
N LYS A 38 -4.87 12.05 -1.87
CA LYS A 38 -4.53 10.93 -1.00
C LYS A 38 -3.14 10.39 -1.31
N LEU A 39 -2.99 9.81 -2.50
CA LEU A 39 -1.71 9.26 -2.93
C LEU A 39 -0.56 10.17 -2.53
N GLN A 40 -0.73 11.46 -2.78
CA GLN A 40 0.30 12.45 -2.45
C GLN A 40 0.68 12.36 -0.97
N ASP A 41 -0.31 12.56 -0.10
CA ASP A 41 -0.08 12.51 1.34
C ASP A 41 0.62 11.22 1.72
N LEU A 42 0.22 10.12 1.09
CA LEU A 42 0.82 8.81 1.38
C LEU A 42 2.28 8.79 0.97
N GLU A 43 2.56 9.16 -0.27
CA GLU A 43 3.93 9.18 -0.79
C GLU A 43 4.85 9.94 0.16
N LEU A 44 4.33 11.00 0.76
CA LEU A 44 5.10 11.81 1.69
C LEU A 44 5.18 11.15 3.06
N LYS A 45 4.02 10.98 3.69
CA LYS A 45 3.96 10.35 5.01
C LYS A 45 4.76 9.06 5.03
N THR A 46 4.83 8.38 3.89
CA THR A 46 5.56 7.13 3.78
C THR A 46 6.89 7.33 3.05
N ALA A 47 7.03 8.47 2.38
CA ALA A 47 8.24 8.78 1.64
C ALA A 47 8.60 7.67 0.66
N THR A 48 7.58 7.03 0.10
CA THR A 48 7.78 5.95 -0.85
C THR A 48 7.38 6.36 -2.25
N LYS A 49 7.65 5.51 -3.23
CA LYS A 49 7.31 5.78 -4.62
C LYS A 49 6.17 4.88 -5.09
N ILE A 50 4.94 5.27 -4.76
CA ILE A 50 3.78 4.50 -5.15
C ILE A 50 3.51 4.61 -6.65
N GLN A 51 3.40 3.46 -7.32
CA GLN A 51 3.16 3.45 -8.76
C GLN A 51 1.91 2.61 -9.07
N ILE A 52 0.89 3.28 -9.61
CA ILE A 52 -0.36 2.60 -9.96
C ILE A 52 -0.44 2.37 -11.47
N PRO A 53 -0.85 1.15 -11.85
CA PRO A 53 -0.98 0.78 -13.27
C PRO A 53 -2.16 1.48 -13.94
N ARG A 54 -1.99 1.80 -15.22
CA ARG A 54 -3.03 2.48 -15.98
C ARG A 54 -4.37 1.74 -15.85
N PRO A 55 -5.47 2.46 -16.10
CA PRO A 55 -6.81 1.90 -16.01
C PRO A 55 -7.10 0.90 -17.13
N ASP A 56 -6.24 0.90 -18.15
CA ASP A 56 -6.40 0.01 -19.29
C ASP A 56 -5.45 -1.19 -19.18
N ASP A 57 -4.36 -0.99 -18.44
CA ASP A 57 -3.36 -2.05 -18.26
C ASP A 57 -3.96 -3.22 -17.49
N PRO A 58 -3.59 -4.44 -17.89
CA PRO A 58 -4.07 -5.67 -17.26
C PRO A 58 -3.51 -5.86 -15.85
N SER A 59 -2.67 -4.92 -15.42
CA SER A 59 -2.07 -4.99 -14.10
C SER A 59 -2.85 -4.13 -13.10
N ASN A 60 -3.29 -4.77 -12.01
CA ASN A 60 -4.06 -4.07 -10.99
C ASN A 60 -3.34 -4.16 -9.63
N GLN A 61 -2.04 -4.33 -9.67
CA GLN A 61 -1.23 -4.43 -8.45
C GLN A 61 -0.37 -3.18 -8.27
N ILE A 62 -0.51 -2.54 -7.11
CA ILE A 62 0.27 -1.34 -6.82
C ILE A 62 1.69 -1.69 -6.42
N LYS A 63 2.63 -0.80 -6.74
CA LYS A 63 4.03 -1.02 -6.41
C LYS A 63 4.50 -0.01 -5.37
N ILE A 64 5.21 -0.51 -4.35
CA ILE A 64 5.72 0.35 -3.28
C ILE A 64 7.21 0.12 -3.07
N THR A 65 8.00 1.18 -3.26
CA THR A 65 9.44 1.10 -3.08
C THR A 65 9.94 2.19 -2.16
N GLY A 66 10.95 1.86 -1.34
CA GLY A 66 11.50 2.83 -0.42
C GLY A 66 12.21 2.16 0.75
N THR A 67 11.97 2.68 1.96
CA THR A 67 12.60 2.14 3.16
C THR A 67 11.78 0.99 3.73
N LYS A 68 12.35 0.30 4.71
CA LYS A 68 11.67 -0.83 5.35
C LYS A 68 10.49 -0.34 6.18
N GLU A 69 10.56 0.90 6.63
CA GLU A 69 9.50 1.48 7.44
C GLU A 69 8.50 2.24 6.58
N GLY A 70 9.00 2.88 5.53
CA GLY A 70 8.16 3.64 4.63
C GLY A 70 7.20 2.76 3.87
N ILE A 71 7.73 1.73 3.20
CA ILE A 71 6.90 0.81 2.43
C ILE A 71 5.84 0.15 3.31
N GLU A 72 6.27 -0.35 4.46
CA GLU A 72 5.37 -1.00 5.40
C GLU A 72 4.16 -0.11 5.70
N LYS A 73 4.43 1.16 5.97
CA LYS A 73 3.38 2.12 6.28
C LYS A 73 2.36 2.20 5.14
N ALA A 74 2.87 2.44 3.94
CA ALA A 74 2.02 2.54 2.76
C ALA A 74 1.30 1.22 2.48
N ARG A 75 1.98 0.12 2.76
CA ARG A 75 1.41 -1.21 2.54
C ARG A 75 0.29 -1.49 3.54
N HIS A 76 0.45 -1.00 4.76
CA HIS A 76 -0.55 -1.19 5.80
C HIS A 76 -1.77 -0.32 5.56
N GLU A 77 -1.55 0.86 4.99
CA GLU A 77 -2.64 1.79 4.70
C GLU A 77 -3.40 1.36 3.45
N VAL A 78 -2.66 0.98 2.42
CA VAL A 78 -3.26 0.55 1.16
C VAL A 78 -4.04 -0.75 1.34
N LEU A 79 -3.57 -1.57 2.27
CA LEU A 79 -4.22 -2.85 2.54
C LEU A 79 -5.45 -2.66 3.43
N LEU A 80 -5.33 -1.78 4.42
CA LEU A 80 -6.42 -1.51 5.34
C LEU A 80 -7.63 -0.94 4.60
N ILE A 81 -7.37 -0.05 3.65
CA ILE A 81 -8.43 0.56 2.86
C ILE A 81 -9.12 -0.46 1.97
N SER A 82 -8.31 -1.19 1.21
CA SER A 82 -8.84 -2.21 0.30
C SER A 82 -9.66 -3.25 1.07
N ALA A 83 -9.12 -3.70 2.19
CA ALA A 83 -9.81 -4.69 3.02
C ALA A 83 -11.21 -4.22 3.39
N GLU A 84 -11.30 -3.00 3.93
CA GLU A 84 -12.60 -2.45 4.32
C GLU A 84 -13.62 -2.61 3.20
N GLN A 85 -13.22 -2.27 1.98
CA GLN A 85 -14.11 -2.38 0.82
C GLN A 85 -14.65 -3.80 0.69
N ASP A 86 -13.75 -4.78 0.69
CA ASP A 86 -14.14 -6.18 0.56
C ASP A 86 -15.37 -6.48 1.41
N LYS A 87 -15.35 -6.02 2.66
CA LYS A 87 -16.46 -6.24 3.58
C LYS A 87 -17.70 -5.47 3.12
N ARG A 88 -17.51 -4.22 2.72
CA ARG A 88 -18.61 -3.38 2.25
C ARG A 88 -19.24 -3.97 0.99
N SER A 89 -20.56 -4.06 0.99
CA SER A 89 -21.29 -4.60 -0.16
C SER A 89 -22.55 -3.79 -0.42
N GLY A 90 -22.55 -3.05 -1.53
CA GLY A 90 -23.70 -2.24 -1.89
C GLY A 90 -23.31 -0.84 -2.32
N PRO A 91 -22.99 -0.68 -3.62
CA PRO A 91 -22.60 0.61 -4.19
C PRO A 91 -23.76 1.60 -4.25
N SER A 92 -24.98 1.06 -4.32
CA SER A 92 -26.18 1.89 -4.38
C SER A 92 -26.08 3.07 -3.41
N SER A 93 -25.70 2.77 -2.18
CA SER A 93 -25.57 3.80 -1.16
C SER A 93 -24.36 4.69 -1.42
N GLY A 94 -24.57 6.00 -1.37
CA GLY A 94 -23.49 6.94 -1.61
C GLY A 94 -23.23 7.83 -0.42
N GLY A 1 -3.84 -3.54 23.78
CA GLY A 1 -2.91 -4.47 23.19
C GLY A 1 -1.47 -4.18 23.56
N SER A 2 -0.61 -5.18 23.45
CA SER A 2 0.80 -5.03 23.78
C SER A 2 1.68 -5.72 22.74
N SER A 3 2.83 -5.14 22.46
CA SER A 3 3.77 -5.69 21.49
C SER A 3 5.14 -5.06 21.63
N GLY A 4 6.16 -5.72 21.09
CA GLY A 4 7.51 -5.20 21.16
C GLY A 4 8.27 -5.38 19.86
N SER A 5 9.22 -4.49 19.60
CA SER A 5 10.02 -4.55 18.38
C SER A 5 11.37 -3.88 18.58
N SER A 6 12.44 -4.65 18.40
CA SER A 6 13.79 -4.12 18.56
C SER A 6 14.59 -4.26 17.27
N GLY A 7 15.57 -3.38 17.09
CA GLY A 7 16.39 -3.43 15.89
C GLY A 7 16.52 -2.07 15.23
N ASP A 8 17.37 -1.22 15.79
CA ASP A 8 17.59 0.12 15.26
C ASP A 8 18.99 0.25 14.66
N ILE A 9 19.05 0.44 13.35
CA ILE A 9 20.32 0.58 12.66
C ILE A 9 21.18 -0.68 12.83
N VAL A 10 20.54 -1.84 12.75
CA VAL A 10 21.24 -3.11 12.89
C VAL A 10 21.73 -3.62 11.55
N ALA A 11 21.25 -2.99 10.47
CA ALA A 11 21.64 -3.39 9.12
C ALA A 11 21.70 -2.18 8.20
N ARG A 12 22.81 -2.05 7.48
CA ARG A 12 23.00 -0.93 6.56
C ARG A 12 23.07 -1.42 5.12
N LEU A 13 22.01 -1.17 4.35
CA LEU A 13 21.96 -1.58 2.96
C LEU A 13 21.66 -0.39 2.04
N GLN A 14 22.69 0.10 1.38
CA GLN A 14 22.55 1.24 0.47
C GLN A 14 21.35 1.04 -0.45
N THR A 15 21.21 -0.15 -1.01
CA THR A 15 20.11 -0.47 -1.90
C THR A 15 18.76 -0.30 -1.20
N GLN A 16 17.68 -0.46 -1.95
CA GLN A 16 16.34 -0.33 -1.40
C GLN A 16 15.47 -1.51 -1.79
N ALA A 17 14.36 -1.69 -1.07
CA ALA A 17 13.44 -2.79 -1.34
C ALA A 17 12.18 -2.29 -2.04
N SER A 18 11.47 -3.21 -2.67
CA SER A 18 10.24 -2.87 -3.39
C SER A 18 9.22 -4.00 -3.31
N ALA A 19 7.99 -3.65 -2.97
CA ALA A 19 6.92 -4.64 -2.86
C ALA A 19 5.68 -4.21 -3.64
N THR A 20 4.71 -5.10 -3.74
CA THR A 20 3.48 -4.81 -4.47
C THR A 20 2.27 -5.36 -3.72
N VAL A 21 1.10 -4.76 -3.98
CA VAL A 21 -0.14 -5.18 -3.34
C VAL A 21 -1.23 -5.42 -4.36
N ALA A 22 -1.60 -6.69 -4.53
CA ALA A 22 -2.64 -7.06 -5.49
C ALA A 22 -4.00 -6.54 -5.03
N ILE A 23 -4.55 -5.59 -5.78
CA ILE A 23 -5.84 -5.01 -5.46
C ILE A 23 -6.67 -4.76 -6.72
N PRO A 24 -7.99 -4.71 -6.56
CA PRO A 24 -8.92 -4.48 -7.66
C PRO A 24 -8.83 -3.05 -8.20
N LYS A 25 -9.10 -2.89 -9.50
CA LYS A 25 -9.05 -1.59 -10.13
C LYS A 25 -10.13 -0.66 -9.56
N GLU A 26 -10.98 -1.21 -8.70
CA GLU A 26 -12.04 -0.43 -8.08
C GLU A 26 -11.60 0.14 -6.74
N HIS A 27 -10.51 -0.41 -6.21
CA HIS A 27 -9.97 0.05 -4.93
C HIS A 27 -8.79 0.98 -5.14
N HIS A 28 -8.25 0.98 -6.36
CA HIS A 28 -7.11 1.83 -6.69
C HIS A 28 -7.42 3.30 -6.44
N ARG A 29 -8.54 3.76 -7.00
CA ARG A 29 -8.96 5.15 -6.83
C ARG A 29 -8.90 5.57 -5.37
N PHE A 30 -9.45 4.73 -4.50
CA PHE A 30 -9.46 5.01 -3.07
C PHE A 30 -8.06 5.30 -2.55
N VAL A 31 -7.06 4.76 -3.24
CA VAL A 31 -5.66 4.96 -2.86
C VAL A 31 -5.15 6.31 -3.37
N ILE A 32 -5.58 6.69 -4.57
CA ILE A 32 -5.16 7.97 -5.15
C ILE A 32 -5.75 9.15 -4.39
N GLY A 33 -7.03 9.04 -4.05
CA GLY A 33 -7.70 10.10 -3.32
C GLY A 33 -8.90 10.66 -4.06
N LYS A 34 -9.65 11.54 -3.41
CA LYS A 34 -10.82 12.14 -4.01
C LYS A 34 -10.45 12.90 -5.28
N ASN A 35 -9.64 13.93 -5.13
CA ASN A 35 -9.22 14.75 -6.26
C ASN A 35 -7.72 14.54 -6.55
N GLY A 36 -7.15 13.53 -5.91
CA GLY A 36 -5.73 13.25 -6.11
C GLY A 36 -4.86 13.91 -5.07
N GLU A 37 -5.22 13.74 -3.80
CA GLU A 37 -4.46 14.33 -2.70
C GLU A 37 -3.99 13.26 -1.72
N LYS A 38 -4.72 12.16 -1.67
CA LYS A 38 -4.39 11.04 -0.79
C LYS A 38 -3.02 10.46 -1.13
N LEU A 39 -2.92 9.85 -2.31
CA LEU A 39 -1.67 9.25 -2.76
C LEU A 39 -0.49 10.17 -2.46
N GLN A 40 -0.63 11.45 -2.82
CA GLN A 40 0.42 12.42 -2.59
C GLN A 40 0.88 12.40 -1.14
N ASP A 41 -0.06 12.60 -0.22
CA ASP A 41 0.24 12.61 1.20
C ASP A 41 0.95 11.31 1.61
N LEU A 42 0.40 10.19 1.17
CA LEU A 42 0.98 8.89 1.49
C LEU A 42 2.43 8.81 1.04
N GLU A 43 2.67 9.14 -0.22
CA GLU A 43 4.02 9.10 -0.77
C GLU A 43 5.00 9.86 0.13
N LEU A 44 4.55 10.99 0.66
CA LEU A 44 5.37 11.81 1.54
C LEU A 44 5.45 11.21 2.94
N LYS A 45 4.33 11.19 3.63
CA LYS A 45 4.27 10.63 4.98
C LYS A 45 5.05 9.33 5.07
N THR A 46 4.93 8.51 4.02
CA THR A 46 5.63 7.22 3.97
C THR A 46 6.97 7.35 3.25
N ALA A 47 7.13 8.44 2.51
CA ALA A 47 8.37 8.68 1.77
C ALA A 47 8.69 7.51 0.86
N THR A 48 7.68 6.98 0.19
CA THR A 48 7.85 5.85 -0.72
C THR A 48 7.48 6.23 -2.15
N LYS A 49 7.68 5.30 -3.07
CA LYS A 49 7.37 5.54 -4.48
C LYS A 49 6.19 4.68 -4.92
N ILE A 50 4.97 5.21 -4.73
CA ILE A 50 3.77 4.48 -5.10
C ILE A 50 3.47 4.65 -6.59
N GLN A 51 3.53 3.55 -7.34
CA GLN A 51 3.26 3.58 -8.76
C GLN A 51 1.99 2.82 -9.09
N ILE A 52 0.97 3.56 -9.56
CA ILE A 52 -0.30 2.95 -9.90
C ILE A 52 -0.43 2.77 -11.42
N PRO A 53 -0.93 1.61 -11.84
CA PRO A 53 -1.11 1.28 -13.26
C PRO A 53 -2.23 2.10 -13.89
N ARG A 54 -2.20 2.21 -15.21
CA ARG A 54 -3.21 2.96 -15.95
C ARG A 54 -4.59 2.31 -15.80
N PRO A 55 -5.64 3.10 -16.02
CA PRO A 55 -7.02 2.62 -15.93
C PRO A 55 -7.39 1.65 -17.05
N ASP A 56 -6.46 1.47 -17.99
CA ASP A 56 -6.67 0.57 -19.11
C ASP A 56 -5.68 -0.58 -19.10
N ASP A 57 -4.67 -0.47 -18.23
CA ASP A 57 -3.64 -1.49 -18.12
C ASP A 57 -4.16 -2.71 -17.36
N PRO A 58 -3.78 -3.91 -17.83
CA PRO A 58 -4.20 -5.17 -17.21
C PRO A 58 -3.57 -5.38 -15.84
N SER A 59 -2.76 -4.41 -15.40
CA SER A 59 -2.10 -4.49 -14.11
C SER A 59 -2.93 -3.81 -13.03
N ASN A 60 -3.28 -4.56 -11.99
CA ASN A 60 -4.07 -4.03 -10.89
C ASN A 60 -3.30 -4.12 -9.57
N GLN A 61 -1.99 -4.31 -9.67
CA GLN A 61 -1.15 -4.41 -8.48
C GLN A 61 -0.29 -3.16 -8.32
N ILE A 62 -0.46 -2.48 -7.18
CA ILE A 62 0.30 -1.27 -6.90
C ILE A 62 1.72 -1.60 -6.49
N LYS A 63 2.65 -0.68 -6.76
CA LYS A 63 4.05 -0.87 -6.42
C LYS A 63 4.48 0.12 -5.35
N ILE A 64 5.24 -0.37 -4.37
CA ILE A 64 5.72 0.48 -3.28
C ILE A 64 7.22 0.28 -3.05
N THR A 65 7.98 1.36 -3.16
CA THR A 65 9.42 1.29 -2.95
C THR A 65 9.88 2.33 -1.93
N GLY A 66 10.89 1.97 -1.14
CA GLY A 66 11.39 2.88 -0.14
C GLY A 66 12.00 2.16 1.05
N THR A 67 12.02 2.82 2.21
CA THR A 67 12.57 2.23 3.41
C THR A 67 11.61 1.21 4.03
N LYS A 68 12.16 0.13 4.57
CA LYS A 68 11.36 -0.92 5.19
C LYS A 68 10.22 -0.30 6.01
N GLU A 69 10.45 0.86 6.57
CA GLU A 69 9.45 1.55 7.38
C GLU A 69 8.45 2.28 6.49
N GLY A 70 8.95 2.88 5.41
CA GLY A 70 8.08 3.60 4.49
C GLY A 70 7.12 2.69 3.76
N ILE A 71 7.66 1.66 3.11
CA ILE A 71 6.84 0.71 2.37
C ILE A 71 5.79 0.07 3.26
N GLU A 72 6.19 -0.27 4.48
CA GLU A 72 5.29 -0.90 5.43
C GLU A 72 4.06 -0.02 5.68
N LYS A 73 4.30 1.25 5.97
CA LYS A 73 3.22 2.20 6.22
C LYS A 73 2.22 2.21 5.06
N ALA A 74 2.72 2.49 3.86
CA ALA A 74 1.87 2.52 2.68
C ALA A 74 1.19 1.18 2.45
N ARG A 75 1.91 0.10 2.74
CA ARG A 75 1.37 -1.25 2.57
C ARG A 75 0.23 -1.51 3.56
N HIS A 76 0.40 -1.01 4.78
CA HIS A 76 -0.61 -1.19 5.82
C HIS A 76 -1.84 -0.35 5.53
N GLU A 77 -1.63 0.80 4.90
CA GLU A 77 -2.73 1.71 4.56
C GLU A 77 -3.49 1.21 3.34
N VAL A 78 -2.75 0.89 2.28
CA VAL A 78 -3.34 0.41 1.04
C VAL A 78 -4.12 -0.88 1.28
N LEU A 79 -3.61 -1.71 2.18
CA LEU A 79 -4.27 -2.98 2.49
C LEU A 79 -5.51 -2.76 3.36
N LEU A 80 -5.39 -1.83 4.31
CA LEU A 80 -6.51 -1.53 5.20
C LEU A 80 -7.69 -0.96 4.43
N ILE A 81 -7.40 -0.10 3.46
CA ILE A 81 -8.44 0.51 2.63
C ILE A 81 -9.13 -0.53 1.77
N SER A 82 -8.34 -1.26 0.98
CA SER A 82 -8.89 -2.29 0.10
C SER A 82 -9.72 -3.29 0.89
N ALA A 83 -9.21 -3.71 2.04
CA ALA A 83 -9.91 -4.66 2.88
C ALA A 83 -11.29 -4.15 3.27
N GLU A 84 -11.32 -2.97 3.87
CA GLU A 84 -12.58 -2.35 4.29
C GLU A 84 -13.65 -2.52 3.22
N GLN A 85 -13.29 -2.23 1.98
CA GLN A 85 -14.22 -2.33 0.86
C GLN A 85 -14.81 -3.74 0.79
N ASP A 86 -13.93 -4.74 0.82
CA ASP A 86 -14.37 -6.13 0.76
C ASP A 86 -15.39 -6.44 1.84
N LYS A 87 -15.06 -6.05 3.07
CA LYS A 87 -15.95 -6.29 4.21
C LYS A 87 -17.32 -5.67 3.96
N ARG A 88 -17.34 -4.39 3.63
CA ARG A 88 -18.58 -3.68 3.36
C ARG A 88 -19.17 -4.10 2.01
N SER A 89 -20.42 -4.56 2.04
CA SER A 89 -21.09 -4.99 0.82
C SER A 89 -22.54 -4.51 0.80
N GLY A 90 -22.86 -3.66 -0.18
CA GLY A 90 -24.21 -3.14 -0.29
C GLY A 90 -24.54 -2.16 0.80
N PRO A 91 -25.49 -2.53 1.68
CA PRO A 91 -25.93 -1.68 2.79
C PRO A 91 -24.85 -1.54 3.87
N SER A 92 -24.78 -0.37 4.48
CA SER A 92 -23.79 -0.11 5.52
C SER A 92 -24.30 -0.58 6.88
N SER A 93 -23.75 -1.69 7.37
CA SER A 93 -24.16 -2.24 8.65
C SER A 93 -23.03 -2.12 9.68
N GLY A 94 -23.09 -1.05 10.48
CA GLY A 94 -22.08 -0.83 11.49
C GLY A 94 -22.19 -1.81 12.65
#